data_4NPT
# 
_entry.id   4NPT 
# 
_audit_conform.dict_name       mmcif_pdbx.dic 
_audit_conform.dict_version    5.379 
_audit_conform.dict_location   http://mmcif.pdb.org/dictionaries/ascii/mmcif_pdbx.dic 
# 
loop_
_database_2.database_id 
_database_2.database_code 
_database_2.pdbx_database_accession 
_database_2.pdbx_DOI 
PDB   4NPT         pdb_00004npt 10.2210/pdb4npt/pdb 
RCSB  RCSB083504   ?            ?                   
WWPDB D_1000083504 ?            ?                   
# 
_pdbx_database_related.db_name        PDB 
_pdbx_database_related.db_id          4NPU 
_pdbx_database_related.details        . 
_pdbx_database_related.content_type   unspecified 
# 
_pdbx_database_status.status_code                     REL 
_pdbx_database_status.entry_id                        4NPT 
_pdbx_database_status.recvd_initial_deposition_date   2013-11-22 
_pdbx_database_status.deposit_site                    RCSB 
_pdbx_database_status.process_site                    RCSB 
_pdbx_database_status.status_code_sf                  REL 
_pdbx_database_status.status_code_mr                  ? 
_pdbx_database_status.SG_entry                        ? 
_pdbx_database_status.status_code_cs                  ? 
_pdbx_database_status.methods_development_category    ? 
_pdbx_database_status.pdb_format_compatible           Y 
_pdbx_database_status.status_code_nmr_data            ? 
# 
loop_
_audit_author.name 
_audit_author.pdbx_ordinal 
'Zhang, Y.'   1 
'Weber, I.T.' 2 
# 
_citation.id                        primary 
_citation.title                     
'Structures of darunavir-resistant HIV-1 protease mutant reveal atypical binding of darunavir to wide open flaps.' 
_citation.journal_abbrev            'Acs Chem.Biol.' 
_citation.journal_volume            9 
_citation.page_first                1351 
_citation.page_last                 1358 
_citation.year                      2014 
_citation.journal_id_ASTM           ? 
_citation.country                   US 
_citation.journal_id_ISSN           1554-8929 
_citation.journal_id_CSD            ? 
_citation.book_publisher            ? 
_citation.pdbx_database_id_PubMed   24738918 
_citation.pdbx_database_id_DOI      10.1021/cb4008875 
# 
loop_
_citation_author.citation_id 
_citation_author.name 
_citation_author.ordinal 
_citation_author.identifier_ORCID 
primary 'Zhang, Y.'      1 ? 
primary 'Chang, Y.C.'    2 ? 
primary 'Louis, J.M.'    3 ? 
primary 'Wang, Y.F.'     4 ? 
primary 'Harrison, R.W.' 5 ? 
primary 'Weber, I.T.'    6 ? 
# 
_cell.entry_id           4NPT 
_cell.length_a           46.804 
_cell.length_b           46.804 
_cell.length_c           100.627 
_cell.angle_alpha        90.00 
_cell.angle_beta         90.00 
_cell.angle_gamma        90.00 
_cell.Z_PDB              8 
_cell.pdbx_unique_axis   ? 
_cell.length_a_esd       ? 
_cell.length_b_esd       ? 
_cell.length_c_esd       ? 
_cell.angle_alpha_esd    ? 
_cell.angle_beta_esd     ? 
_cell.angle_gamma_esd    ? 
# 
_symmetry.entry_id                         4NPT 
_symmetry.space_group_name_H-M             'P 41 21 2' 
_symmetry.pdbx_full_space_group_name_H-M   ? 
_symmetry.cell_setting                     ? 
_symmetry.Int_Tables_number                92 
_symmetry.space_group_name_Hall            ? 
# 
loop_
_entity.id 
_entity.type 
_entity.src_method 
_entity.pdbx_description 
_entity.formula_weight 
_entity.pdbx_number_of_molecules 
_entity.pdbx_ec 
_entity.pdbx_mutation 
_entity.pdbx_fragment 
_entity.details 
1 polymer     man Protease 10785.679 1  ? 'Q7K, D25N, V32I, L33F, N37S, V54M, C67A, Q70K, A82I, I84V, C95A' ? ? 
2 non-polymer syn 
'(3R,3AS,6AR)-HEXAHYDROFURO[2,3-B]FURAN-3-YL(1S,2R)-3-[[(4-AMINOPHENYL)SULFONYL](ISOBUTYL)AMINO]-1-BENZYL-2-HYDROXYPROPYLCARBAMATE' 
547.664   1  ? ?                                                                 ? ? 
3 non-polymer syn GLYCEROL 92.094    1  ? ?                                                                 ? ? 
4 water       nat water 18.015    48 ? ?                                                                 ? ? 
# 
_entity_poly.entity_id                      1 
_entity_poly.type                           'polypeptide(L)' 
_entity_poly.nstd_linkage                   no 
_entity_poly.nstd_monomer                   no 
_entity_poly.pdbx_seq_one_letter_code       
;PQITLWKRPIVTIKVGGQLREALINTGADDTIFEEISLPGRWKPKLIGGIGGFMKVRQYDQIPIEIAGHKAIGTVLVGPT
PINVIGRNMLTQIGATLNF
;
_entity_poly.pdbx_seq_one_letter_code_can   
;PQITLWKRPIVTIKVGGQLREALINTGADDTIFEEISLPGRWKPKLIGGIGGFMKVRQYDQIPIEIAGHKAIGTVLVGPT
PINVIGRNMLTQIGATLNF
;
_entity_poly.pdbx_strand_id                 A 
_entity_poly.pdbx_target_identifier         ? 
# 
loop_
_entity_poly_seq.entity_id 
_entity_poly_seq.num 
_entity_poly_seq.mon_id 
_entity_poly_seq.hetero 
1 1  PRO n 
1 2  GLN n 
1 3  ILE n 
1 4  THR n 
1 5  LEU n 
1 6  TRP n 
1 7  LYS n 
1 8  ARG n 
1 9  PRO n 
1 10 ILE n 
1 11 VAL n 
1 12 THR n 
1 13 ILE n 
1 14 LYS n 
1 15 VAL n 
1 16 GLY n 
1 17 GLY n 
1 18 GLN n 
1 19 LEU n 
1 20 ARG n 
1 21 GLU n 
1 22 ALA n 
1 23 LEU n 
1 24 ILE n 
1 25 ASN n 
1 26 THR n 
1 27 GLY n 
1 28 ALA n 
1 29 ASP n 
1 30 ASP n 
1 31 THR n 
1 32 ILE n 
1 33 PHE n 
1 34 GLU n 
1 35 GLU n 
1 36 ILE n 
1 37 SER n 
1 38 LEU n 
1 39 PRO n 
1 40 GLY n 
1 41 ARG n 
1 42 TRP n 
1 43 LYS n 
1 44 PRO n 
1 45 LYS n 
1 46 LEU n 
1 47 ILE n 
1 48 GLY n 
1 49 GLY n 
1 50 ILE n 
1 51 GLY n 
1 52 GLY n 
1 53 PHE n 
1 54 MET n 
1 55 LYS n 
1 56 VAL n 
1 57 ARG n 
1 58 GLN n 
1 59 TYR n 
1 60 ASP n 
1 61 GLN n 
1 62 ILE n 
1 63 PRO n 
1 64 ILE n 
1 65 GLU n 
1 66 ILE n 
1 67 ALA n 
1 68 GLY n 
1 69 HIS n 
1 70 LYS n 
1 71 ALA n 
1 72 ILE n 
1 73 GLY n 
1 74 THR n 
1 75 VAL n 
1 76 LEU n 
1 77 VAL n 
1 78 GLY n 
1 79 PRO n 
1 80 THR n 
1 81 PRO n 
1 82 ILE n 
1 83 ASN n 
1 84 VAL n 
1 85 ILE n 
1 86 GLY n 
1 87 ARG n 
1 88 ASN n 
1 89 MET n 
1 90 LEU n 
1 91 THR n 
1 92 GLN n 
1 93 ILE n 
1 94 GLY n 
1 95 ALA n 
1 96 THR n 
1 97 LEU n 
1 98 ASN n 
1 99 PHE n 
# 
_entity_src_gen.entity_id                          1 
_entity_src_gen.pdbx_src_id                        1 
_entity_src_gen.pdbx_alt_source_flag               sample 
_entity_src_gen.pdbx_seq_type                      ? 
_entity_src_gen.pdbx_beg_seq_num                   ? 
_entity_src_gen.pdbx_end_seq_num                   ? 
_entity_src_gen.gene_src_common_name               ? 
_entity_src_gen.gene_src_genus                     ? 
_entity_src_gen.pdbx_gene_src_gene                 pol 
_entity_src_gen.gene_src_species                   ? 
_entity_src_gen.gene_src_strain                    ? 
_entity_src_gen.gene_src_tissue                    ? 
_entity_src_gen.gene_src_tissue_fraction           ? 
_entity_src_gen.gene_src_details                   ? 
_entity_src_gen.pdbx_gene_src_fragment             ? 
_entity_src_gen.pdbx_gene_src_scientific_name      'Human immunodeficiency virus 1' 
_entity_src_gen.pdbx_gene_src_ncbi_taxonomy_id     11676 
_entity_src_gen.pdbx_gene_src_variant              ? 
_entity_src_gen.pdbx_gene_src_cell_line            ? 
_entity_src_gen.pdbx_gene_src_atcc                 ? 
_entity_src_gen.pdbx_gene_src_organ                ? 
_entity_src_gen.pdbx_gene_src_organelle            ? 
_entity_src_gen.pdbx_gene_src_cell                 ? 
_entity_src_gen.pdbx_gene_src_cellular_location    ? 
_entity_src_gen.host_org_common_name               ? 
_entity_src_gen.pdbx_host_org_scientific_name      'Escherichia coli' 
_entity_src_gen.pdbx_host_org_ncbi_taxonomy_id     469008 
_entity_src_gen.host_org_genus                     ? 
_entity_src_gen.pdbx_host_org_gene                 ? 
_entity_src_gen.pdbx_host_org_organ                ? 
_entity_src_gen.host_org_species                   ? 
_entity_src_gen.pdbx_host_org_tissue               ? 
_entity_src_gen.pdbx_host_org_tissue_fraction      ? 
_entity_src_gen.pdbx_host_org_strain               'BL21(DE3)' 
_entity_src_gen.pdbx_host_org_variant              ? 
_entity_src_gen.pdbx_host_org_cell_line            ? 
_entity_src_gen.pdbx_host_org_atcc                 ? 
_entity_src_gen.pdbx_host_org_culture_collection   ? 
_entity_src_gen.pdbx_host_org_cell                 ? 
_entity_src_gen.pdbx_host_org_organelle            ? 
_entity_src_gen.pdbx_host_org_cellular_location    ? 
_entity_src_gen.pdbx_host_org_vector_type          PLASMID 
_entity_src_gen.pdbx_host_org_vector               ? 
_entity_src_gen.host_org_details                   ? 
_entity_src_gen.expression_system_id               ? 
_entity_src_gen.plasmid_name                       pET11a 
_entity_src_gen.plasmid_details                    ? 
_entity_src_gen.pdbx_description                   ? 
# 
_struct_ref.id                         1 
_struct_ref.db_name                    UNP 
_struct_ref.db_code                    O38896_9HIV1 
_struct_ref.pdbx_db_accession          O38896 
_struct_ref.entity_id                  1 
_struct_ref.pdbx_seq_one_letter_code   
;PQITLWQRPIVTIKVGGQLREALIDTGADDTVLEEINLPGRWKPKLIGGIGGFVKVRQYDQIPIEICGHQAIGTVLVGPT
PANIIGRNMLTQIGCTLNF
;
_struct_ref.pdbx_align_begin           1 
_struct_ref.pdbx_db_isoform            ? 
# 
_struct_ref_seq.align_id                      1 
_struct_ref_seq.ref_id                        1 
_struct_ref_seq.pdbx_PDB_id_code              4NPT 
_struct_ref_seq.pdbx_strand_id                A 
_struct_ref_seq.seq_align_beg                 1 
_struct_ref_seq.pdbx_seq_align_beg_ins_code   ? 
_struct_ref_seq.seq_align_end                 99 
_struct_ref_seq.pdbx_seq_align_end_ins_code   ? 
_struct_ref_seq.pdbx_db_accession             O38896 
_struct_ref_seq.db_align_beg                  1 
_struct_ref_seq.pdbx_db_align_beg_ins_code    ? 
_struct_ref_seq.db_align_end                  99 
_struct_ref_seq.pdbx_db_align_end_ins_code    ? 
_struct_ref_seq.pdbx_auth_seq_align_beg       1 
_struct_ref_seq.pdbx_auth_seq_align_end       99 
# 
loop_
_struct_ref_seq_dif.align_id 
_struct_ref_seq_dif.pdbx_pdb_id_code 
_struct_ref_seq_dif.mon_id 
_struct_ref_seq_dif.pdbx_pdb_strand_id 
_struct_ref_seq_dif.seq_num 
_struct_ref_seq_dif.pdbx_pdb_ins_code 
_struct_ref_seq_dif.pdbx_seq_db_name 
_struct_ref_seq_dif.pdbx_seq_db_accession_code 
_struct_ref_seq_dif.db_mon_id 
_struct_ref_seq_dif.pdbx_seq_db_seq_num 
_struct_ref_seq_dif.details 
_struct_ref_seq_dif.pdbx_auth_seq_num 
_struct_ref_seq_dif.pdbx_ordinal 
1 4NPT LYS A 7  ? UNP O38896 GLN 7  'engineered mutation' 7  1  
1 4NPT ASN A 25 ? UNP O38896 ASP 25 'engineered mutation' 25 2  
1 4NPT ILE A 32 ? UNP O38896 VAL 32 'engineered mutation' 32 3  
1 4NPT PHE A 33 ? UNP O38896 LEU 33 'engineered mutation' 33 4  
1 4NPT SER A 37 ? UNP O38896 ASN 37 'engineered mutation' 37 5  
1 4NPT MET A 54 ? UNP O38896 VAL 54 'engineered mutation' 54 6  
1 4NPT ALA A 67 ? UNP O38896 CYS 67 'engineered mutation' 67 7  
1 4NPT LYS A 70 ? UNP O38896 GLN 70 'engineered mutation' 70 8  
1 4NPT ILE A 82 ? UNP O38896 ALA 82 'engineered mutation' 82 9  
1 4NPT VAL A 84 ? UNP O38896 ILE 84 'engineered mutation' 84 10 
1 4NPT ALA A 95 ? UNP O38896 CYS 95 'engineered mutation' 95 11 
# 
loop_
_chem_comp.id 
_chem_comp.type 
_chem_comp.mon_nstd_flag 
_chem_comp.name 
_chem_comp.pdbx_synonyms 
_chem_comp.formula 
_chem_comp.formula_weight 
017 non-polymer         . 
'(3R,3AS,6AR)-HEXAHYDROFURO[2,3-B]FURAN-3-YL(1S,2R)-3-[[(4-AMINOPHENYL)SULFONYL](ISOBUTYL)AMINO]-1-BENZYL-2-HYDROXYPROPYLCARBAMATE' 
'Darunavir; TMC114; UIC-94017'  'C27 H37 N3 O7 S' 547.664 
ALA 'L-peptide linking' y ALANINE ?                               'C3 H7 N O2'      89.093  
ARG 'L-peptide linking' y ARGININE ?                               'C6 H15 N4 O2 1'  175.209 
ASN 'L-peptide linking' y ASPARAGINE ?                               'C4 H8 N2 O3'     132.118 
ASP 'L-peptide linking' y 'ASPARTIC ACID' ?                               'C4 H7 N O4'      133.103 
CYS 'L-peptide linking' y CYSTEINE ?                               'C3 H7 N O2 S'    121.158 
GLN 'L-peptide linking' y GLUTAMINE ?                               'C5 H10 N2 O3'    146.144 
GLU 'L-peptide linking' y 'GLUTAMIC ACID' ?                               'C5 H9 N O4'      147.129 
GLY 'peptide linking'   y GLYCINE ?                               'C2 H5 N O2'      75.067  
GOL non-polymer         . GLYCEROL 'GLYCERIN; PROPANE-1,2,3-TRIOL' 'C3 H8 O3'        92.094  
HIS 'L-peptide linking' y HISTIDINE ?                               'C6 H10 N3 O2 1'  156.162 
HOH non-polymer         . WATER ?                               'H2 O'            18.015  
ILE 'L-peptide linking' y ISOLEUCINE ?                               'C6 H13 N O2'     131.173 
LEU 'L-peptide linking' y LEUCINE ?                               'C6 H13 N O2'     131.173 
LYS 'L-peptide linking' y LYSINE ?                               'C6 H15 N2 O2 1'  147.195 
MET 'L-peptide linking' y METHIONINE ?                               'C5 H11 N O2 S'   149.211 
PHE 'L-peptide linking' y PHENYLALANINE ?                               'C9 H11 N O2'     165.189 
PRO 'L-peptide linking' y PROLINE ?                               'C5 H9 N O2'      115.130 
SER 'L-peptide linking' y SERINE ?                               'C3 H7 N O3'      105.093 
THR 'L-peptide linking' y THREONINE ?                               'C4 H9 N O3'      119.119 
TRP 'L-peptide linking' y TRYPTOPHAN ?                               'C11 H12 N2 O2'   204.225 
TYR 'L-peptide linking' y TYROSINE ?                               'C9 H11 N O3'     181.189 
VAL 'L-peptide linking' y VALINE ?                               'C5 H11 N O2'     117.146 
# 
_exptl.entry_id          4NPT 
_exptl.method            'X-RAY DIFFRACTION' 
_exptl.crystals_number   1 
# 
_exptl_crystal.id                    1 
_exptl_crystal.density_meas          ? 
_exptl_crystal.density_Matthews      2.55 
_exptl_crystal.density_percent_sol   51.85 
_exptl_crystal.description           ? 
_exptl_crystal.F_000                 ? 
_exptl_crystal.preparation           ? 
# 
_exptl_crystal_grow.crystal_id      1 
_exptl_crystal_grow.method          'VAPOR DIFFUSION, HANGING DROP' 
_exptl_crystal_grow.temp            ? 
_exptl_crystal_grow.temp_details    ? 
_exptl_crystal_grow.pH              7.5 
_exptl_crystal_grow.pdbx_details    
'0.1 M HEPES sodium, 0.8 M Potassium sodium tartrate tetrahydrate, pH 7.5, VAPOR DIFFUSION, HANGING DROP' 
_exptl_crystal_grow.pdbx_pH_range   ? 
# 
_diffrn.id                     1 
_diffrn.ambient_temp           100 
_diffrn.ambient_temp_details   ? 
_diffrn.crystal_id             1 
# 
_diffrn_detector.diffrn_id              1 
_diffrn_detector.detector               CCD 
_diffrn_detector.type                   'MARMOSAIC 225 mm CCD' 
_diffrn_detector.pdbx_collection_date   2012-06-29 
_diffrn_detector.details                ? 
# 
_diffrn_radiation.diffrn_id                        1 
_diffrn_radiation.wavelength_id                    1 
_diffrn_radiation.pdbx_monochromatic_or_laue_m_l   M 
_diffrn_radiation.monochromator                    'SI220 CHANNEL' 
_diffrn_radiation.pdbx_diffrn_protocol             'SINGLE WAVELENGTH' 
_diffrn_radiation.pdbx_scattering_type             x-ray 
# 
_diffrn_radiation_wavelength.id           1 
_diffrn_radiation_wavelength.wavelength   1.0 
_diffrn_radiation_wavelength.wt           1.0 
# 
_diffrn_source.diffrn_id                   1 
_diffrn_source.source                      SYNCHROTRON 
_diffrn_source.type                        'APS BEAMLINE 22-BM' 
_diffrn_source.pdbx_synchrotron_site       APS 
_diffrn_source.pdbx_synchrotron_beamline   22-BM 
_diffrn_source.pdbx_wavelength             ? 
_diffrn_source.pdbx_wavelength_list        1.0 
# 
_reflns.entry_id                     4NPT 
_reflns.observed_criterion_sigma_I   0 
_reflns.observed_criterion_sigma_F   0 
_reflns.d_resolution_low             50 
_reflns.d_resolution_high            1.66 
_reflns.number_obs                   13867 
_reflns.number_all                   13867 
_reflns.percent_possible_obs         99.4 
_reflns.pdbx_Rmerge_I_obs            0.081 
_reflns.pdbx_netI_over_sigmaI        18.5 
_reflns.B_iso_Wilson_estimate        23.9 
_reflns.pdbx_redundancy              8.3 
_reflns.R_free_details               ? 
_reflns.limit_h_max                  ? 
_reflns.limit_h_min                  ? 
_reflns.limit_k_max                  ? 
_reflns.limit_k_min                  ? 
_reflns.limit_l_max                  ? 
_reflns.limit_l_min                  ? 
_reflns.observed_criterion_F_max     ? 
_reflns.observed_criterion_F_min     ? 
_reflns.pdbx_chi_squared             ? 
_reflns.pdbx_scaling_rejects         ? 
_reflns.pdbx_Rsym_value              ? 
_reflns.pdbx_ordinal                 1 
_reflns.pdbx_diffrn_id               1 
# 
_reflns_shell.d_res_high             1.66 
_reflns_shell.d_res_low              1.72 
_reflns_shell.percent_possible_all   98.3 
_reflns_shell.Rmerge_I_obs           0.422 
_reflns_shell.pdbx_Rsym_value        ? 
_reflns_shell.meanI_over_sigI_obs    3.3 
_reflns_shell.pdbx_redundancy        4.6 
_reflns_shell.percent_possible_obs   ? 
_reflns_shell.number_unique_all      ? 
_reflns_shell.number_measured_all    ? 
_reflns_shell.number_measured_obs    ? 
_reflns_shell.number_unique_obs      ? 
_reflns_shell.pdbx_chi_squared       ? 
_reflns_shell.pdbx_ordinal           1 
_reflns_shell.pdbx_diffrn_id         1 
# 
_refine.entry_id                                 4NPT 
_refine.ls_number_reflns_obs                     13173 
_refine.ls_number_reflns_all                     13867 
_refine.pdbx_ls_sigma_I                          ? 
_refine.pdbx_ls_sigma_F                          0 
_refine.pdbx_data_cutoff_high_absF               ? 
_refine.pdbx_data_cutoff_low_absF                ? 
_refine.pdbx_data_cutoff_high_rms_absF           ? 
_refine.ls_d_res_low                             22.16 
_refine.ls_d_res_high                            1.66 
_refine.ls_percent_reflns_obs                    99.42 
_refine.ls_R_factor_obs                          0.19077 
_refine.ls_R_factor_all                          0.19077 
_refine.ls_R_factor_R_work                       0.18901 
_refine.ls_R_factor_R_free                       0.22632 
_refine.ls_R_factor_R_free_error                 ? 
_refine.ls_R_factor_R_free_error_details         ? 
_refine.ls_percent_reflns_R_free                 5.0 
_refine.ls_number_reflns_R_free                  691 
_refine.ls_number_parameters                     ? 
_refine.ls_number_restraints                     ? 
_refine.occupancy_min                            ? 
_refine.occupancy_max                            ? 
_refine.correlation_coeff_Fo_to_Fc               0.962 
_refine.correlation_coeff_Fo_to_Fc_free          0.942 
_refine.B_iso_mean                               28.436 
_refine.aniso_B[1][1]                            0.06 
_refine.aniso_B[2][2]                            0.06 
_refine.aniso_B[3][3]                            -0.11 
_refine.aniso_B[1][2]                            0.00 
_refine.aniso_B[1][3]                            0.00 
_refine.aniso_B[2][3]                            0.00 
_refine.solvent_model_details                    MASK 
_refine.solvent_model_param_ksol                 ? 
_refine.solvent_model_param_bsol                 ? 
_refine.pdbx_solvent_vdw_probe_radii             1.20 
_refine.pdbx_solvent_ion_probe_radii             0.80 
_refine.pdbx_solvent_shrinkage_radii             0.80 
_refine.pdbx_ls_cross_valid_method               THROUGHOUT 
_refine.details                                  'HYDROGENS HAVE BEEN ADDED IN THE RIDING POSITIONS' 
_refine.pdbx_starting_model                      'PDB entry 3UF3' 
_refine.pdbx_method_to_determine_struct          'MOLECULAR REPLACEMENT' 
_refine.pdbx_isotropic_thermal_model             ? 
_refine.pdbx_stereochemistry_target_values       'MAXIMUM LIKELIHOOD' 
_refine.pdbx_stereochem_target_val_spec_case     ? 
_refine.pdbx_R_Free_selection_details            RANDOM 
_refine.pdbx_overall_ESU_R                       0.095 
_refine.pdbx_overall_ESU_R_Free                  0.098 
_refine.overall_SU_ML                            0.062 
_refine.pdbx_overall_phase_error                 ? 
_refine.overall_SU_B                             3.553 
_refine.overall_SU_R_Cruickshank_DPI             ? 
_refine.ls_redundancy_reflns_obs                 ? 
_refine.B_iso_min                                ? 
_refine.B_iso_max                                ? 
_refine.overall_SU_R_free                        ? 
_refine.ls_wR_factor_R_free                      ? 
_refine.ls_wR_factor_R_work                      ? 
_refine.overall_FOM_free_R_set                   ? 
_refine.overall_FOM_work_R_set                   ? 
_refine.pdbx_diffrn_id                           1 
_refine.pdbx_refine_id                           'X-RAY DIFFRACTION' 
_refine.pdbx_TLS_residual_ADP_flag               ? 
_refine.pdbx_overall_SU_R_free_Cruickshank_DPI   ? 
_refine.pdbx_overall_SU_R_Blow_DPI               ? 
_refine.pdbx_overall_SU_R_free_Blow_DPI          ? 
# 
_refine_hist.pdbx_refine_id                   'X-RAY DIFFRACTION' 
_refine_hist.cycle_id                         LAST 
_refine_hist.pdbx_number_atoms_protein        760 
_refine_hist.pdbx_number_atoms_nucleic_acid   0 
_refine_hist.pdbx_number_atoms_ligand         44 
_refine_hist.number_atoms_solvent             48 
_refine_hist.number_atoms_total               852 
_refine_hist.d_res_high                       1.66 
_refine_hist.d_res_low                        22.16 
# 
loop_
_refine_ls_restr.type 
_refine_ls_restr.dev_ideal 
_refine_ls_restr.dev_ideal_target 
_refine_ls_restr.weight 
_refine_ls_restr.number 
_refine_ls_restr.pdbx_restraint_function 
_refine_ls_restr.pdbx_refine_id 
r_bond_refined_d       0.021  0.019  ? 839  ? 'X-RAY DIFFRACTION' 
r_bond_other_d         0.001  0.020  ? 848  ? 'X-RAY DIFFRACTION' 
r_angle_refined_deg    2.326  2.032  ? 1144 ? 'X-RAY DIFFRACTION' 
r_angle_other_deg      0.952  3.000  ? 1953 ? 'X-RAY DIFFRACTION' 
r_dihedral_angle_1_deg 7.052  5.000  ? 102  ? 'X-RAY DIFFRACTION' 
r_dihedral_angle_2_deg 43.458 24.138 ? 29   ? 'X-RAY DIFFRACTION' 
r_dihedral_angle_3_deg 14.314 15.000 ? 144  ? 'X-RAY DIFFRACTION' 
r_dihedral_angle_4_deg 21.780 15.000 ? 5    ? 'X-RAY DIFFRACTION' 
r_chiral_restr         0.121  0.200  ? 135  ? 'X-RAY DIFFRACTION' 
r_gen_planes_refined   0.011  0.021  ? 911  ? 'X-RAY DIFFRACTION' 
r_gen_planes_other     0.001  0.020  ? 178  ? 'X-RAY DIFFRACTION' 
# 
_refine_ls_shell.pdbx_total_number_of_bins_used   20 
_refine_ls_shell.d_res_high                       1.66 
_refine_ls_shell.d_res_low                        1.701 
_refine_ls_shell.number_reflns_R_work             918 
_refine_ls_shell.R_factor_R_work                  0.229 
_refine_ls_shell.percent_reflns_obs               97.68 
_refine_ls_shell.R_factor_R_free                  0.291 
_refine_ls_shell.R_factor_R_free_error            ? 
_refine_ls_shell.percent_reflns_R_free            ? 
_refine_ls_shell.number_reflns_R_free             51 
_refine_ls_shell.number_reflns_all                ? 
_refine_ls_shell.R_factor_all                     ? 
_refine_ls_shell.number_reflns_obs                ? 
_refine_ls_shell.redundancy_reflns_obs            ? 
_refine_ls_shell.pdbx_refine_id                   'X-RAY DIFFRACTION' 
# 
_struct.entry_id                  4NPT 
_struct.title                     'Crystal Structure of HIV-1 Protease Multiple Mutant P51 Complexed with Darunavir' 
_struct.pdbx_model_details        ? 
_struct.pdbx_CASP_flag            ? 
_struct.pdbx_model_type_details   ? 
# 
_struct_keywords.entry_id        4NPT 
_struct_keywords.pdbx_keywords   HYDROLASE 
_struct_keywords.text            'HIV-1 protease, darunavir, P51, multiple mutant, drug resistance, Hydrolase' 
# 
loop_
_struct_asym.id 
_struct_asym.pdbx_blank_PDB_chainid_flag 
_struct_asym.pdbx_modified 
_struct_asym.entity_id 
_struct_asym.details 
A N N 1 ? 
B N N 2 ? 
C N N 3 ? 
D N N 4 ? 
# 
_struct_biol.id        1 
_struct_biol.details   ? 
# 
_struct_conf.conf_type_id            HELX_P 
_struct_conf.id                      HELX_P1 
_struct_conf.pdbx_PDB_helix_id       1 
_struct_conf.beg_label_comp_id       GLY 
_struct_conf.beg_label_asym_id       A 
_struct_conf.beg_label_seq_id        86 
_struct_conf.pdbx_beg_PDB_ins_code   ? 
_struct_conf.end_label_comp_id       GLY 
_struct_conf.end_label_asym_id       A 
_struct_conf.end_label_seq_id        94 
_struct_conf.pdbx_end_PDB_ins_code   ? 
_struct_conf.beg_auth_comp_id        GLY 
_struct_conf.beg_auth_asym_id        A 
_struct_conf.beg_auth_seq_id         86 
_struct_conf.end_auth_comp_id        GLY 
_struct_conf.end_auth_asym_id        A 
_struct_conf.end_auth_seq_id         94 
_struct_conf.pdbx_PDB_helix_class    1 
_struct_conf.details                 ? 
_struct_conf.pdbx_PDB_helix_length   9 
# 
_struct_conf_type.id          HELX_P 
_struct_conf_type.criteria    ? 
_struct_conf_type.reference   ? 
# 
_struct_sheet.id               A 
_struct_sheet.type             ? 
_struct_sheet.number_strands   8 
_struct_sheet.details          ? 
# 
loop_
_struct_sheet_order.sheet_id 
_struct_sheet_order.range_id_1 
_struct_sheet_order.range_id_2 
_struct_sheet_order.offset 
_struct_sheet_order.sense 
A 1 2 ? anti-parallel 
A 2 3 ? anti-parallel 
A 3 4 ? parallel      
A 4 5 ? anti-parallel 
A 5 6 ? parallel      
A 6 7 ? anti-parallel 
A 7 8 ? anti-parallel 
# 
loop_
_struct_sheet_range.sheet_id 
_struct_sheet_range.id 
_struct_sheet_range.beg_label_comp_id 
_struct_sheet_range.beg_label_asym_id 
_struct_sheet_range.beg_label_seq_id 
_struct_sheet_range.pdbx_beg_PDB_ins_code 
_struct_sheet_range.end_label_comp_id 
_struct_sheet_range.end_label_asym_id 
_struct_sheet_range.end_label_seq_id 
_struct_sheet_range.pdbx_end_PDB_ins_code 
_struct_sheet_range.beg_auth_comp_id 
_struct_sheet_range.beg_auth_asym_id 
_struct_sheet_range.beg_auth_seq_id 
_struct_sheet_range.end_auth_comp_id 
_struct_sheet_range.end_auth_asym_id 
_struct_sheet_range.end_auth_seq_id 
A 1 LYS A 43 ? GLY A 48 ? LYS A 43 GLY A 48 
A 2 PHE A 53 ? ILE A 66 ? PHE A 53 ILE A 66 
A 3 HIS A 69 ? VAL A 77 ? HIS A 69 VAL A 77 
A 4 ILE A 32 ? PHE A 33 ? ILE A 32 PHE A 33 
A 5 VAL A 84 ? ILE A 85 ? VAL A 84 ILE A 85 
A 6 GLN A 18 ? ILE A 24 ? GLN A 18 ILE A 24 
A 7 ILE A 10 ? VAL A 15 ? ILE A 10 VAL A 15 
A 8 PHE A 53 ? ILE A 66 ? PHE A 53 ILE A 66 
# 
loop_
_pdbx_struct_sheet_hbond.sheet_id 
_pdbx_struct_sheet_hbond.range_id_1 
_pdbx_struct_sheet_hbond.range_id_2 
_pdbx_struct_sheet_hbond.range_1_label_atom_id 
_pdbx_struct_sheet_hbond.range_1_label_comp_id 
_pdbx_struct_sheet_hbond.range_1_label_asym_id 
_pdbx_struct_sheet_hbond.range_1_label_seq_id 
_pdbx_struct_sheet_hbond.range_1_PDB_ins_code 
_pdbx_struct_sheet_hbond.range_1_auth_atom_id 
_pdbx_struct_sheet_hbond.range_1_auth_comp_id 
_pdbx_struct_sheet_hbond.range_1_auth_asym_id 
_pdbx_struct_sheet_hbond.range_1_auth_seq_id 
_pdbx_struct_sheet_hbond.range_2_label_atom_id 
_pdbx_struct_sheet_hbond.range_2_label_comp_id 
_pdbx_struct_sheet_hbond.range_2_label_asym_id 
_pdbx_struct_sheet_hbond.range_2_label_seq_id 
_pdbx_struct_sheet_hbond.range_2_PDB_ins_code 
_pdbx_struct_sheet_hbond.range_2_auth_atom_id 
_pdbx_struct_sheet_hbond.range_2_auth_comp_id 
_pdbx_struct_sheet_hbond.range_2_auth_asym_id 
_pdbx_struct_sheet_hbond.range_2_auth_seq_id 
A 1 2 N ILE A 47 ? N ILE A 47 O MET A 54 ? O MET A 54 
A 2 3 N ILE A 64 ? N ILE A 64 O ALA A 71 ? O ALA A 71 
A 3 4 O LEU A 76 ? O LEU A 76 N PHE A 33 ? N PHE A 33 
A 4 5 N ILE A 32 ? N ILE A 32 O VAL A 84 ? O VAL A 84 
A 5 6 O ILE A 85 ? O ILE A 85 N LEU A 23 ? N LEU A 23 
A 6 7 O ARG A 20 ? O ARG A 20 N ILE A 13 ? N ILE A 13 
A 7 8 N LYS A 14 ? N LYS A 14 O GLU A 65 ? O GLU A 65 
# 
loop_
_struct_site.id 
_struct_site.pdbx_evidence_code 
_struct_site.pdbx_auth_asym_id 
_struct_site.pdbx_auth_comp_id 
_struct_site.pdbx_auth_seq_id 
_struct_site.pdbx_auth_ins_code 
_struct_site.pdbx_num_residues 
_struct_site.details 
AC1 Software A 017 401 ? 14 'BINDING SITE FOR RESIDUE 017 A 401' 
AC2 Software A GOL 402 ? 8  'BINDING SITE FOR RESIDUE GOL A 402' 
# 
loop_
_struct_site_gen.id 
_struct_site_gen.site_id 
_struct_site_gen.pdbx_num_res 
_struct_site_gen.label_comp_id 
_struct_site_gen.label_asym_id 
_struct_site_gen.label_seq_id 
_struct_site_gen.pdbx_auth_ins_code 
_struct_site_gen.auth_comp_id 
_struct_site_gen.auth_asym_id 
_struct_site_gen.auth_seq_id 
_struct_site_gen.label_atom_id 
_struct_site_gen.label_alt_id 
_struct_site_gen.symmetry 
_struct_site_gen.details 
1  AC1 14 ASN A 25 ? ASN A 25  . ? 1_555 ? 
2  AC1 14 GLY A 27 ? GLY A 27  . ? 8_555 ? 
3  AC1 14 ILE A 47 ? ILE A 47  . ? 1_555 ? 
4  AC1 14 GLY A 48 ? GLY A 48  . ? 1_555 ? 
5  AC1 14 GLY A 49 ? GLY A 49  . ? 1_555 ? 
6  AC1 14 ILE A 50 ? ILE A 50  . ? 1_555 ? 
7  AC1 14 GLY A 52 ? GLY A 52  . ? 1_555 ? 
8  AC1 14 MET A 54 ? MET A 54  . ? 1_555 ? 
9  AC1 14 GLN A 61 ? GLN A 61  . ? 5_545 ? 
10 AC1 14 ILE A 72 ? ILE A 72  . ? 5_545 ? 
11 AC1 14 VAL A 84 ? VAL A 84  . ? 1_555 ? 
12 AC1 14 HOH D .  ? HOH A 514 . ? 1_555 ? 
13 AC1 14 HOH D .  ? HOH A 525 . ? 1_555 ? 
14 AC1 14 HOH D .  ? HOH A 525 . ? 8_555 ? 
15 AC2 8  GLY A 16 ? GLY A 16  . ? 1_555 ? 
16 AC2 8  GLY A 17 ? GLY A 17  . ? 1_555 ? 
17 AC2 8  PRO A 63 ? PRO A 63  . ? 1_555 ? 
18 AC2 8  ILE A 64 ? ILE A 64  . ? 1_555 ? 
19 AC2 8  HOH D .  ? HOH A 521 . ? 1_555 ? 
20 AC2 8  HOH D .  ? HOH A 524 . ? 1_555 ? 
21 AC2 8  HOH D .  ? HOH A 543 . ? 7_555 ? 
22 AC2 8  HOH D .  ? HOH A 543 . ? 1_555 ? 
# 
_atom_sites.entry_id                    4NPT 
_atom_sites.fract_transf_matrix[1][1]   0.00803388 
_atom_sites.fract_transf_matrix[1][2]   0.00792910 
_atom_sites.fract_transf_matrix[1][3]   0.01814089 
_atom_sites.fract_transf_matrix[2][1]   -0.00564683 
_atom_sites.fract_transf_matrix[2][2]   0.01968210 
_atom_sites.fract_transf_matrix[2][3]   -0.00610198 
_atom_sites.fract_transf_matrix[3][1]   -0.00882618 
_atom_sites.fract_transf_matrix[3][2]   -0.00116285 
_atom_sites.fract_transf_matrix[3][3]   0.00441703 
_atom_sites.fract_transf_vector[1]      0.107299 
_atom_sites.fract_transf_vector[2]      -0.068155 
_atom_sites.fract_transf_vector[3]      0.134684 
# 
loop_
_atom_type.symbol 
C 
N 
O 
S 
# 
loop_
_atom_site.group_PDB 
_atom_site.id 
_atom_site.type_symbol 
_atom_site.label_atom_id 
_atom_site.label_alt_id 
_atom_site.label_comp_id 
_atom_site.label_asym_id 
_atom_site.label_entity_id 
_atom_site.label_seq_id 
_atom_site.pdbx_PDB_ins_code 
_atom_site.Cartn_x 
_atom_site.Cartn_y 
_atom_site.Cartn_z 
_atom_site.occupancy 
_atom_site.B_iso_or_equiv 
_atom_site.pdbx_formal_charge 
_atom_site.auth_seq_id 
_atom_site.auth_comp_id 
_atom_site.auth_asym_id 
_atom_site.auth_atom_id 
_atom_site.pdbx_PDB_model_num 
ATOM   1   N N   . PRO A 1 1  ? -10.979 1.143   -13.759 1.00 40.83 ? 1   PRO A N   1 
ATOM   2   C CA  . PRO A 1 1  ? -11.835 -0.030  -13.721 1.00 40.12 ? 1   PRO A CA  1 
ATOM   3   C C   . PRO A 1 1  ? -12.936 0.072   -12.683 1.00 36.28 ? 1   PRO A C   1 
ATOM   4   O O   . PRO A 1 1  ? -12.945 0.980   -11.853 1.00 37.55 ? 1   PRO A O   1 
ATOM   5   C CB  . PRO A 1 1  ? -10.867 -1.162  -13.292 1.00 39.93 ? 1   PRO A CB  1 
ATOM   6   C CG  . PRO A 1 1  ? -9.803  -0.433  -12.549 1.00 40.90 ? 1   PRO A CG  1 
ATOM   7   C CD  . PRO A 1 1  ? -9.613  0.805   -13.357 1.00 40.26 ? 1   PRO A CD  1 
ATOM   8   N N   . GLN A 1 2  ? -13.849 -0.865  -12.761 1.00 36.43 ? 2   GLN A N   1 
ATOM   9   C CA  . GLN A 1 2  ? -14.890 -1.069  -11.759 1.00 34.48 ? 2   GLN A CA  1 
ATOM   10  C C   . GLN A 1 2  ? -14.690 -2.465  -11.120 1.00 35.62 ? 2   GLN A C   1 
ATOM   11  O O   . GLN A 1 2  ? -14.721 -3.472  -11.836 1.00 42.65 ? 2   GLN A O   1 
ATOM   12  C CB  . GLN A 1 2  ? -16.272 -0.967  -12.371 1.00 36.62 ? 2   GLN A CB  1 
ATOM   13  C CG  . GLN A 1 2  ? -17.345 -1.295  -11.366 1.00 38.31 ? 2   GLN A CG  1 
ATOM   14  C CD  . GLN A 1 2  ? -18.712 -0.924  -11.839 1.00 44.32 ? 2   GLN A CD  1 
ATOM   15  O OE1 . GLN A 1 2  ? -19.106 0.243   -11.825 1.00 49.52 ? 2   GLN A OE1 1 
ATOM   16  N NE2 . GLN A 1 2  ? -19.461 -1.918  -12.267 1.00 47.26 ? 2   GLN A NE2 1 
ATOM   17  N N   . ILE A 1 3  ? -14.458 -2.501  -9.808  1.00 31.45 ? 3   ILE A N   1 
ATOM   18  C CA  . ILE A 1 3  ? -14.139 -3.738  -9.102  1.00 31.53 ? 3   ILE A CA  1 
ATOM   19  C C   . ILE A 1 3  ? -15.308 -4.057  -8.199  1.00 28.20 ? 3   ILE A C   1 
ATOM   20  O O   . ILE A 1 3  ? -15.738 -3.256  -7.360  1.00 27.27 ? 3   ILE A O   1 
ATOM   21  C CB  . ILE A 1 3  ? -12.850 -3.571  -8.295  1.00 30.70 ? 3   ILE A CB  1 
ATOM   22  C CG1 . ILE A 1 3  ? -11.689 -3.312  -9.253  1.00 32.52 ? 3   ILE A CG1 1 
ATOM   23  C CG2 . ILE A 1 3  ? -12.559 -4.800  -7.420  1.00 34.71 ? 3   ILE A CG2 1 
ATOM   24  C CD1 . ILE A 1 3  ? -10.500 -2.719  -8.567  1.00 32.21 ? 3   ILE A CD1 1 
ATOM   25  N N   . THR A 1 4  ? -15.871 -5.238  -8.411  1.00 31.98 ? 4   THR A N   1 
ATOM   26  C CA  . THR A 1 4  ? -16.930 -5.713  -7.572  1.00 30.26 ? 4   THR A CA  1 
ATOM   27  C C   . THR A 1 4  ? -16.260 -6.391  -6.372  1.00 27.36 ? 4   THR A C   1 
ATOM   28  O O   . THR A 1 4  ? -15.047 -6.599  -6.352  1.00 27.40 ? 4   THR A O   1 
ATOM   29  C CB  . THR A 1 4  ? -17.913 -6.615  -8.323  1.00 34.78 ? 4   THR A CB  1 
ATOM   30  O OG1 . THR A 1 4  ? -17.238 -7.761  -8.810  1.00 34.92 ? 4   THR A OG1 1 
ATOM   31  C CG2 . THR A 1 4  ? -18.473 -5.886  -9.497  1.00 35.47 ? 4   THR A CG2 1 
ATOM   32  N N   . LEU A 1 5  ? -17.075 -6.715  -5.383  1.00 23.97 ? 5   LEU A N   1 
ATOM   33  C CA  . LEU A 1 5  ? -16.538 -7.141  -4.087  1.00 23.41 ? 5   LEU A CA  1 
ATOM   34  C C   . LEU A 1 5  ? -16.898 -8.544  -3.690  1.00 22.20 ? 5   LEU A C   1 
ATOM   35  O O   . LEU A 1 5  ? -16.829 -8.899  -2.545  1.00 21.54 ? 5   LEU A O   1 
ATOM   36  C CB  . LEU A 1 5  ? -16.898 -6.107  -3.020  1.00 22.17 ? 5   LEU A CB  1 
ATOM   37  C CG  . LEU A 1 5  ? -16.198 -4.766  -3.289  1.00 23.44 ? 5   LEU A CG  1 
ATOM   38  C CD1 . LEU A 1 5  ? -16.885 -3.713  -2.444  1.00 23.07 ? 5   LEU A CD1 1 
ATOM   39  C CD2 . LEU A 1 5  ? -14.739 -4.727  -3.024  1.00 22.24 ? 5   LEU A CD2 1 
ATOM   40  N N   . TRP A 1 6  ? -17.220 -9.383  -4.716  1.00 23.62 ? 6   TRP A N   1 
ATOM   41  C CA  . TRP A 1 6  ? -17.513 -10.759 -4.444  1.00 24.45 ? 6   TRP A CA  1 
ATOM   42  C C   . TRP A 1 6  ? -16.312 -11.586 -4.078  1.00 23.42 ? 6   TRP A C   1 
ATOM   43  O O   . TRP A 1 6  ? -16.463 -12.559 -3.347  1.00 29.44 ? 6   TRP A O   1 
ATOM   44  C CB  . TRP A 1 6  ? -18.164 -11.415 -5.650  1.00 23.98 ? 6   TRP A CB  1 
ATOM   45  C CG  . TRP A 1 6  ? -19.463 -10.821 -5.993  1.00 24.48 ? 6   TRP A CG  1 
ATOM   46  C CD1 . TRP A 1 6  ? -19.675 -9.896  -6.921  1.00 24.02 ? 6   TRP A CD1 1 
ATOM   47  C CD2 . TRP A 1 6  ? -20.740 -11.131 -5.399  1.00 24.36 ? 6   TRP A CD2 1 
ATOM   48  N NE1 . TRP A 1 6  ? -21.023 -9.562  -6.972  1.00 25.73 ? 6   TRP A NE1 1 
ATOM   49  C CE2 . TRP A 1 6  ? -21.696 -10.300 -6.030  1.00 24.27 ? 6   TRP A CE2 1 
ATOM   50  C CE3 . TRP A 1 6  ? -21.148 -11.985 -4.371  1.00 24.28 ? 6   TRP A CE3 1 
ATOM   51  C CZ2 . TRP A 1 6  ? -23.031 -10.333 -5.708  1.00 26.29 ? 6   TRP A CZ2 1 
ATOM   52  C CZ3 . TRP A 1 6  ? -22.548 -12.033 -4.085  1.00 24.60 ? 6   TRP A CZ3 1 
ATOM   53  C CH2 . TRP A 1 6  ? -23.413 -11.193 -4.732  1.00 23.69 ? 6   TRP A CH2 1 
ATOM   54  N N   . LYS A 1 7  ? -15.133 -11.152 -4.480  1.00 25.45 ? 7   LYS A N   1 
ATOM   55  C CA  . LYS A 1 7  ? -13.857 -11.698 -4.033  1.00 26.44 ? 7   LYS A CA  1 
ATOM   56  C C   . LYS A 1 7  ? -13.035 -10.633 -3.337  1.00 24.18 ? 7   LYS A C   1 
ATOM   57  O O   . LYS A 1 7  ? -13.339 -9.458  -3.495  1.00 23.12 ? 7   LYS A O   1 
ATOM   58  C CB  . LYS A 1 7  ? -13.076 -12.155 -5.284  1.00 31.01 ? 7   LYS A CB  1 
ATOM   59  C CG  . LYS A 1 7  ? -13.943 -12.902 -6.272  1.00 42.75 ? 7   LYS A CG  1 
ATOM   60  C CD  . LYS A 1 7  ? -13.145 -13.623 -7.358  1.00 55.13 ? 7   LYS A CD  1 
ATOM   61  C CE  . LYS A 1 7  ? -14.098 -14.461 -8.249  1.00 64.59 ? 7   LYS A CE  1 
ATOM   62  N NZ  . LYS A 1 7  ? -13.444 -15.548 -9.038  1.00 71.86 ? 7   LYS A NZ  1 
ATOM   63  N N   . ARG A 1 8  ? -12.061 -11.012 -2.538  1.00 24.34 ? 8   ARG A N   1 
ATOM   64  C CA  . ARG A 1 8  ? -11.095 -10.000 -2.073  1.00 24.60 ? 8   ARG A CA  1 
ATOM   65  C C   . ARG A 1 8  ? -10.528 -9.228  -3.279  1.00 22.41 ? 8   ARG A C   1 
ATOM   66  O O   . ARG A 1 8  ? -10.046 -9.817  -4.305  1.00 23.79 ? 8   ARG A O   1 
ATOM   67  C CB  . ARG A 1 8  ? -9.993  -10.621 -1.256  1.00 24.42 ? 8   ARG A CB  1 
ATOM   68  C CG  . ARG A 1 8  ? -10.466 -11.361 -0.065  1.00 26.16 ? 8   ARG A CG  1 
ATOM   69  C CD  . ARG A 1 8  ? -9.340  -11.987 0.740   1.00 32.79 ? 8   ARG A CD  1 
ATOM   70  N NE  . ARG A 1 8  ? -9.908  -12.668 1.902   1.00 34.43 ? 8   ARG A NE  1 
ATOM   71  C CZ  . ARG A 1 8  ? -9.310  -13.617 2.621   1.00 43.02 ? 8   ARG A CZ  1 
ATOM   72  N NH1 . ARG A 1 8  ? -8.083  -14.034 2.288   1.00 47.24 ? 8   ARG A NH1 1 
ATOM   73  N NH2 . ARG A 1 8  ? -9.938  -14.177 3.655   1.00 40.67 ? 8   ARG A NH2 1 
ATOM   74  N N   . PRO A 1 9  ? -10.484 -7.874  -3.199  1.00 21.93 ? 9   PRO A N   1 
ATOM   75  C CA  . PRO A 1 9  ? -10.036 -6.965  -4.291  1.00 21.26 ? 9   PRO A CA  1 
ATOM   76  C C   . PRO A 1 9  ? -8.529  -6.851  -4.348  1.00 23.95 ? 9   PRO A C   1 
ATOM   77  O O   . PRO A 1 9  ? -7.932  -5.861  -3.878  1.00 22.97 ? 9   PRO A O   1 
ATOM   78  C CB  . PRO A 1 9  ? -10.706 -5.639  -3.950  1.00 22.34 ? 9   PRO A CB  1 
ATOM   79  C CG  . PRO A 1 9  ? -10.797 -5.691  -2.460  1.00 20.88 ? 9   PRO A CG  1 
ATOM   80  C CD  . PRO A 1 9  ? -11.095 -7.128  -2.059  1.00 22.00 ? 9   PRO A CD  1 
ATOM   81  N N   . ILE A 1 10 ? -7.907  -7.934  -4.809  1.00 25.33 ? 10  ILE A N   1 
ATOM   82  C CA  . ILE A 1 10 ? -6.484  -8.012  -4.929  1.00 25.19 ? 10  ILE A CA  1 
ATOM   83  C C   . ILE A 1 10 ? -6.086  -7.682  -6.330  1.00 26.16 ? 10  ILE A C   1 
ATOM   84  O O   . ILE A 1 10 ? -6.681  -8.183  -7.282  1.00 27.52 ? 10  ILE A O   1 
ATOM   85  C CB  . ILE A 1 10 ? -5.988  -9.368  -4.510  1.00 27.35 ? 10  ILE A CB  1 
ATOM   86  C CG1 . ILE A 1 10 ? -6.345  -9.611  -3.036  1.00 31.94 ? 10  ILE A CG1 1 
ATOM   87  C CG2 . ILE A 1 10 ? -4.467  -9.484  -4.734  1.00 29.00 ? 10  ILE A CG2 1 
ATOM   88  C CD1 . ILE A 1 10 ? -6.296  -11.051 -2.637  1.00 35.55 ? 10  ILE A CD1 1 
ATOM   89  N N   . VAL A 1 11 ? -5.143  -6.762  -6.472  1.00 25.37 ? 11  VAL A N   1 
ATOM   90  C CA  . VAL A 1 11 ? -4.722  -6.232  -7.760  1.00 26.68 ? 11  VAL A CA  1 
ATOM   91  C C   . VAL A 1 11 ? -3.190  -6.259  -7.877  1.00 27.55 ? 11  VAL A C   1 
ATOM   92  O O   . VAL A 1 11 ? -2.456  -6.340  -6.899  1.00 23.67 ? 11  VAL A O   1 
ATOM   93  C CB  . VAL A 1 11 ? -5.168  -4.783  -7.982  1.00 26.77 ? 11  VAL A CB  1 
ATOM   94  C CG1 . VAL A 1 11 ? -6.689  -4.703  -8.028  1.00 31.23 ? 11  VAL A CG1 1 
ATOM   95  C CG2 . VAL A 1 11 ? -4.610  -3.906  -6.868  1.00 28.69 ? 11  VAL A CG2 1 
ATOM   96  N N   . THR A 1 12 ? -2.740  -6.218  -9.144  1.00 28.03 ? 12  THR A N   1 
ATOM   97  C CA  . THR A 1 12 ? -1.319  -6.105  -9.444  1.00 27.93 ? 12  THR A CA  1 
ATOM   98  C C   . THR A 1 12 ? -0.850  -4.662  -9.358  1.00 26.11 ? 12  THR A C   1 
ATOM   99  O O   . THR A 1 12 ? -1.497  -3.753  -9.913  1.00 27.02 ? 12  THR A O   1 
ATOM   100 C CB  . THR A 1 12 ? -0.990  -6.689  -10.838 1.00 30.21 ? 12  THR A CB  1 
ATOM   101 O OG1 . THR A 1 12 ? -1.481  -8.037  -10.867 1.00 34.74 ? 12  THR A OG1 1 
ATOM   102 C CG2 . THR A 1 12 ? 0.498   -6.696  -11.049 1.00 31.11 ? 12  THR A CG2 1 
ATOM   103 N N   . ILE A 1 13 ? 0.247   -4.501  -8.619  1.00 24.65 ? 13  ILE A N   1 
ATOM   104 C CA  . ILE A 1 13 ? 0.940   -3.229  -8.326  1.00 26.23 ? 13  ILE A CA  1 
ATOM   105 C C   . ILE A 1 13 ? 2.317   -3.195  -8.917  1.00 24.31 ? 13  ILE A C   1 
ATOM   106 O O   . ILE A 1 13 ? 3.066   -4.127  -8.725  1.00 25.36 ? 13  ILE A O   1 
ATOM   107 C CB  . ILE A 1 13 ? 1.160   -2.981  -6.760  1.00 26.22 ? 13  ILE A CB  1 
ATOM   108 C CG1 . ILE A 1 13 ? -0.059  -3.230  -5.920  1.00 25.87 ? 13  ILE A CG1 1 
ATOM   109 C CG2 . ILE A 1 13 ? 1.697   -1.562  -6.472  1.00 28.94 ? 13  ILE A CG2 1 
ATOM   110 C CD1 . ILE A 1 13 ? -1.240  -2.401  -6.390  1.00 26.69 ? 13  ILE A CD1 1 
ATOM   111 N N   . LYS A 1 14 ? 2.691   -2.094  -9.561  1.00 22.32 ? 14  LYS A N   1 
ATOM   112 C CA  . LYS A 1 14 ? 4.101   -1.792  -9.855  1.00 23.08 ? 14  LYS A CA  1 
ATOM   113 C C   . LYS A 1 14 ? 4.663   -0.868  -8.812  1.00 24.93 ? 14  LYS A C   1 
ATOM   114 O O   . LYS A 1 14 ? 4.091   0.186   -8.622  1.00 25.14 ? 14  LYS A O   1 
ATOM   115 C CB  . LYS A 1 14 ? 4.283   -1.181  -11.221 1.00 25.41 ? 14  LYS A CB  1 
ATOM   116 C CG  . LYS A 1 14 ? 3.841   -2.061  -12.388 1.00 29.19 ? 14  LYS A CG  1 
ATOM   117 C CD  . LYS A 1 14 ? 4.142   -1.431  -13.729 1.00 30.93 ? 14  LYS A CD  1 
ATOM   118 C CE  . LYS A 1 14 ? 3.648   -2.390  -14.805 1.00 34.49 ? 14  LYS A CE  1 
ATOM   119 N NZ  . LYS A 1 14 ? 3.812   -1.799  -16.159 1.00 35.94 ? 14  LYS A NZ  1 
ATOM   120 N N   . VAL A 1 15 ? 5.712   -1.320  -8.129  1.00 25.61 ? 15  VAL A N   1 
ATOM   121 C CA  . VAL A 1 15 ? 6.391   -0.623  -7.018  1.00 28.06 ? 15  VAL A CA  1 
ATOM   122 C C   . VAL A 1 15 ? 7.863   -1.064  -6.923  1.00 26.90 ? 15  VAL A C   1 
ATOM   123 O O   . VAL A 1 15 ? 8.169   -2.263  -7.003  1.00 29.70 ? 15  VAL A O   1 
ATOM   124 C CB  . VAL A 1 15 ? 5.614   -0.907  -5.715  1.00 26.93 ? 15  VAL A CB  1 
ATOM   125 C CG1 . VAL A 1 15 ? 5.385   -2.424  -5.500  1.00 30.26 ? 15  VAL A CG1 1 
ATOM   126 C CG2 . VAL A 1 15 ? 6.328   -0.281  -4.517  1.00 28.25 ? 15  VAL A CG2 1 
ATOM   127 N N   . GLY A 1 16 ? 8.769   -0.106  -6.843  1.00 32.73 ? 16  GLY A N   1 
ATOM   128 C CA  . GLY A 1 16 ? 10.201  -0.381  -6.698  1.00 32.81 ? 16  GLY A CA  1 
ATOM   129 C C   . GLY A 1 16 ? 10.803  -1.212  -7.807  1.00 31.91 ? 16  GLY A C   1 
ATOM   130 O O   . GLY A 1 16 ? 11.722  -1.999  -7.548  1.00 31.44 ? 16  GLY A O   1 
ATOM   131 N N   . GLY A 1 17 ? 10.308  -1.060  -9.018  1.00 29.65 ? 17  GLY A N   1 
ATOM   132 C CA  . GLY A 1 17 ? 10.853  -1.846  -10.165 1.00 30.02 ? 17  GLY A CA  1 
ATOM   133 C C   . GLY A 1 17 ? 10.433  -3.314  -10.143 1.00 31.57 ? 17  GLY A C   1 
ATOM   134 O O   . GLY A 1 17 ? 10.885  -4.079  -10.986 1.00 30.68 ? 17  GLY A O   1 
ATOM   135 N N   . GLN A 1 18 ? 9.510   -3.658  -9.257  1.00 30.19 ? 18  GLN A N   1 
ATOM   136 C CA  . GLN A 1 18 ? 8.988   -5.003  -9.116  1.00 31.08 ? 18  GLN A CA  1 
ATOM   137 C C   . GLN A 1 18 ? 7.452   -4.981  -9.292  1.00 30.29 ? 18  GLN A C   1 
ATOM   138 O O   . GLN A 1 18 ? 6.789   -3.960  -9.351  1.00 29.04 ? 18  GLN A O   1 
ATOM   139 C CB  . GLN A 1 18 ? 9.306   -5.521  -7.710  1.00 35.74 ? 18  GLN A CB  1 
ATOM   140 C CG  . GLN A 1 18 ? 10.780  -5.612  -7.302  1.00 44.16 ? 18  GLN A CG  1 
ATOM   141 C CD  . GLN A 1 18 ? 11.307  -6.990  -7.545  1.00 50.90 ? 18  GLN A CD  1 
ATOM   142 O OE1 . GLN A 1 18 ? 11.394  -7.821  -6.633  1.00 56.96 ? 18  GLN A OE1 1 
ATOM   143 N NE2 . GLN A 1 18 ? 11.579  -7.278  -8.805  1.00 60.47 ? 18  GLN A NE2 1 
ATOM   144 N N   . LEU A 1 19 ? 6.903   -6.160  -9.358  1.00 25.62 ? 19  LEU A N   1 
ATOM   145 C CA  . LEU A 1 19 ? 5.459   -6.353  -9.310  1.00 28.07 ? 19  LEU A CA  1 
ATOM   146 C C   . LEU A 1 19 ? 5.102   -7.031  -8.024  1.00 27.79 ? 19  LEU A C   1 
ATOM   147 O O   . LEU A 1 19 ? 5.759   -8.012  -7.614  1.00 30.09 ? 19  LEU A O   1 
ATOM   148 C CB  . LEU A 1 19 ? 5.051   -7.279  -10.421 1.00 32.52 ? 19  LEU A CB  1 
ATOM   149 C CG  . LEU A 1 19 ? 5.213   -6.834  -11.838 1.00 34.52 ? 19  LEU A CG  1 
ATOM   150 C CD1 . LEU A 1 19 ? 4.840   -8.039  -12.680 1.00 37.67 ? 19  LEU A CD1 1 
ATOM   151 C CD2 . LEU A 1 19 ? 4.356   -5.608  -12.114 1.00 35.60 ? 19  LEU A CD2 1 
ATOM   152 N N   . ARG A 1 20 ? 4.001   -6.595  -7.407  1.00 24.67 ? 20  ARG A N   1 
ATOM   153 C CA  . ARG A 1 20 ? 3.480   -7.216  -6.231  1.00 25.23 ? 20  ARG A CA  1 
ATOM   154 C C   . ARG A 1 20 ? 1.945   -7.301  -6.342  1.00 27.61 ? 20  ARG A C   1 
ATOM   155 O O   . ARG A 1 20 ? 1.324   -6.605  -7.175  1.00 32.08 ? 20  ARG A O   1 
ATOM   156 C CB  . ARG A 1 20 ? 3.901   -6.416  -5.004  1.00 27.85 ? 20  ARG A CB  1 
ATOM   157 C CG  . ARG A 1 20 ? 5.396   -6.336  -4.769  1.00 30.09 ? 20  ARG A CG  1 
ATOM   158 C CD  . ARG A 1 20 ? 5.890   -7.644  -4.159  1.00 33.36 ? 20  ARG A CD  1 
ATOM   159 N NE  . ARG A 1 20 ? 7.173   -7.483  -3.512  1.00 37.74 ? 20  ARG A NE  1 
ATOM   160 C CZ  . ARG A 1 20 ? 8.319   -7.671  -4.137  1.00 40.19 ? 20  ARG A CZ  1 
ATOM   161 N NH1 . ARG A 1 20 ? 8.333   -7.996  -5.440  1.00 40.80 ? 20  ARG A NH1 1 
ATOM   162 N NH2 . ARG A 1 20 ? 9.466   -7.524  -3.452  1.00 44.18 ? 20  ARG A NH2 1 
ATOM   163 N N   . GLU A 1 21 ? 1.343   -8.206  -5.580  1.00 25.19 ? 21  GLU A N   1 
ATOM   164 C CA  . GLU A 1 21 ? -0.111  -8.243  -5.492  1.00 27.77 ? 21  GLU A CA  1 
ATOM   165 C C   . GLU A 1 21 ? -0.436  -7.519  -4.158  1.00 23.89 ? 21  GLU A C   1 
ATOM   166 O O   . GLU A 1 21 ? 0.308   -7.631  -3.181  1.00 23.23 ? 21  GLU A O   1 
ATOM   167 C CB  . GLU A 1 21 ? -0.616  -9.666  -5.492  1.00 29.74 ? 21  GLU A CB  1 
ATOM   168 C CG  . GLU A 1 21 ? -0.357  -10.405 -6.810  1.00 36.34 ? 21  GLU A CG  1 
ATOM   169 C CD  . GLU A 1 21 ? -1.089  -9.820  -8.030  1.00 45.92 ? 21  GLU A CD  1 
ATOM   170 O OE1 . GLU A 1 21 ? -2.363  -9.921  -8.074  1.00 49.72 ? 21  GLU A OE1 1 
ATOM   171 O OE2 . GLU A 1 21 ? -0.398  -9.279  -8.971  1.00 51.39 ? 21  GLU A OE2 1 
ATOM   172 N N   . ALA A 1 22 ? -1.545  -6.795  -4.128  1.00 23.20 ? 22  ALA A N   1 
ATOM   173 C CA  . ALA A 1 22 ? -1.932  -6.134  -2.905  1.00 20.84 ? 22  ALA A CA  1 
ATOM   174 C C   . ALA A 1 22 ? -3.459  -6.088  -2.835  1.00 21.06 ? 22  ALA A C   1 
ATOM   175 O O   . ALA A 1 22 ? -4.118  -5.975  -3.858  1.00 23.15 ? 22  ALA A O   1 
ATOM   176 C CB  . ALA A 1 22 ? -1.366  -4.714  -2.833  1.00 22.45 ? 22  ALA A CB  1 
ATOM   177 N N   . LEU A 1 23 ? -3.942  -6.037  -1.603  1.00 20.37 ? 23  LEU A N   1 
ATOM   178 C CA  . LEU A 1 23 ? -5.350  -5.899  -1.263  1.00 20.95 ? 23  LEU A CA  1 
ATOM   179 C C   . LEU A 1 23 ? -5.792  -4.424  -1.247  1.00 20.09 ? 23  LEU A C   1 
ATOM   180 O O   . LEU A 1 23 ? -5.198  -3.612  -0.492  1.00 20.79 ? 23  LEU A O   1 
ATOM   181 C CB  . LEU A 1 23 ? -5.554  -6.463  0.109   1.00 20.89 ? 23  LEU A CB  1 
ATOM   182 C CG  . LEU A 1 23 ? -6.962  -6.409  0.730   1.00 22.17 ? 23  LEU A CG  1 
ATOM   183 C CD1 . LEU A 1 23 ? -7.900  -7.251  -0.128  1.00 22.98 ? 23  LEU A CD1 1 
ATOM   184 C CD2 . LEU A 1 23 ? -6.935  -6.864  2.153   1.00 22.37 ? 23  LEU A CD2 1 
ATOM   185 N N   . ILE A 1 24 ? -6.838  -4.090  -1.973  1.00 21.16 ? 24  ILE A N   1 
ATOM   186 C CA  . ILE A 1 24 ? -7.349  -2.694  -1.949  1.00 21.91 ? 24  ILE A CA  1 
ATOM   187 C C   . ILE A 1 24 ? -8.201  -2.609  -0.711  1.00 21.13 ? 24  ILE A C   1 
ATOM   188 O O   . ILE A 1 24 ? -9.254  -3.271  -0.610  1.00 19.36 ? 24  ILE A O   1 
ATOM   189 C CB  . ILE A 1 24 ? -8.160  -2.321  -3.198  1.00 21.51 ? 24  ILE A CB  1 
ATOM   190 C CG1 . ILE A 1 24 ? -7.282  -2.279  -4.456  1.00 25.22 ? 24  ILE A CG1 1 
ATOM   191 C CG2 . ILE A 1 24 ? -8.947  -1.001  -3.009  1.00 23.49 ? 24  ILE A CG2 1 
ATOM   192 C CD1 . ILE A 1 24 ? -8.111  -2.099  -5.720  1.00 29.48 ? 24  ILE A CD1 1 
ATOM   193 N N   . ASN A 1 25 ? -7.815  -1.742  0.248   1.00 20.23 ? 25  ASN A N   1 
ATOM   194 C CA  . ASN A 1 25 ? -8.393  -1.792  1.523   1.00 19.26 ? 25  ASN A CA  1 
ATOM   195 C C   . ASN A 1 25 ? -8.883  -0.389  1.999   1.00 18.45 ? 25  ASN A C   1 
ATOM   196 O O   . ASN A 1 25 ? -8.088  0.411   2.465   1.00 18.01 ? 25  ASN A O   1 
ATOM   197 C CB  . ASN A 1 25 ? -7.357  -2.340  2.502   1.00 21.35 ? 25  ASN A CB  1 
ATOM   198 C CG  . ASN A 1 25 ? -7.945  -2.621  3.848   1.00 22.66 ? 25  ASN A CG  1 
ATOM   199 O OD1 . ASN A 1 25 ? -9.028  -2.260  4.127   1.00 22.13 ? 25  ASN A OD1 1 
ATOM   200 N ND2 . ASN A 1 25 ? -7.200  -3.286  4.711   1.00 25.95 ? 25  ASN A ND2 1 
ATOM   201 N N   . THR A 1 26 ? -10.176 -0.101  1.845   1.00 19.32 ? 26  THR A N   1 
ATOM   202 C CA  . THR A 1 26 ? -10.791 1.188   2.322   1.00 17.67 ? 26  THR A CA  1 
ATOM   203 C C   . THR A 1 26 ? -10.755 1.322   3.808   1.00 17.78 ? 26  THR A C   1 
ATOM   204 O O   . THR A 1 26 ? -10.873 2.478   4.308   1.00 20.06 ? 26  THR A O   1 
ATOM   205 C CB  . THR A 1 26 ? -12.197 1.378   1.800   1.00 18.79 ? 26  THR A CB  1 
ATOM   206 O OG1 . THR A 1 26 ? -13.052 0.354   2.263   1.00 17.75 ? 26  THR A OG1 1 
ATOM   207 C CG2 . THR A 1 26 ? -12.213 1.388   0.298   1.00 20.00 ? 26  THR A CG2 1 
ATOM   208 N N   . GLY A 1 27 ? -10.514 0.263   4.553   1.00 17.74 ? 27  GLY A N   1 
ATOM   209 C CA  . GLY A 1 27 ? -10.373 0.236   5.973   1.00 20.27 ? 27  GLY A CA  1 
ATOM   210 C C   . GLY A 1 27 ? -8.983  0.546   6.445   1.00 22.51 ? 27  GLY A C   1 
ATOM   211 O O   . GLY A 1 27 ? -8.733  0.566   7.658   1.00 23.71 ? 27  GLY A O   1 
ATOM   212 N N   . ALA A 1 28 ? -8.029  0.805   5.543   1.00 19.04 ? 28  ALA A N   1 
ATOM   213 C CA  . ALA A 1 28 ? -6.642  1.028   5.933   1.00 19.02 ? 28  ALA A CA  1 
ATOM   214 C C   . ALA A 1 28 ? -6.287  2.464   5.593   1.00 17.70 ? 28  ALA A C   1 
ATOM   215 O O   . ALA A 1 28 ? -6.569  2.982   4.534   1.00 18.75 ? 28  ALA A O   1 
ATOM   216 C CB  . ALA A 1 28 ? -5.668  0.126   5.243   1.00 18.41 ? 28  ALA A CB  1 
ATOM   217 N N   . ASP A 1 29 ? -5.712  3.165   6.586   1.00 18.84 ? 29  ASP A N   1 
ATOM   218 C CA  . ASP A 1 29 ? -5.252  4.541   6.302   1.00 17.68 ? 29  ASP A CA  1 
ATOM   219 C C   . ASP A 1 29 ? -4.032  4.607   5.397   1.00 16.61 ? 29  ASP A C   1 
ATOM   220 O O   . ASP A 1 29 ? -3.924  5.528   4.589   1.00 21.51 ? 29  ASP A O   1 
ATOM   221 C CB  . ASP A 1 29 ? -4.842  5.143   7.631   1.00 20.48 ? 29  ASP A CB  1 
ATOM   222 C CG  . ASP A 1 29 ? -6.005  5.274   8.640   1.00 23.32 ? 29  ASP A CG  1 
ATOM   223 O OD1 . ASP A 1 29 ? -7.195  5.294   8.259   1.00 24.46 ? 29  ASP A OD1 1 
ATOM   224 O OD2 . ASP A 1 29 ? -5.635  5.497   9.880   1.00 30.39 ? 29  ASP A OD2 1 
ATOM   225 N N   . ASP A 1 30 ? -3.193  3.568   5.487   1.00 17.70 ? 30  ASP A N   1 
ATOM   226 C CA  . ASP A 1 30 ? -1.824  3.570   4.958   1.00 19.78 ? 30  ASP A CA  1 
ATOM   227 C C   . ASP A 1 30 ? -1.645  2.371   4.025   1.00 19.63 ? 30  ASP A C   1 
ATOM   228 O O   . ASP A 1 30 ? -2.396  1.409   4.086   1.00 21.25 ? 30  ASP A O   1 
ATOM   229 C CB  . ASP A 1 30 ? -0.779  3.468   6.082   1.00 22.30 ? 30  ASP A CB  1 
ATOM   230 C CG  . ASP A 1 30 ? -0.970  4.531   7.151   1.00 29.64 ? 30  ASP A CG  1 
ATOM   231 O OD1 . ASP A 1 30 ? -1.064  5.733   6.793   1.00 28.59 ? 30  ASP A OD1 1 
ATOM   232 O OD2 . ASP A 1 30 ? -1.027  4.153   8.349   1.00 34.39 ? 30  ASP A OD2 1 
ATOM   233 N N   . THR A 1 31 ? -0.598  2.427   3.227   1.00 19.18 ? 31  THR A N   1 
ATOM   234 C CA  . THR A 1 31 ? -0.200  1.418   2.264   1.00 17.10 ? 31  THR A CA  1 
ATOM   235 C C   . THR A 1 31 ? 1.075   0.749   2.779   1.00 18.88 ? 31  THR A C   1 
ATOM   236 O O   . THR A 1 31 ? 2.058   1.453   3.171   1.00 18.14 ? 31  THR A O   1 
ATOM   237 C CB  . THR A 1 31 ? 0.063   2.137   0.918   1.00 17.77 ? 31  THR A CB  1 
ATOM   238 O OG1 . THR A 1 31 ? -1.204  2.591   0.435   1.00 18.22 ? 31  THR A OG1 1 
ATOM   239 C CG2 . THR A 1 31 ? 0.726   1.236   -0.138  1.00 18.20 ? 31  THR A CG2 1 
ATOM   240 N N   . ILE A 1 32 ? 1.069   -0.599  2.807   1.00 18.23 ? 32  ILE A N   1 
ATOM   241 C CA  . ILE A 1 32 ? 2.183   -1.354  3.452   1.00 18.63 ? 32  ILE A CA  1 
ATOM   242 C C   . ILE A 1 32 ? 2.496   -2.585  2.582   1.00 19.98 ? 32  ILE A C   1 
ATOM   243 O O   . ILE A 1 32 ? 1.576   -3.272  2.076   1.00 19.68 ? 32  ILE A O   1 
ATOM   244 C CB  . ILE A 1 32 ? 1.891   -1.723  4.868   1.00 20.98 ? 32  ILE A CB  1 
ATOM   245 C CG1 . ILE A 1 32 ? 3.081   -2.471  5.485   1.00 22.46 ? 32  ILE A CG1 1 
ATOM   246 C CG2 . ILE A 1 32 ? 0.669   -2.580  5.006   1.00 22.27 ? 32  ILE A CG2 1 
ATOM   247 C CD1 . ILE A 1 32 ? 2.994   -2.398  6.980   1.00 24.08 ? 32  ILE A CD1 1 
ATOM   248 N N   . PHE A 1 33 ? 3.768   -2.802  2.384   1.00 19.28 ? 33  PHE A N   1 
ATOM   249 C CA  . PHE A 1 33 ? 4.273   -3.972  1.629   1.00 19.28 ? 33  PHE A CA  1 
ATOM   250 C C   . PHE A 1 33 ? 5.274   -4.710  2.475   1.00 19.67 ? 33  PHE A C   1 
ATOM   251 O O   . PHE A 1 33 ? 6.022   -4.125  3.267   1.00 20.55 ? 33  PHE A O   1 
ATOM   252 C CB  . PHE A 1 33 ? 4.964   -3.577  0.325   1.00 19.55 ? 33  PHE A CB  1 
ATOM   253 C CG  . PHE A 1 33 ? 4.027   -3.162  -0.732  1.00 22.14 ? 33  PHE A CG  1 
ATOM   254 C CD1 . PHE A 1 33 ? 3.514   -4.057  -1.637  1.00 21.26 ? 33  PHE A CD1 1 
ATOM   255 C CD2 . PHE A 1 33 ? 3.644   -1.835  -0.803  1.00 23.16 ? 33  PHE A CD2 1 
ATOM   256 C CE1 . PHE A 1 33 ? 2.599   -3.666  -2.581  1.00 22.11 ? 33  PHE A CE1 1 
ATOM   257 C CE2 . PHE A 1 33 ? 2.754   -1.418  -1.789  1.00 26.23 ? 33  PHE A CE2 1 
ATOM   258 C CZ  . PHE A 1 33 ? 2.227   -2.355  -2.650  1.00 23.70 ? 33  PHE A CZ  1 
ATOM   259 N N   A GLU A 1 34 ? 5.388   -6.028  2.282   0.50 23.27 ? 34  GLU A N   1 
ATOM   260 N N   B GLU A 1 34 ? 5.243   -6.042  2.381   0.50 21.62 ? 34  GLU A N   1 
ATOM   261 C CA  A GLU A 1 34 ? 6.291   -6.839  3.117   0.50 28.96 ? 34  GLU A CA  1 
ATOM   262 C CA  B GLU A 1 34 ? 6.362   -6.812  2.875   0.50 26.12 ? 34  GLU A CA  1 
ATOM   263 C C   A GLU A 1 34 ? 7.833   -6.639  3.198   0.50 31.52 ? 34  GLU A C   1 
ATOM   264 C C   B GLU A 1 34 ? 7.607   -6.532  2.043   0.50 26.74 ? 34  GLU A C   1 
ATOM   265 O O   A GLU A 1 34 ? 8.415   -6.561  4.269   0.50 39.47 ? 34  GLU A O   1 
ATOM   266 O O   B GLU A 1 34 ? 7.625   -5.698  1.169   0.50 24.20 ? 34  GLU A O   1 
ATOM   267 C CB  . GLU A 1 34 ? 6.019   -8.318  2.858   1.00 31.53 ? 34  GLU A CB  1 
ATOM   268 C CG  . GLU A 1 34 ? 6.613   -9.136  3.988   1.00 43.57 ? 34  GLU A CG  1 
ATOM   269 C CD  . GLU A 1 34 ? 5.606   -10.123 4.577   1.00 52.65 ? 34  GLU A CD  1 
ATOM   270 O OE1 . GLU A 1 34 ? 4.817   -10.739 3.783   1.00 59.66 ? 34  GLU A OE1 1 
ATOM   271 O OE2 . GLU A 1 34 ? 5.605   -10.230 5.833   1.00 55.36 ? 34  GLU A OE2 1 
ATOM   272 N N   A GLU A 1 35 ? 8.535   -6.648  2.108   0.50 31.76 ? 35  GLU A N   1 
ATOM   273 N N   B GLU A 1 35 ? 8.711   -7.139  2.423   0.50 29.99 ? 35  GLU A N   1 
ATOM   274 C CA  A GLU A 1 35 ? 9.933   -6.251  2.212   0.50 30.74 ? 35  GLU A CA  1 
ATOM   275 C CA  B GLU A 1 35 ? 9.904   -7.144  1.541   0.50 36.03 ? 35  GLU A CA  1 
ATOM   276 C C   A GLU A 1 35 ? 10.271  -6.093  0.765   0.50 29.68 ? 35  GLU A C   1 
ATOM   277 C C   B GLU A 1 35 ? 9.814   -6.325  0.249   0.50 35.24 ? 35  GLU A C   1 
ATOM   278 O O   A GLU A 1 35 ? 10.073  -7.000  -0.067  0.50 33.42 ? 35  GLU A O   1 
ATOM   279 O O   B GLU A 1 35 ? 9.155   -6.715  -0.737  0.50 34.94 ? 35  GLU A O   1 
ATOM   280 C CB  A GLU A 1 35 ? 10.826  -7.272  2.982   0.50 28.96 ? 35  GLU A CB  1 
ATOM   281 C CB  B GLU A 1 35 ? 10.373  -8.586  1.210   0.50 38.85 ? 35  GLU A CB  1 
ATOM   282 C CG  A GLU A 1 35 ? 12.263  -6.897  3.037   0.50 30.82 ? 35  GLU A CG  1 
ATOM   283 C CG  B GLU A 1 35 ? 9.605   -9.353  0.142   0.50 41.23 ? 35  GLU A CG  1 
ATOM   284 C CD  A GLU A 1 35 ? 12.412  -5.486  3.531   0.50 28.65 ? 35  GLU A CD  1 
ATOM   285 C CD  B GLU A 1 35 ? 8.935   -10.588 0.685   0.50 45.51 ? 35  GLU A CD  1 
ATOM   286 O OE1 A GLU A 1 35 ? 12.114  -5.244  4.719   0.50 31.12 ? 35  GLU A OE1 1 
ATOM   287 O OE1 B GLU A 1 35 ? 8.238   -11.265 -0.088  0.50 48.21 ? 35  GLU A OE1 1 
ATOM   288 O OE2 A GLU A 1 35 ? 12.784  -4.625  2.740   0.50 28.76 ? 35  GLU A OE2 1 
ATOM   289 O OE2 B GLU A 1 35 ? 9.119   -10.899 1.887   0.50 47.45 ? 35  GLU A OE2 1 
ATOM   290 N N   A ILE A 1 36 ? 10.636  -4.866  0.441   0.50 32.06 ? 36  ILE A N   1 
ATOM   291 N N   B ILE A 1 36 ? 10.511  -5.192  0.266   0.50 35.35 ? 36  ILE A N   1 
ATOM   292 C CA  A ILE A 1 36 ? 10.833  -4.461  -0.928  0.50 32.16 ? 36  ILE A CA  1 
ATOM   293 C CA  B ILE A 1 36 ? 10.811  -4.478  -0.960  0.50 33.40 ? 36  ILE A CA  1 
ATOM   294 C C   . ILE A 1 36 ? 11.856  -3.388  -0.764  1.00 33.24 ? 36  ILE A C   1 
ATOM   295 O O   . ILE A 1 36 ? 11.882  -2.735  0.253   1.00 37.56 ? 36  ILE A O   1 
ATOM   296 C CB  . ILE A 1 36 ? 9.525   -3.932  -1.593  1.00 32.86 ? 36  ILE A CB  1 
ATOM   297 C CG1 . ILE A 1 36 ? 9.802   -3.375  -2.970  1.00 34.85 ? 36  ILE A CG1 1 
ATOM   298 C CG2 . ILE A 1 36 ? 8.869   -2.853  -0.749  1.00 29.83 ? 36  ILE A CG2 1 
ATOM   299 C CD1 . ILE A 1 36 ? 8.594   -3.475  -3.831  1.00 36.64 ? 36  ILE A CD1 1 
ATOM   300 N N   . SER A 1 37 ? 12.754  -3.221  -1.727  1.00 30.95 ? 37  SER A N   1 
ATOM   301 C CA  . SER A 1 37 ? 13.741  -2.173  -1.547  1.00 32.84 ? 37  SER A CA  1 
ATOM   302 C C   . SER A 1 37 ? 13.193  -0.937  -2.305  1.00 27.49 ? 37  SER A C   1 
ATOM   303 O O   . SER A 1 37 ? 12.802  -0.987  -3.444  1.00 27.82 ? 37  SER A O   1 
ATOM   304 C CB  . SER A 1 37 ? 15.115  -2.589  -2.022  1.00 39.89 ? 37  SER A CB  1 
ATOM   305 O OG  . SER A 1 37 ? 15.027  -2.912  -3.390  1.00 49.42 ? 37  SER A OG  1 
ATOM   306 N N   . LEU A 1 38 ? 13.160  0.145   -1.596  1.00 25.84 ? 38  LEU A N   1 
ATOM   307 C CA  . LEU A 1 38 ? 12.660  1.413   -2.136  1.00 22.94 ? 38  LEU A CA  1 
ATOM   308 C C   . LEU A 1 38 ? 13.738  2.462   -2.026  1.00 25.06 ? 38  LEU A C   1 
ATOM   309 O O   . LEU A 1 38 ? 14.621  2.367   -1.177  1.00 28.26 ? 38  LEU A O   1 
ATOM   310 C CB  . LEU A 1 38 ? 11.422  1.822   -1.351  1.00 22.15 ? 38  LEU A CB  1 
ATOM   311 C CG  . LEU A 1 38 ? 10.232  0.878   -1.513  1.00 22.04 ? 38  LEU A CG  1 
ATOM   312 C CD1 . LEU A 1 38 ? 9.112   1.362   -0.603  1.00 21.66 ? 38  LEU A CD1 1 
ATOM   313 C CD2 . LEU A 1 38 ? 9.746   0.842   -2.934  1.00 23.70 ? 38  LEU A CD2 1 
ATOM   314 N N   . PRO A 1 39 ? 13.592  3.532   -2.846  1.00 26.04 ? 39  PRO A N   1 
ATOM   315 C CA  . PRO A 1 39 ? 14.582  4.629   -2.853  1.00 27.35 ? 39  PRO A CA  1 
ATOM   316 C C   . PRO A 1 39 ? 14.380  5.662   -1.723  1.00 24.48 ? 39  PRO A C   1 
ATOM   317 O O   . PRO A 1 39 ? 13.267  5.799   -1.213  1.00 24.40 ? 39  PRO A O   1 
ATOM   318 C CB  . PRO A 1 39 ? 14.373  5.260   -4.220  1.00 28.42 ? 39  PRO A CB  1 
ATOM   319 C CG  . PRO A 1 39 ? 12.963  4.919   -4.601  1.00 29.91 ? 39  PRO A CG  1 
ATOM   320 C CD  . PRO A 1 39 ? 12.720  3.558   -4.039  1.00 27.61 ? 39  PRO A CD  1 
ATOM   321 N N   . GLY A 1 40 ? 15.434  6.411   -1.401  1.00 25.24 ? 40  GLY A N   1 
ATOM   322 C CA  . GLY A 1 40 ? 15.309  7.514   -0.508  1.00 24.17 ? 40  GLY A CA  1 
ATOM   323 C C   . GLY A 1 40 ? 15.563  7.196   0.918   1.00 24.03 ? 40  GLY A C   1 
ATOM   324 O O   . GLY A 1 40 ? 16.008  6.057   1.220   1.00 25.21 ? 40  GLY A O   1 
ATOM   325 N N   . ARG A 1 41 ? 15.308  8.168   1.792   1.00 23.45 ? 41  ARG A N   1 
ATOM   326 C CA  . ARG A 1 41 ? 15.603  8.084   3.197   1.00 28.04 ? 41  ARG A CA  1 
ATOM   327 C C   . ARG A 1 41 ? 14.348  7.587   3.898   1.00 26.18 ? 41  ARG A C   1 
ATOM   328 O O   . ARG A 1 41 ? 13.300  8.191   3.806   1.00 35.47 ? 41  ARG A O   1 
ATOM   329 C CB  . ARG A 1 41 ? 16.004  9.413   3.802   1.00 31.61 ? 41  ARG A CB  1 
ATOM   330 C CG  . ARG A 1 41 ? 16.554  9.282   5.209   1.00 37.64 ? 41  ARG A CG  1 
ATOM   331 C CD  . ARG A 1 41 ? 17.184  10.596  5.656   1.00 43.88 ? 41  ARG A CD  1 
ATOM   332 N NE  . ARG A 1 41 ? 16.274  11.621  5.155   1.00 56.96 ? 41  ARG A NE  1 
ATOM   333 C CZ  . ARG A 1 41 ? 16.556  12.551  4.235   1.00 60.09 ? 41  ARG A CZ  1 
ATOM   334 N NH1 . ARG A 1 41 ? 17.813  12.689  3.755   1.00 54.20 ? 41  ARG A NH1 1 
ATOM   335 N NH2 . ARG A 1 41 ? 15.555  13.369  3.832   1.00 57.25 ? 41  ARG A NH2 1 
ATOM   336 N N   . TRP A 1 42 ? 14.466  6.575   4.700   1.00 24.28 ? 42  TRP A N   1 
ATOM   337 C CA  . TRP A 1 42 ? 13.316  6.177   5.465   1.00 20.82 ? 42  TRP A CA  1 
ATOM   338 C C   . TRP A 1 42 ? 13.475  6.614   6.893   1.00 24.81 ? 42  TRP A C   1 
ATOM   339 O O   . TRP A 1 42 ? 14.589  6.997   7.344   1.00 24.47 ? 42  TRP A O   1 
ATOM   340 C CB  . TRP A 1 42 ? 13.119  4.654   5.393   1.00 22.62 ? 42  TRP A CB  1 
ATOM   341 C CG  . TRP A 1 42 ? 14.297  3.857   5.794   1.00 21.84 ? 42  TRP A CG  1 
ATOM   342 C CD1 . TRP A 1 42 ? 15.284  3.453   4.992   1.00 24.00 ? 42  TRP A CD1 1 
ATOM   343 C CD2 . TRP A 1 42 ? 14.596  3.333   7.087   1.00 23.50 ? 42  TRP A CD2 1 
ATOM   344 N NE1 . TRP A 1 42 ? 16.197  2.686   5.688   1.00 28.25 ? 42  TRP A NE1 1 
ATOM   345 C CE2 . TRP A 1 42 ? 15.829  2.664   6.989   1.00 23.48 ? 42  TRP A CE2 1 
ATOM   346 C CE3 . TRP A 1 42 ? 13.970  3.414   8.297   1.00 23.56 ? 42  TRP A CE3 1 
ATOM   347 C CZ2 . TRP A 1 42 ? 16.435  2.043   8.089   1.00 27.26 ? 42  TRP A CZ2 1 
ATOM   348 C CZ3 . TRP A 1 42 ? 14.569  2.789   9.403   1.00 25.65 ? 42  TRP A CZ3 1 
ATOM   349 C CH2 . TRP A 1 42 ? 15.768  2.102   9.270   1.00 26.30 ? 42  TRP A CH2 1 
ATOM   350 N N   . LYS A 1 43 ? 12.357  6.574   7.611   1.00 23.42 ? 43  LYS A N   1 
ATOM   351 C CA  . LYS A 1 43 ? 12.363  6.703   9.036   1.00 27.06 ? 43  LYS A CA  1 
ATOM   352 C C   . LYS A 1 43 ? 11.488  5.633   9.677   1.00 25.90 ? 43  LYS A C   1 
ATOM   353 O O   . LYS A 1 43 ? 10.505  5.220   9.087   1.00 25.90 ? 43  LYS A O   1 
ATOM   354 C CB  . LYS A 1 43 ? 11.906  8.083   9.446   1.00 30.25 ? 43  LYS A CB  1 
ATOM   355 C CG  . LYS A 1 43 ? 10.515  8.417   9.103   1.00 32.83 ? 43  LYS A CG  1 
ATOM   356 C CD  . LYS A 1 43 ? 10.229  9.875   9.339   1.00 39.35 ? 43  LYS A CD  1 
ATOM   357 C CE  . LYS A 1 43 ? 8.833   10.192  8.808   1.00 45.42 ? 43  LYS A CE  1 
ATOM   358 N NZ  . LYS A 1 43 ? 8.496   11.629  9.029   1.00 54.51 ? 43  LYS A NZ  1 
ATOM   359 N N   . PRO A 1 44 ? 11.869  5.168   10.858  1.00 30.10 ? 44  PRO A N   1 
ATOM   360 C CA  . PRO A 1 44 ? 11.049  4.226   11.586  1.00 29.29 ? 44  PRO A CA  1 
ATOM   361 C C   . PRO A 1 44 ? 9.718   4.833   11.961  1.00 31.55 ? 44  PRO A C   1 
ATOM   362 O O   . PRO A 1 44 ? 9.590   6.033   12.154  1.00 33.82 ? 44  PRO A O   1 
ATOM   363 C CB  . PRO A 1 44 ? 11.884  3.881   12.827  1.00 34.07 ? 44  PRO A CB  1 
ATOM   364 C CG  . PRO A 1 44 ? 12.886  4.988   12.939  1.00 32.48 ? 44  PRO A CG  1 
ATOM   365 C CD  . PRO A 1 44 ? 13.155  5.421   11.549  1.00 31.56 ? 44  PRO A CD  1 
ATOM   366 N N   . LYS A 1 45 ? 8.686   4.016   11.974  1.00 26.53 ? 45  LYS A N   1 
ATOM   367 C CA  . LYS A 1 45 ? 7.312   4.425   12.322  1.00 28.91 ? 45  LYS A CA  1 
ATOM   368 C C   . LYS A 1 45 ? 6.724   3.256   13.093  1.00 29.71 ? 45  LYS A C   1 
ATOM   369 O O   . LYS A 1 45 ? 6.949   2.146   12.706  1.00 26.49 ? 45  LYS A O   1 
ATOM   370 C CB  . LYS A 1 45 ? 6.499   4.725   11.110  1.00 31.05 ? 45  LYS A CB  1 
ATOM   371 C CG  . LYS A 1 45 ? 5.029   5.090   11.327  1.00 39.26 ? 45  LYS A CG  1 
ATOM   372 C CD  . LYS A 1 45 ? 4.389   5.576   10.014  1.00 43.45 ? 45  LYS A CD  1 
ATOM   373 C CE  . LYS A 1 45 ? 2.889   5.430   9.928   1.00 45.89 ? 45  LYS A CE  1 
ATOM   374 N NZ  . LYS A 1 45 ? 2.189   6.614   10.404  1.00 49.54 ? 45  LYS A NZ  1 
ATOM   375 N N   . LEU A 1 46 ? 5.985   3.514   14.185  1.00 27.14 ? 46  LEU A N   1 
ATOM   376 C CA  . LEU A 1 46 ? 5.204   2.498   14.874  1.00 26.43 ? 46  LEU A CA  1 
ATOM   377 C C   . LEU A 1 46 ? 3.832   2.624   14.410  1.00 26.61 ? 46  LEU A C   1 
ATOM   378 O O   . LEU A 1 46 ? 3.249   3.722   14.481  1.00 30.63 ? 46  LEU A O   1 
ATOM   379 C CB  . LEU A 1 46 ? 5.213   2.708   16.407  1.00 26.62 ? 46  LEU A CB  1 
ATOM   380 C CG  . LEU A 1 46 ? 6.515   2.615   17.052  1.00 29.74 ? 46  LEU A CG  1 
ATOM   381 C CD1 . LEU A 1 46 ? 6.390   2.875   18.541  1.00 32.73 ? 46  LEU A CD1 1 
ATOM   382 C CD2 . LEU A 1 46 ? 7.123   1.258   16.873  1.00 31.61 ? 46  LEU A CD2 1 
ATOM   383 N N   . ILE A 1 47 ? 3.237   1.539   13.944  1.00 21.80 ? 47  ILE A N   1 
ATOM   384 C CA  . ILE A 1 47 ? 1.916   1.592   13.474  1.00 23.98 ? 47  ILE A CA  1 
ATOM   385 C C   . ILE A 1 47 ? 1.009   0.627   14.229  1.00 23.99 ? 47  ILE A C   1 
ATOM   386 O O   . ILE A 1 47 ? 1.411   -0.357  14.854  1.00 24.20 ? 47  ILE A O   1 
ATOM   387 C CB  . ILE A 1 47 ? 1.811   1.341   11.994  1.00 22.68 ? 47  ILE A CB  1 
ATOM   388 C CG1 . ILE A 1 47 ? 2.228   -0.091  11.666  1.00 23.50 ? 47  ILE A CG1 1 
ATOM   389 C CG2 . ILE A 1 47 ? 2.539   2.480   11.235  1.00 25.59 ? 47  ILE A CG2 1 
ATOM   390 C CD1 . ILE A 1 47 ? 1.967   -0.443  10.194  1.00 24.95 ? 47  ILE A CD1 1 
ATOM   391 N N   . GLY A 1 48 ? -0.258  0.945   14.154  1.00 26.06 ? 48  GLY A N   1 
ATOM   392 C CA  . GLY A 1 48 ? -1.249  0.091   14.746  1.00 26.41 ? 48  GLY A CA  1 
ATOM   393 C C   . GLY A 1 48 ? -1.807  0.614   16.035  1.00 26.28 ? 48  GLY A C   1 
ATOM   394 O O   . GLY A 1 48 ? -2.655  1.497   15.998  1.00 30.78 ? 48  GLY A O   1 
ATOM   395 N N   . GLY A 1 49 ? -1.388  0.015   17.124  1.00 24.32 ? 49  GLY A N   1 
ATOM   396 C CA  . GLY A 1 49 ? -1.825  0.381   18.432  1.00 23.48 ? 49  GLY A CA  1 
ATOM   397 C C   . GLY A 1 49 ? -2.924  -0.455  19.040  1.00 23.86 ? 49  GLY A C   1 
ATOM   398 O O   . GLY A 1 49 ? -3.136  -0.413  20.251  1.00 25.79 ? 49  GLY A O   1 
ATOM   399 N N   . ILE A 1 50 ? -3.621  -1.252  18.217  1.00 23.09 ? 50  ILE A N   1 
ATOM   400 C CA  . ILE A 1 50 ? -4.715  -2.044  18.712  1.00 23.64 ? 50  ILE A CA  1 
ATOM   401 C C   . ILE A 1 50 ? -4.145  -3.431  19.057  1.00 22.98 ? 50  ILE A C   1 
ATOM   402 O O   . ILE A 1 50 ? -4.137  -4.359  18.183  1.00 25.91 ? 50  ILE A O   1 
ATOM   403 C CB  . ILE A 1 50 ? -5.888  -2.118  17.711  1.00 23.77 ? 50  ILE A CB  1 
ATOM   404 C CG1 . ILE A 1 50 ? -6.310  -0.733  17.188  1.00 25.38 ? 50  ILE A CG1 1 
ATOM   405 C CG2 . ILE A 1 50 ? -7.122  -2.667  18.384  1.00 25.58 ? 50  ILE A CG2 1 
ATOM   406 C CD1 . ILE A 1 50 ? -7.360  -0.724  16.070  1.00 27.39 ? 50  ILE A CD1 1 
ATOM   407 N N   . GLY A 1 51 ? -3.697  -3.567  20.300  1.00 23.89 ? 51  GLY A N   1 
ATOM   408 C CA  . GLY A 1 51 ? -3.039  -4.749  20.860  1.00 25.39 ? 51  GLY A CA  1 
ATOM   409 C C   . GLY A 1 51 ? -1.532  -4.720  20.896  1.00 24.71 ? 51  GLY A C   1 
ATOM   410 O O   . GLY A 1 51 ? -0.881  -5.637  21.374  1.00 25.93 ? 51  GLY A O   1 
ATOM   411 N N   . GLY A 1 52 ? -0.941  -3.739  20.259  1.00 24.43 ? 52  GLY A N   1 
ATOM   412 C CA  . GLY A 1 52 ? 0.517   -3.655  20.152  1.00 24.57 ? 52  GLY A CA  1 
ATOM   413 C C   . GLY A 1 52 ? 0.836   -2.800  18.955  1.00 21.67 ? 52  GLY A C   1 
ATOM   414 O O   . GLY A 1 52 ? -0.104  -2.206  18.305  1.00 22.90 ? 52  GLY A O   1 
ATOM   415 N N   . PHE A 1 53 ? 2.138   -2.626  18.723  1.00 22.42 ? 53  PHE A N   1 
ATOM   416 C CA  . PHE A 1 53 ? 2.605   -1.809  17.635  1.00 22.23 ? 53  PHE A CA  1 
ATOM   417 C C   . PHE A 1 53 ? 3.535   -2.674  16.761  1.00 22.27 ? 53  PHE A C   1 
ATOM   418 O O   . PHE A 1 53 ? 4.207   -3.548  17.244  1.00 25.31 ? 53  PHE A O   1 
ATOM   419 C CB  . PHE A 1 53 ? 3.429   -0.643  18.161  1.00 22.91 ? 53  PHE A CB  1 
ATOM   420 C CG  . PHE A 1 53 ? 2.608   0.390   18.874  1.00 24.48 ? 53  PHE A CG  1 
ATOM   421 C CD1 . PHE A 1 53 ? 1.861   1.290   18.141  1.00 26.83 ? 53  PHE A CD1 1 
ATOM   422 C CD2 . PHE A 1 53 ? 2.608   0.442   20.230  1.00 28.82 ? 53  PHE A CD2 1 
ATOM   423 C CE1 . PHE A 1 53 ? 1.078   2.257   18.790  1.00 28.17 ? 53  PHE A CE1 1 
ATOM   424 C CE2 . PHE A 1 53 ? 1.825   1.419   20.882  1.00 27.82 ? 53  PHE A CE2 1 
ATOM   425 C CZ  . PHE A 1 53 ? 1.070   2.285   20.149  1.00 26.12 ? 53  PHE A CZ  1 
ATOM   426 N N   . MET A 1 54 ? 3.534   -2.367  15.494  1.00 21.66 ? 54  MET A N   1 
ATOM   427 C CA  . MET A 1 54 ? 4.488   -2.904  14.514  1.00 21.97 ? 54  MET A CA  1 
ATOM   428 C C   . MET A 1 54 ? 5.407   -1.781  14.070  1.00 19.66 ? 54  MET A C   1 
ATOM   429 O O   . MET A 1 54 ? 4.954   -0.665  13.746  1.00 21.55 ? 54  MET A O   1 
ATOM   430 C CB  . MET A 1 54 ? 3.739   -3.466  13.289  1.00 23.73 ? 54  MET A CB  1 
ATOM   431 C CG  . MET A 1 54 ? 4.679   -3.915  12.206  1.00 26.92 ? 54  MET A CG  1 
ATOM   432 S SD  . MET A 1 54 ? 3.874   -4.585  10.685  1.00 31.67 ? 54  MET A SD  1 
ATOM   433 C CE  . MET A 1 54 ? 3.307   -6.168  11.294  1.00 39.06 ? 54  MET A CE  1 
ATOM   434 N N   . LYS A 1 55 ? 6.733   -2.024  14.107  1.00 18.65 ? 55  LYS A N   1 
ATOM   435 C CA  . LYS A 1 55 ? 7.702   -1.066  13.601  1.00 18.73 ? 55  LYS A CA  1 
ATOM   436 C C   . LYS A 1 55 ? 7.918   -1.339  12.102  1.00 20.29 ? 55  LYS A C   1 
ATOM   437 O O   . LYS A 1 55 ? 8.102   -2.487  11.673  1.00 20.59 ? 55  LYS A O   1 
ATOM   438 C CB  . LYS A 1 55 ? 8.998   -1.104  14.361  1.00 21.76 ? 55  LYS A CB  1 
ATOM   439 C CG  . LYS A 1 55 ? 9.867   0.038   14.004  1.00 25.80 ? 55  LYS A CG  1 
ATOM   440 C CD  . LYS A 1 55 ? 11.187  -0.043  14.709  1.00 28.80 ? 55  LYS A CD  1 
ATOM   441 C CE  . LYS A 1 55 ? 11.143  0.000   16.202  1.00 34.83 ? 55  LYS A CE  1 
ATOM   442 N NZ  . LYS A 1 55 ? 12.575  0.100   16.612  1.00 42.31 ? 55  LYS A NZ  1 
ATOM   443 N N   . VAL A 1 56 ? 7.797   -0.276  11.321  1.00 18.55 ? 56  VAL A N   1 
ATOM   444 C CA  . VAL A 1 56 ? 7.966   -0.312  9.878   1.00 18.73 ? 56  VAL A CA  1 
ATOM   445 C C   . VAL A 1 56 ? 8.912   0.800   9.406   1.00 19.40 ? 56  VAL A C   1 
ATOM   446 O O   . VAL A 1 56 ? 9.252   1.700   10.204  1.00 19.69 ? 56  VAL A O   1 
ATOM   447 C CB  . VAL A 1 56 ? 6.615   -0.146  9.206   1.00 20.61 ? 56  VAL A CB  1 
ATOM   448 C CG1 . VAL A 1 56 ? 5.689   -1.221  9.679   1.00 22.97 ? 56  VAL A CG1 1 
ATOM   449 C CG2 . VAL A 1 56 ? 6.037   1.200   9.492   1.00 21.80 ? 56  VAL A CG2 1 
ATOM   450 N N   . ARG A 1 57 ? 9.388   0.706   8.161   1.00 17.80 ? 57  ARG A N   1 
ATOM   451 C CA  . ARG A 1 57 ? 10.175  1.740   7.557   1.00 18.29 ? 57  ARG A CA  1 
ATOM   452 C C   . ARG A 1 57 ? 9.200   2.580   6.747   1.00 17.88 ? 57  ARG A C   1 
ATOM   453 O O   . ARG A 1 57 ? 8.500   2.057   5.860   1.00 18.74 ? 57  ARG A O   1 
ATOM   454 C CB  . ARG A 1 57 ? 11.284  1.174   6.647   1.00 18.98 ? 57  ARG A CB  1 
ATOM   455 C CG  . ARG A 1 57 ? 12.355  0.405   7.429   1.00 21.18 ? 57  ARG A CG  1 
ATOM   456 C CD  . ARG A 1 57 ? 13.484  0.071   6.423   1.00 24.36 ? 57  ARG A CD  1 
ATOM   457 N NE  . ARG A 1 57 ? 13.223  -1.294  6.172   1.00 38.40 ? 57  ARG A NE  1 
ATOM   458 C CZ  . ARG A 1 57 ? 13.004  -1.916  5.056   1.00 34.43 ? 57  ARG A CZ  1 
ATOM   459 N NH1 . ARG A 1 57 ? 13.072  -1.410  3.849   1.00 38.57 ? 57  ARG A NH1 1 
ATOM   460 N NH2 . ARG A 1 57 ? 12.737  -3.158  5.197   1.00 38.92 ? 57  ARG A NH2 1 
ATOM   461 N N   . GLN A 1 58 ? 9.180   3.884   6.995   1.00 20.16 ? 58  GLN A N   1 
ATOM   462 C CA  . GLN A 1 58 ? 8.333   4.789   6.213   1.00 19.46 ? 58  GLN A CA  1 
ATOM   463 C C   . GLN A 1 58 ? 9.122   5.496   5.113   1.00 19.69 ? 58  GLN A C   1 
ATOM   464 O O   . GLN A 1 58 ? 10.126  6.201   5.448   1.00 20.91 ? 58  GLN A O   1 
ATOM   465 C CB  . GLN A 1 58 ? 7.773   5.872   7.155   1.00 20.92 ? 58  GLN A CB  1 
ATOM   466 C CG  . GLN A 1 58 ? 6.901   6.835   6.389   1.00 20.06 ? 58  GLN A CG  1 
ATOM   467 C CD  . GLN A 1 58 ? 6.305   7.886   7.284   1.00 25.32 ? 58  GLN A CD  1 
ATOM   468 O OE1 . GLN A 1 58 ? 6.110   7.688   8.450   1.00 28.65 ? 58  GLN A OE1 1 
ATOM   469 N NE2 . GLN A 1 58 ? 6.075   9.019   6.741   1.00 26.97 ? 58  GLN A NE2 1 
ATOM   470 N N   . TYR A 1 59 ? 8.739   5.253   3.869   1.00 16.98 ? 59  TYR A N   1 
ATOM   471 C CA  . TYR A 1 59 ? 9.339   5.884   2.697   1.00 19.49 ? 59  TYR A CA  1 
ATOM   472 C C   . TYR A 1 59 ? 8.310   6.858   2.148   1.00 20.81 ? 59  TYR A C   1 
ATOM   473 O O   . TYR A 1 59 ? 7.167   6.481   1.804   1.00 22.31 ? 59  TYR A O   1 
ATOM   474 C CB  . TYR A 1 59 ? 9.656   4.876   1.628   1.00 20.20 ? 59  TYR A CB  1 
ATOM   475 C CG  . TYR A 1 59 ? 10.756  3.912   1.994   1.00 18.88 ? 59  TYR A CG  1 
ATOM   476 C CD1 . TYR A 1 59 ? 10.455  2.744   2.653   1.00 21.18 ? 59  TYR A CD1 1 
ATOM   477 C CD2 . TYR A 1 59 ? 12.065  4.146   1.612   1.00 19.79 ? 59  TYR A CD2 1 
ATOM   478 C CE1 . TYR A 1 59 ? 11.426  1.842   2.952   1.00 18.74 ? 59  TYR A CE1 1 
ATOM   479 C CE2 . TYR A 1 59 ? 13.054  3.213   1.909   1.00 20.96 ? 59  TYR A CE2 1 
ATOM   480 C CZ  . TYR A 1 59 ? 12.718  2.067   2.557   1.00 21.49 ? 59  TYR A CZ  1 
ATOM   481 O OH  . TYR A 1 59 ? 13.720  1.155   2.899   1.00 25.56 ? 59  TYR A OH  1 
ATOM   482 N N   . ASP A 1 60 ? 8.699   8.098   2.001   1.00 19.96 ? 60  ASP A N   1 
ATOM   483 C CA  . ASP A 1 60 ? 7.760   9.069   1.370   1.00 20.84 ? 60  ASP A CA  1 
ATOM   484 C C   . ASP A 1 60 ? 8.021   9.221   -0.110  1.00 20.13 ? 60  ASP A C   1 
ATOM   485 O O   . ASP A 1 60 ? 9.080   8.893   -0.665  1.00 20.28 ? 60  ASP A O   1 
ATOM   486 C CB  . ASP A 1 60 ? 7.878   10.393  2.077   1.00 22.64 ? 60  ASP A CB  1 
ATOM   487 C CG  . ASP A 1 60 ? 7.555   10.314  3.566   1.00 27.46 ? 60  ASP A CG  1 
ATOM   488 O OD1 . ASP A 1 60 ? 6.602   9.592   3.956   1.00 25.49 ? 60  ASP A OD1 1 
ATOM   489 O OD2 . ASP A 1 60 ? 8.230   11.009  4.353   1.00 30.89 ? 60  ASP A OD2 1 
ATOM   490 N N   . GLN A 1 61 ? 6.985   9.718   -0.818  1.00 19.86 ? 61  GLN A N   1 
ATOM   491 C CA  . GLN A 1 61 ? 7.077   10.078  -2.197  1.00 21.85 ? 61  GLN A CA  1 
ATOM   492 C C   . GLN A 1 61 ? 7.503   8.953   -3.134  1.00 21.34 ? 61  GLN A C   1 
ATOM   493 O O   . GLN A 1 61 ? 8.380   9.118   -3.985  1.00 21.63 ? 61  GLN A O   1 
ATOM   494 C CB  . GLN A 1 61 ? 8.015   11.302  -2.364  1.00 24.80 ? 61  GLN A CB  1 
ATOM   495 C CG  . GLN A 1 61 ? 7.449   12.557  -1.710  1.00 25.95 ? 61  GLN A CG  1 
ATOM   496 C CD  . GLN A 1 61 ? 6.295   13.131  -2.526  1.00 25.20 ? 61  GLN A CD  1 
ATOM   497 O OE1 . GLN A 1 61 ? 5.136   13.157  -2.093  1.00 29.53 ? 61  GLN A OE1 1 
ATOM   498 N NE2 . GLN A 1 61 ? 6.616   13.493  -3.748  1.00 28.57 ? 61  GLN A NE2 1 
ATOM   499 N N   . ILE A 1 62 ? 6.880   7.794   -2.933  1.00 19.26 ? 62  ILE A N   1 
ATOM   500 C CA  . ILE A 1 62 ? 7.129   6.620   -3.724  1.00 20.44 ? 62  ILE A CA  1 
ATOM   501 C C   . ILE A 1 62 ? 6.095   6.511   -4.798  1.00 20.06 ? 62  ILE A C   1 
ATOM   502 O O   . ILE A 1 62 ? 4.881   6.489   -4.508  1.00 21.53 ? 62  ILE A O   1 
ATOM   503 C CB  . ILE A 1 62 ? 7.127   5.341   -2.841  1.00 19.39 ? 62  ILE A CB  1 
ATOM   504 C CG1 . ILE A 1 62 ? 8.152   5.413   -1.717  1.00 20.61 ? 62  ILE A CG1 1 
ATOM   505 C CG2 . ILE A 1 62 ? 7.227   4.076   -3.706  1.00 21.46 ? 62  ILE A CG2 1 
ATOM   506 C CD1 . ILE A 1 62 ? 9.553   5.443   -2.202  1.00 21.85 ? 62  ILE A CD1 1 
ATOM   507 N N   . PRO A 1 63 ? 6.525   6.393   -6.057  1.00 22.60 ? 63  PRO A N   1 
ATOM   508 C CA  . PRO A 1 63 ? 5.596   6.127   -7.141  1.00 21.90 ? 63  PRO A CA  1 
ATOM   509 C C   . PRO A 1 63 ? 5.192   4.691   -7.248  1.00 23.43 ? 63  PRO A C   1 
ATOM   510 O O   . PRO A 1 63 ? 6.068   3.810   -7.197  1.00 26.74 ? 63  PRO A O   1 
ATOM   511 C CB  . PRO A 1 63 ? 6.374   6.551   -8.389  1.00 24.96 ? 63  PRO A CB  1 
ATOM   512 C CG  . PRO A 1 63 ? 7.734   6.297   -8.012  1.00 25.87 ? 63  PRO A CG  1 
ATOM   513 C CD  . PRO A 1 63 ? 7.896   6.558   -6.532  1.00 24.04 ? 63  PRO A CD  1 
ATOM   514 N N   . ILE A 1 64 ? 3.915   4.496   -7.451  1.00 24.78 ? 64  ILE A N   1 
ATOM   515 C CA  . ILE A 1 64 ? 3.341   3.138   -7.664  1.00 25.04 ? 64  ILE A CA  1 
ATOM   516 C C   . ILE A 1 64 ? 2.350   3.203   -8.823  1.00 26.57 ? 64  ILE A C   1 
ATOM   517 O O   . ILE A 1 64 ? 1.873   4.269   -9.201  1.00 27.20 ? 64  ILE A O   1 
ATOM   518 C CB  . ILE A 1 64 ? 2.780   2.450   -6.360  1.00 27.07 ? 64  ILE A CB  1 
ATOM   519 C CG1 . ILE A 1 64 ? 1.439   3.081   -5.949  1.00 30.35 ? 64  ILE A CG1 1 
ATOM   520 C CG2 . ILE A 1 64 ? 3.844   2.396   -5.230  1.00 28.93 ? 64  ILE A CG2 1 
ATOM   521 C CD1 . ILE A 1 64 ? 0.657   2.296   -4.909  1.00 32.49 ? 64  ILE A CD1 1 
ATOM   522 N N   . GLU A 1 65 ? 2.078   2.084   -9.454  1.00 25.97 ? 65  GLU A N   1 
ATOM   523 C CA  . GLU A 1 65 ? 1.078   2.015   -10.459 1.00 29.30 ? 65  GLU A CA  1 
ATOM   524 C C   . GLU A 1 65 ? 0.091   0.926   -10.010 1.00 30.16 ? 65  GLU A C   1 
ATOM   525 O O   . GLU A 1 65 ? 0.483   -0.193  -9.653  1.00 32.98 ? 65  GLU A O   1 
ATOM   526 C CB  . GLU A 1 65 ? 1.705   1.669   -11.782 1.00 33.73 ? 65  GLU A CB  1 
ATOM   527 C CG  . GLU A 1 65 ? 0.795   1.767   -12.960 1.00 40.47 ? 65  GLU A CG  1 
ATOM   528 C CD  . GLU A 1 65 ? 1.563   1.432   -14.221 1.00 41.72 ? 65  GLU A CD  1 
ATOM   529 O OE1 . GLU A 1 65 ? 2.561   2.155   -14.544 1.00 43.58 ? 65  GLU A OE1 1 
ATOM   530 O OE2 . GLU A 1 65 ? 1.230   0.389   -14.802 1.00 48.45 ? 65  GLU A OE2 1 
ATOM   531 N N   . ILE A 1 66 ? -1.181  1.303   -9.896  1.00 30.53 ? 66  ILE A N   1 
ATOM   532 C CA  . ILE A 1 66 ? -2.223  0.443   -9.244  1.00 33.75 ? 66  ILE A CA  1 
ATOM   533 C C   . ILE A 1 66 ? -3.158  0.154   -10.381 1.00 36.12 ? 66  ILE A C   1 
ATOM   534 O O   . ILE A 1 66 ? -3.725  1.066   -11.031 1.00 38.16 ? 66  ILE A O   1 
ATOM   535 C CB  . ILE A 1 66 ? -2.991  1.083   -8.066  1.00 35.55 ? 66  ILE A CB  1 
ATOM   536 C CG1 . ILE A 1 66 ? -2.052  1.460   -6.936  1.00 37.17 ? 66  ILE A CG1 1 
ATOM   537 C CG2 . ILE A 1 66 ? -4.136  0.170   -7.602  1.00 36.89 ? 66  ILE A CG2 1 
ATOM   538 C CD1 . ILE A 1 66 ? -2.676  2.345   -5.884  1.00 39.72 ? 66  ILE A CD1 1 
ATOM   539 N N   . ALA A 1 67 ? -3.207  -1.117  -10.741 1.00 38.64 ? 67  ALA A N   1 
ATOM   540 C CA  . ALA A 1 67 ? -3.917  -1.499  -11.948 1.00 43.51 ? 67  ALA A CA  1 
ATOM   541 C C   . ALA A 1 67 ? -3.868  -0.455  -13.097 1.00 42.33 ? 67  ALA A C   1 
ATOM   542 O O   . ALA A 1 67 ? -4.881  -0.127  -13.665 1.00 45.78 ? 67  ALA A O   1 
ATOM   543 C CB  . ALA A 1 67 ? -5.365  -1.821  -11.567 1.00 44.92 ? 67  ALA A CB  1 
ATOM   544 N N   . GLY A 1 68 ? -2.696  0.073   -13.447 1.00 46.52 ? 68  GLY A N   1 
ATOM   545 C CA  . GLY A 1 68 ? -2.602  1.005   -14.581 1.00 41.87 ? 68  GLY A CA  1 
ATOM   546 C C   . GLY A 1 68 ? -2.532  2.502   -14.294 1.00 42.40 ? 68  GLY A C   1 
ATOM   547 O O   . GLY A 1 68 ? -2.115  3.293   -15.122 1.00 39.37 ? 68  GLY A O   1 
ATOM   548 N N   . HIS A 1 69 ? -2.868  2.887   -13.071 1.00 42.20 ? 69  HIS A N   1 
ATOM   549 C CA  . HIS A 1 69 ? -2.939  4.295   -12.702 1.00 37.95 ? 69  HIS A CA  1 
ATOM   550 C C   . HIS A 1 69 ? -1.805  4.636   -11.742 1.00 33.27 ? 69  HIS A C   1 
ATOM   551 O O   . HIS A 1 69 ? -1.626  3.958   -10.726 1.00 33.12 ? 69  HIS A O   1 
ATOM   552 C CB  . HIS A 1 69 ? -4.270  4.552   -11.990 1.00 38.53 ? 69  HIS A CB  1 
ATOM   553 C CG  . HIS A 1 69 ? -5.488  4.370   -12.867 1.00 42.23 ? 69  HIS A CG  1 
ATOM   554 N ND1 . HIS A 1 69 ? -6.337  5.412   -13.191 1.00 43.72 ? 69  HIS A ND1 1 
ATOM   555 C CD2 . HIS A 1 69 ? -5.995  3.271   -13.474 1.00 44.37 ? 69  HIS A CD2 1 
ATOM   556 C CE1 . HIS A 1 69 ? -7.324  4.959   -13.942 1.00 42.74 ? 69  HIS A CE1 1 
ATOM   557 N NE2 . HIS A 1 69 ? -7.136  3.666   -14.132 1.00 46.11 ? 69  HIS A NE2 1 
ATOM   558 N N   . LYS A 1 70 ? -1.127  5.720   -12.046 1.00 31.50 ? 70  LYS A N   1 
ATOM   559 C CA  . LYS A 1 70 ? -0.004  6.205   -11.283 1.00 33.10 ? 70  LYS A CA  1 
ATOM   560 C C   . LYS A 1 70 ? -0.436  6.937   -10.018 1.00 30.69 ? 70  LYS A C   1 
ATOM   561 O O   . LYS A 1 70 ? -1.456  7.632   -9.984  1.00 30.30 ? 70  LYS A O   1 
ATOM   562 C CB  . LYS A 1 70 ? 0.890   7.088   -12.176 1.00 42.30 ? 70  LYS A CB  1 
ATOM   563 C CG  . LYS A 1 70 ? 1.181   6.487   -13.559 1.00 54.29 ? 70  LYS A CG  1 
ATOM   564 C CD  . LYS A 1 70 ? 2.651   6.221   -13.900 1.00 63.22 ? 70  LYS A CD  1 
ATOM   565 C CE  . LYS A 1 70 ? 2.831   6.291   -15.441 1.00 70.34 ? 70  LYS A CE  1 
ATOM   566 N NZ  . LYS A 1 70 ? 4.240   6.243   -15.982 1.00 72.12 ? 70  LYS A NZ  1 
ATOM   567 N N   . ALA A 1 71 ? 0.284   6.708   -8.938  1.00 28.39 ? 71  ALA A N   1 
ATOM   568 C CA  . ALA A 1 71 ? 0.046   7.368   -7.629  1.00 26.64 ? 71  ALA A CA  1 
ATOM   569 C C   . ALA A 1 71 ? 1.434   7.613   -7.019  1.00 30.45 ? 71  ALA A C   1 
ATOM   570 O O   . ALA A 1 71 ? 2.358   6.789   -7.173  1.00 33.72 ? 71  ALA A O   1 
ATOM   571 C CB  . ALA A 1 71 ? -0.812  6.502   -6.711  1.00 26.31 ? 71  ALA A CB  1 
ATOM   572 N N   . ILE A 1 72 ? 1.590   8.713   -6.308  1.00 23.69 ? 72  ILE A N   1 
ATOM   573 C CA  . ILE A 1 72 ? 2.750   8.934   -5.500  1.00 23.84 ? 72  ILE A CA  1 
ATOM   574 C C   . ILE A 1 72 ? 2.305   9.125   -4.080  1.00 22.14 ? 72  ILE A C   1 
ATOM   575 O O   . ILE A 1 72 ? 1.279   9.768   -3.796  1.00 22.17 ? 72  ILE A O   1 
ATOM   576 C CB  . ILE A 1 72 ? 3.503   10.192  -5.933  1.00 25.72 ? 72  ILE A CB  1 
ATOM   577 C CG1 . ILE A 1 72 ? 4.093   10.016  -7.273  1.00 31.38 ? 72  ILE A CG1 1 
ATOM   578 C CG2 . ILE A 1 72 ? 4.632   10.482  -4.974  1.00 28.23 ? 72  ILE A CG2 1 
ATOM   579 C CD1 . ILE A 1 72 ? 4.582   11.362  -7.838  1.00 32.82 ? 72  ILE A CD1 1 
ATOM   580 N N   . GLY A 1 73 ? 2.977   8.464   -3.145  1.00 20.84 ? 73  GLY A N   1 
ATOM   581 C CA  . GLY A 1 73 ? 2.625   8.606   -1.720  1.00 22.65 ? 73  GLY A CA  1 
ATOM   582 C C   . GLY A 1 73 ? 3.569   7.799   -0.854  1.00 19.52 ? 73  GLY A C   1 
ATOM   583 O O   . GLY A 1 73 ? 4.597   7.249   -1.355  1.00 20.93 ? 73  GLY A O   1 
ATOM   584 N N   . THR A 1 74 ? 3.272   7.813   0.415   1.00 18.14 ? 74  THR A N   1 
ATOM   585 C CA  . THR A 1 74 ? 4.018   7.119   1.416   1.00 18.80 ? 74  THR A CA  1 
ATOM   586 C C   . THR A 1 74 ? 3.734   5.630   1.308   1.00 19.02 ? 74  THR A C   1 
ATOM   587 O O   . THR A 1 74 ? 2.603   5.229   1.218   1.00 18.14 ? 74  THR A O   1 
ATOM   588 C CB  . THR A 1 74 ? 3.666   7.658   2.796   1.00 19.92 ? 74  THR A CB  1 
ATOM   589 O OG1 . THR A 1 74 ? 3.993   9.072   2.841   1.00 20.70 ? 74  THR A OG1 1 
ATOM   590 C CG2 . THR A 1 74 ? 4.352   6.905   3.846   1.00 21.20 ? 74  THR A CG2 1 
ATOM   591 N N   . VAL A 1 75 ? 4.823   4.845   1.377   1.00 18.05 ? 75  VAL A N   1 
ATOM   592 C CA  . VAL A 1 75 ? 4.745   3.391   1.434   1.00 17.79 ? 75  VAL A CA  1 
ATOM   593 C C   . VAL A 1 75 ? 5.496   2.948   2.645   1.00 17.83 ? 75  VAL A C   1 
ATOM   594 O O   . VAL A 1 75 ? 6.638   3.373   2.901   1.00 18.85 ? 75  VAL A O   1 
ATOM   595 C CB  . VAL A 1 75 ? 5.314   2.735   0.176   1.00 19.62 ? 75  VAL A CB  1 
ATOM   596 C CG1 . VAL A 1 75 ? 5.289   1.208   0.281   1.00 20.88 ? 75  VAL A CG1 1 
ATOM   597 C CG2 . VAL A 1 75 ? 4.533   3.158   -1.031  1.00 20.44 ? 75  VAL A CG2 1 
ATOM   598 N N   . LEU A 1 76 ? 4.851   2.092   3.440   1.00 17.71 ? 76  LEU A N   1 
ATOM   599 C CA  . LEU A 1 76 ? 5.438   1.576   4.638   1.00 16.18 ? 76  LEU A CA  1 
ATOM   600 C C   . LEU A 1 76 ? 5.967   0.216   4.218   1.00 17.31 ? 76  LEU A C   1 
ATOM   601 O O   . LEU A 1 76 ? 5.301   -0.495  3.467   1.00 17.72 ? 76  LEU A O   1 
ATOM   602 C CB  . LEU A 1 76 ? 4.417   1.444   5.780   1.00 17.92 ? 76  LEU A CB  1 
ATOM   603 C CG  . LEU A 1 76 ? 3.623   2.745   6.115   1.00 18.50 ? 76  LEU A CG  1 
ATOM   604 C CD1 . LEU A 1 76 ? 2.704   2.382   7.225   1.00 19.79 ? 76  LEU A CD1 1 
ATOM   605 C CD2 . LEU A 1 76 ? 4.553   3.839   6.456   1.00 20.94 ? 76  LEU A CD2 1 
ATOM   606 N N   . VAL A 1 77 ? 7.132   -0.141  4.731   1.00 17.76 ? 77  VAL A N   1 
ATOM   607 C CA  . VAL A 1 77 ? 7.705   -1.493  4.467   1.00 18.20 ? 77  VAL A CA  1 
ATOM   608 C C   . VAL A 1 77 ? 7.921   -2.177  5.821   1.00 18.03 ? 77  VAL A C   1 
ATOM   609 O O   . VAL A 1 77 ? 8.594   -1.667  6.695   1.00 19.15 ? 77  VAL A O   1 
ATOM   610 C CB  . VAL A 1 77 ? 8.970   -1.404  3.627   1.00 19.59 ? 77  VAL A CB  1 
ATOM   611 C CG1 . VAL A 1 77 ? 9.500   -2.814  3.354   1.00 20.01 ? 77  VAL A CG1 1 
ATOM   612 C CG2 . VAL A 1 77 ? 8.712   -0.709  2.308   1.00 20.28 ? 77  VAL A CG2 1 
ATOM   613 N N   . GLY A 1 78 ? 7.317   -3.345  5.946   1.00 20.57 ? 78  GLY A N   1 
ATOM   614 C CA  . GLY A 1 78 ? 7.536   -4.122  7.178   1.00 23.61 ? 78  GLY A CA  1 
ATOM   615 C C   . GLY A 1 78 ? 6.795   -5.432  7.107   1.00 25.79 ? 78  GLY A C   1 
ATOM   616 O O   . GLY A 1 78 ? 6.110   -5.750  6.093   1.00 24.43 ? 78  GLY A O   1 
ATOM   617 N N   . PRO A 1 79 ? 6.781   -6.111  8.272   1.00 26.13 ? 79  PRO A N   1 
ATOM   618 C CA  . PRO A 1 79 ? 6.394   -7.470  8.280   1.00 28.35 ? 79  PRO A CA  1 
ATOM   619 C C   . PRO A 1 79 ? 4.921   -7.712  8.281   1.00 26.36 ? 79  PRO A C   1 
ATOM   620 O O   . PRO A 1 79 ? 4.440   -8.397  9.196   1.00 34.10 ? 79  PRO A O   1 
ATOM   621 C CB  . PRO A 1 79 ? 7.046   -7.988  9.581   1.00 26.33 ? 79  PRO A CB  1 
ATOM   622 C CG  . PRO A 1 79 ? 7.141   -6.829  10.507  1.00 25.55 ? 79  PRO A CG  1 
ATOM   623 C CD  . PRO A 1 79 ? 7.305   -5.648  9.578   1.00 25.24 ? 79  PRO A CD  1 
ATOM   624 N N   . THR A 1 80 ? 4.182   -7.185  7.333   1.00 26.59 ? 80  THR A N   1 
ATOM   625 C CA  . THR A 1 80 ? 2.791   -7.387  7.205   1.00 28.29 ? 80  THR A CA  1 
ATOM   626 C C   . THR A 1 80 ? 2.566   -8.714  6.557   1.00 30.13 ? 80  THR A C   1 
ATOM   627 O O   . THR A 1 80 ? 3.325   -9.101  5.704   1.00 29.81 ? 80  THR A O   1 
ATOM   628 C CB  . THR A 1 80 ? 2.118   -6.302  6.284   1.00 24.67 ? 80  THR A CB  1 
ATOM   629 O OG1 . THR A 1 80 ? 0.722   -6.563  6.142   1.00 26.36 ? 80  THR A OG1 1 
ATOM   630 C CG2 . THR A 1 80 ? 2.722   -6.240  4.882   1.00 25.72 ? 80  THR A CG2 1 
ATOM   631 N N   . PRO A 1 81 ? 1.544   -9.449  6.998   1.00 32.32 ? 81  PRO A N   1 
ATOM   632 C CA  . PRO A 1 81 ? 1.122   -10.693 6.335   1.00 30.18 ? 81  PRO A CA  1 
ATOM   633 C C   . PRO A 1 81 ? 0.445   -10.537 5.031   1.00 32.37 ? 81  PRO A C   1 
ATOM   634 O O   . PRO A 1 81 ? 0.283   -11.509 4.291   1.00 31.80 ? 81  PRO A O   1 
ATOM   635 C CB  . PRO A 1 81 ? 0.114   -11.315 7.357   1.00 34.62 ? 81  PRO A CB  1 
ATOM   636 C CG  . PRO A 1 81 ? 0.343   -10.595 8.633   1.00 37.24 ? 81  PRO A CG  1 
ATOM   637 C CD  . PRO A 1 81 ? 0.794   -9.221  8.245   1.00 32.91 ? 81  PRO A CD  1 
ATOM   638 N N   . ILE A 1 82 ? 0.049   -9.304  4.679   1.00 29.14 ? 82  ILE A N   1 
ATOM   639 C CA  . ILE A 1 82 ? -0.830  -9.115  3.556   1.00 29.53 ? 82  ILE A CA  1 
ATOM   640 C C   . ILE A 1 82 ? -0.441  -7.711  2.997   1.00 26.34 ? 82  ILE A C   1 
ATOM   641 O O   . ILE A 1 82 ? -0.382  -6.769  3.784   1.00 27.25 ? 82  ILE A O   1 
ATOM   642 C CB  . ILE A 1 82 ? -2.274  -9.074  4.038   1.00 32.66 ? 82  ILE A CB  1 
ATOM   643 C CG1 . ILE A 1 82 ? -2.697  -10.453 4.629   1.00 33.42 ? 82  ILE A CG1 1 
ATOM   644 C CG2 . ILE A 1 82 ? -3.184  -8.577  2.920   1.00 32.09 ? 82  ILE A CG2 1 
ATOM   645 C CD1 . ILE A 1 82 ? -4.092  -10.512 5.253   1.00 36.35 ? 82  ILE A CD1 1 
ATOM   646 N N   . ASN A 1 83 ? -0.032  -7.625  1.741   1.00 24.82 ? 83  ASN A N   1 
ATOM   647 C CA  . ASN A 1 83 ? 0.299   -6.276  1.176   1.00 21.00 ? 83  ASN A CA  1 
ATOM   648 C C   . ASN A 1 83 ? -1.018  -5.543  1.002   1.00 19.48 ? 83  ASN A C   1 
ATOM   649 O O   . ASN A 1 83 ? -2.026  -6.100  0.532   1.00 20.29 ? 83  ASN A O   1 
ATOM   650 C CB  . ASN A 1 83 ? 0.986   -6.263  -0.162  1.00 21.18 ? 83  ASN A CB  1 
ATOM   651 C CG  . ASN A 1 83 ? 2.325   -6.995  -0.164  1.00 21.44 ? 83  ASN A CG  1 
ATOM   652 O OD1 . ASN A 1 83 ? 3.038   -6.964  0.847   1.00 24.80 ? 83  ASN A OD1 1 
ATOM   653 N ND2 . ASN A 1 83 ? 2.597   -7.719  -1.213  1.00 24.27 ? 83  ASN A ND2 1 
ATOM   654 N N   . VAL A 1 84 ? -0.998  -4.218  1.276   1.00 18.07 ? 84  VAL A N   1 
ATOM   655 C CA  . VAL A 1 84 ? -2.241  -3.482  1.365   1.00 17.60 ? 84  VAL A CA  1 
ATOM   656 C C   . VAL A 1 84 ? -2.067  -2.132  0.649   1.00 17.54 ? 84  VAL A C   1 
ATOM   657 O O   . VAL A 1 84 ? -1.111  -1.442  0.945   1.00 17.90 ? 84  VAL A O   1 
ATOM   658 C CB  . VAL A 1 84 ? -2.628  -3.148  2.827   1.00 20.08 ? 84  VAL A CB  1 
ATOM   659 C CG1 . VAL A 1 84 ? -3.778  -2.183  2.910   1.00 20.90 ? 84  VAL A CG1 1 
ATOM   660 C CG2 . VAL A 1 84 ? -2.957  -4.435  3.525   1.00 22.28 ? 84  VAL A CG2 1 
ATOM   661 N N   . ILE A 1 85 ? -3.035  -1.784  -0.200  1.00 16.79 ? 85  ILE A N   1 
ATOM   662 C CA  . ILE A 1 85 ? -3.201  -0.424  -0.713  1.00 17.27 ? 85  ILE A CA  1 
ATOM   663 C C   . ILE A 1 85 ? -4.269  0.297   0.107   1.00 17.18 ? 85  ILE A C   1 
ATOM   664 O O   . ILE A 1 85 ? -5.407  -0.109  0.149   1.00 18.80 ? 85  ILE A O   1 
ATOM   665 C CB  . ILE A 1 85 ? -3.651  -0.423  -2.185  1.00 19.25 ? 85  ILE A CB  1 
ATOM   666 C CG1 . ILE A 1 85 ? -2.711  -1.224  -3.079  1.00 22.70 ? 85  ILE A CG1 1 
ATOM   667 C CG2 . ILE A 1 85 ? -3.837  1.024   -2.644  1.00 18.87 ? 85  ILE A CG2 1 
ATOM   668 C CD1 . ILE A 1 85 ? -1.295  -0.878  -3.026  1.00 25.68 ? 85  ILE A CD1 1 
ATOM   669 N N   . GLY A 1 86 ? -3.856  1.326   0.864   1.00 17.23 ? 86  GLY A N   1 
ATOM   670 C CA  . GLY A 1 86 ? -4.746  2.040   1.762   1.00 16.88 ? 86  GLY A CA  1 
ATOM   671 C C   . GLY A 1 86 ? -5.145  3.383   1.153   1.00 17.25 ? 86  GLY A C   1 
ATOM   672 O O   . GLY A 1 86 ? -4.812  3.766   0.002   1.00 16.85 ? 86  GLY A O   1 
ATOM   673 N N   . ARG A 1 87 ? -5.896  4.101   1.967   1.00 16.52 ? 87  ARG A N   1 
ATOM   674 C CA  . ARG A 1 87 ? -6.595  5.303   1.460   1.00 17.11 ? 87  ARG A CA  1 
ATOM   675 C C   . ARG A 1 87 ? -5.606  6.349   0.972   1.00 18.36 ? 87  ARG A C   1 
ATOM   676 O O   . ARG A 1 87 ? -5.934  7.130   0.046   1.00 18.67 ? 87  ARG A O   1 
ATOM   677 C CB  . ARG A 1 87 ? -7.539  5.894   2.512   1.00 18.31 ? 87  ARG A CB  1 
ATOM   678 C CG  . ARG A 1 87 ? -8.750  5.038   2.855   1.00 19.45 ? 87  ARG A CG  1 
ATOM   679 C CD  . ARG A 1 87 ? -9.719  5.765   3.790   1.00 19.64 ? 87  ARG A CD  1 
ATOM   680 N NE  . ARG A 1 87 ? -9.071  6.051   5.084   1.00 20.16 ? 87  ARG A NE  1 
ATOM   681 C CZ  . ARG A 1 87 ? -8.600  7.249   5.475   1.00 21.24 ? 87  ARG A CZ  1 
ATOM   682 N NH1 . ARG A 1 87 ? -8.649  8.333   4.676   1.00 23.33 ? 87  ARG A NH1 1 
ATOM   683 N NH2 . ARG A 1 87 ? -7.994  7.341   6.637   1.00 24.03 ? 87  ARG A NH2 1 
ATOM   684 N N   . ASN A 1 88 ? -4.440  6.484   1.582   1.00 18.45 ? 88  ASN A N   1 
ATOM   685 C CA  . ASN A 1 88 ? -3.404  7.423   1.125   1.00 17.85 ? 88  ASN A CA  1 
ATOM   686 C C   . ASN A 1 88 ? -3.133  7.331   -0.353  1.00 18.64 ? 88  ASN A C   1 
ATOM   687 O O   . ASN A 1 88 ? -2.881  8.337   -1.005  1.00 19.87 ? 88  ASN A O   1 
ATOM   688 C CB  . ASN A 1 88 ? -2.132  7.358   1.959   1.00 18.11 ? 88  ASN A CB  1 
ATOM   689 C CG  . ASN A 1 88 ? -1.272  6.175   1.655   1.00 18.32 ? 88  ASN A CG  1 
ATOM   690 O OD1 . ASN A 1 88 ? -1.736  5.034   1.741   1.00 18.87 ? 88  ASN A OD1 1 
ATOM   691 N ND2 . ASN A 1 88 ? -0.076  6.418   1.221   1.00 18.74 ? 88  ASN A ND2 1 
ATOM   692 N N   . MET A 1 89 ? -3.057  6.118   -0.883  1.00 18.29 ? 89  MET A N   1 
ATOM   693 C CA  . MET A 1 89 ? -2.847  5.853   -2.301  1.00 19.37 ? 89  MET A CA  1 
ATOM   694 C C   . MET A 1 89 ? -4.112  5.873   -3.099  1.00 19.54 ? 89  MET A C   1 
ATOM   695 O O   . MET A 1 89 ? -4.130  6.308   -4.249  1.00 20.58 ? 89  MET A O   1 
ATOM   696 C CB  . MET A 1 89 ? -2.063  4.494   -2.506  1.00 17.97 ? 89  MET A CB  1 
ATOM   697 C CG  . MET A 1 89 ? -0.622  4.572   -2.080  1.00 18.44 ? 89  MET A CG  1 
ATOM   698 S SD  . MET A 1 89 ? 0.353   5.727   -3.081  1.00 20.75 ? 89  MET A SD  1 
ATOM   699 C CE  . MET A 1 89 ? 1.971   5.264   -2.569  1.00 18.81 ? 89  MET A CE  1 
ATOM   700 N N   . LEU A 1 90 ? -5.231  5.423   -2.554  1.00 19.04 ? 90  LEU A N   1 
ATOM   701 C CA  . LEU A 1 90 ? -6.476  5.372   -3.242  1.00 18.43 ? 90  LEU A CA  1 
ATOM   702 C C   . LEU A 1 90 ? -7.018  6.766   -3.614  1.00 19.35 ? 90  LEU A C   1 
ATOM   703 O O   . LEU A 1 90 ? -7.535  6.953   -4.684  1.00 21.53 ? 90  LEU A O   1 
ATOM   704 C CB  . LEU A 1 90 ? -7.522  4.572   -2.461  1.00 19.85 ? 90  LEU A CB  1 
ATOM   705 C CG  . LEU A 1 90 ? -7.268  3.079   -2.243  1.00 19.51 ? 90  LEU A CG  1 
ATOM   706 C CD1 . LEU A 1 90 ? -8.241  2.443   -1.347  1.00 20.44 ? 90  LEU A CD1 1 
ATOM   707 C CD2 . LEU A 1 90 ? -7.241  2.360   -3.589  1.00 20.51 ? 90  LEU A CD2 1 
ATOM   708 N N   . THR A 1 91 ? -6.793  7.718   -2.743  1.00 20.22 ? 91  THR A N   1 
ATOM   709 C CA  . THR A 1 91 ? -7.175  9.068   -3.087  1.00 21.46 ? 91  THR A CA  1 
ATOM   710 C C   . THR A 1 91 ? -6.377  9.598   -4.293  1.00 23.02 ? 91  THR A C   1 
ATOM   711 O O   . THR A 1 91 ? -6.882  10.386  -5.063  1.00 23.97 ? 91  THR A O   1 
ATOM   712 C CB  . THR A 1 91 ? -6.988  10.008  -1.892  1.00 22.69 ? 91  THR A CB  1 
ATOM   713 O OG1 . THR A 1 91 ? -5.654  9.856   -1.414  1.00 25.90 ? 91  THR A OG1 1 
ATOM   714 C CG2 . THR A 1 91 ? -7.966  9.722   -0.842  1.00 24.83 ? 91  THR A CG2 1 
ATOM   715 N N   . GLN A 1 92 ? -5.144  9.183   -4.426  1.00 21.41 ? 92  GLN A N   1 
ATOM   716 C CA  . GLN A 1 92 ? -4.309  9.701   -5.490  1.00 22.62 ? 92  GLN A CA  1 
ATOM   717 C C   . GLN A 1 92 ? -4.768  9.194   -6.810  1.00 24.31 ? 92  GLN A C   1 
ATOM   718 O O   . GLN A 1 92 ? -4.650  9.910   -7.821  1.00 29.30 ? 92  GLN A O   1 
ATOM   719 C CB  . GLN A 1 92 ? -2.882  9.293   -5.247  1.00 21.74 ? 92  GLN A CB  1 
ATOM   720 C CG  . GLN A 1 92 ? -2.212  9.942   -4.065  1.00 23.00 ? 92  GLN A CG  1 
ATOM   721 C CD  . GLN A 1 92 ? -2.192  11.476  -4.107  1.00 21.73 ? 92  GLN A CD  1 
ATOM   722 O OE1 . GLN A 1 92 ? -1.629  12.089  -5.017  1.00 22.11 ? 92  GLN A OE1 1 
ATOM   723 N NE2 . GLN A 1 92 ? -2.906  12.095  -3.152  1.00 23.98 ? 92  GLN A NE2 1 
ATOM   724 N N   . ILE A 1 93 ? -5.274  7.960   -6.873  1.00 24.86 ? 93  ILE A N   1 
ATOM   725 C CA  . ILE A 1 93 ? -5.848  7.448   -8.128  1.00 26.20 ? 93  ILE A CA  1 
ATOM   726 C C   . ILE A 1 93 ? -7.328  7.822   -8.385  1.00 28.41 ? 93  ILE A C   1 
ATOM   727 O O   . ILE A 1 93 ? -7.943  7.504   -9.438  1.00 28.69 ? 93  ILE A O   1 
ATOM   728 C CB  . ILE A 1 93 ? -5.599  5.908   -8.312  1.00 26.98 ? 93  ILE A CB  1 
ATOM   729 C CG1 . ILE A 1 93 ? -6.447  5.072   -7.380  1.00 26.30 ? 93  ILE A CG1 1 
ATOM   730 C CG2 . ILE A 1 93 ? -4.135  5.582   -8.184  1.00 28.99 ? 93  ILE A CG2 1 
ATOM   731 C CD1 . ILE A 1 93 ? -6.247  3.544   -7.545  1.00 25.14 ? 93  ILE A CD1 1 
ATOM   732 N N   . GLY A 1 94 ? -7.907  8.582   -7.475  1.00 26.33 ? 94  GLY A N   1 
ATOM   733 C CA  . GLY A 1 94 ? -9.295  8.933   -7.619  1.00 28.42 ? 94  GLY A CA  1 
ATOM   734 C C   . GLY A 1 94 ? -10.251 7.791   -7.400  1.00 28.33 ? 94  GLY A C   1 
ATOM   735 O O   . GLY A 1 94 ? -11.347 7.804   -7.972  1.00 28.90 ? 94  GLY A O   1 
ATOM   736 N N   . ALA A 1 95 ? -9.870  6.809   -6.556  1.00 24.49 ? 95  ALA A N   1 
ATOM   737 C CA  . ALA A 1 95 ? -10.748 5.702   -6.242  1.00 25.81 ? 95  ALA A CA  1 
ATOM   738 C C   . ALA A 1 95 ? -11.905 6.111   -5.358  1.00 25.84 ? 95  ALA A C   1 
ATOM   739 O O   . ALA A 1 95 ? -11.752 6.791   -4.328  1.00 27.09 ? 95  ALA A O   1 
ATOM   740 C CB  . ALA A 1 95 ? -10.007 4.542   -5.649  1.00 26.08 ? 95  ALA A CB  1 
ATOM   741 N N   . THR A 1 96 ? -13.092 5.710   -5.759  1.00 25.40 ? 96  THR A N   1 
ATOM   742 C CA  . THR A 1 96 ? -14.299 5.920   -4.972  1.00 25.94 ? 96  THR A CA  1 
ATOM   743 C C   . THR A 1 96 ? -15.088 4.674   -4.761  1.00 24.77 ? 96  THR A C   1 
ATOM   744 O O   . THR A 1 96 ? -14.958 3.667   -5.457  1.00 25.54 ? 96  THR A O   1 
ATOM   745 C CB  . THR A 1 96 ? -15.296 6.937   -5.616  1.00 25.08 ? 96  THR A CB  1 
ATOM   746 O OG1 . THR A 1 96 ? -15.656 6.473   -6.919  1.00 27.63 ? 96  THR A OG1 1 
ATOM   747 C CG2 . THR A 1 96 ? -14.690 8.290   -5.707  1.00 27.48 ? 96  THR A CG2 1 
ATOM   748 N N   . LEU A 1 97 ? -15.881 4.701   -3.697  1.00 26.14 ? 97  LEU A N   1 
ATOM   749 C CA  . LEU A 1 97 ? -16.888 3.701   -3.481  1.00 27.14 ? 97  LEU A CA  1 
ATOM   750 C C   . LEU A 1 97 ? -18.210 4.188   -3.996  1.00 26.58 ? 97  LEU A C   1 
ATOM   751 O O   . LEU A 1 97 ? -18.602 5.291   -3.698  1.00 29.47 ? 97  LEU A O   1 
ATOM   752 C CB  . LEU A 1 97 ? -17.109 3.461   -2.015  1.00 28.00 ? 97  LEU A CB  1 
ATOM   753 C CG  . LEU A 1 97 ? -16.029 2.672   -1.363  1.00 28.23 ? 97  LEU A CG  1 
ATOM   754 C CD1 . LEU A 1 97 ? -15.996 3.065   0.123   1.00 30.47 ? 97  LEU A CD1 1 
ATOM   755 C CD2 . LEU A 1 97 ? -16.344 1.187   -1.622  1.00 30.25 ? 97  LEU A CD2 1 
ATOM   756 N N   . ASN A 1 98 ? -18.885 3.345   -4.722  1.00 25.96 ? 98  ASN A N   1 
ATOM   757 C CA  . ASN A 1 98 ? -20.112 3.752   -5.393  1.00 29.36 ? 98  ASN A CA  1 
ATOM   758 C C   . ASN A 1 98 ? -21.187 2.734   -5.218  1.00 29.72 ? 98  ASN A C   1 
ATOM   759 O O   . ASN A 1 98 ? -20.969 1.527   -5.401  1.00 30.13 ? 98  ASN A O   1 
ATOM   760 C CB  . ASN A 1 98 ? -19.799 3.930   -6.853  1.00 28.25 ? 98  ASN A CB  1 
ATOM   761 C CG  . ASN A 1 98 ? -18.849 5.059   -7.086  1.00 30.23 ? 98  ASN A CG  1 
ATOM   762 O OD1 . ASN A 1 98 ? -19.271 6.212   -7.260  1.00 37.45 ? 98  ASN A OD1 1 
ATOM   763 N ND2 . ASN A 1 98 ? -17.611 4.772   -7.115  1.00 28.50 ? 98  ASN A ND2 1 
ATOM   764 N N   . PHE A 1 99 ? -22.382 3.194   -4.846  1.00 30.94 ? 99  PHE A N   1 
ATOM   765 C CA  . PHE A 1 99 ? -23.534 2.319   -4.881  1.00 33.20 ? 99  PHE A CA  1 
ATOM   766 C C   . PHE A 1 99 ? -24.813 3.096   -5.050  1.00 36.41 ? 99  PHE A C   1 
ATOM   767 O O   . PHE A 1 99 ? -24.780 4.313   -5.086  1.00 38.69 ? 99  PHE A O   1 
ATOM   768 C CB  . PHE A 1 99 ? -23.647 1.404   -3.649  1.00 31.79 ? 99  PHE A CB  1 
ATOM   769 C CG  . PHE A 1 99 ? -23.584 2.112   -2.318  1.00 34.96 ? 99  PHE A CG  1 
ATOM   770 C CD1 . PHE A 1 99 ? -22.375 2.490   -1.788  1.00 34.97 ? 99  PHE A CD1 1 
ATOM   771 C CD2 . PHE A 1 99 ? -24.750 2.327   -1.579  1.00 35.20 ? 99  PHE A CD2 1 
ATOM   772 C CE1 . PHE A 1 99 ? -22.305 3.107   -0.548  1.00 36.72 ? 99  PHE A CE1 1 
ATOM   773 C CE2 . PHE A 1 99 ? -24.690 2.959   -0.337  1.00 37.10 ? 99  PHE A CE2 1 
ATOM   774 C CZ  . PHE A 1 99 ? -23.468 3.363   0.175   1.00 36.73 ? 99  PHE A CZ  1 
ATOM   775 O OXT . PHE A 1 99 ? -25.851 2.488   -5.112  1.00 37.60 ? 99  PHE A OXT 1 
HETATM 776 N N1  . 017 B 2 .  ? -7.156  -8.329  6.118   1.00 37.82 ? 401 017 A N1  1 
HETATM 777 C C2  . 017 B 2 .  ? -6.550  -7.150  6.505   1.00 38.59 ? 401 017 A C2  1 
HETATM 778 C C3  . 017 B 2 .  ? -7.211  -6.214  7.342   1.00 33.63 ? 401 017 A C3  1 
HETATM 779 C C4  . 017 B 2 .  ? -6.539  -5.047  7.678   1.00 32.90 ? 401 017 A C4  1 
HETATM 780 C C5  . 017 B 2 .  ? -5.242  -4.796  7.223   1.00 35.32 ? 401 017 A C5  1 
HETATM 781 C C6  . 017 B 2 .  ? -4.588  -5.722  6.420   1.00 36.35 ? 401 017 A C6  1 
HETATM 782 C C7  . 017 B 2 .  ? -5.246  -6.893  6.061   1.00 35.01 ? 401 017 A C7  1 
HETATM 783 S S8  . 017 B 2 .  ? -4.491  -3.400  7.686   1.00 37.95 ? 401 017 A S8  1 
HETATM 784 O O9  . 017 B 2 .  ? -3.583  -2.972  6.628   1.00 39.37 ? 401 017 A O9  1 
HETATM 785 O O10 . 017 B 2 .  ? -5.497  -2.487  7.987   1.00 35.00 ? 401 017 A O10 1 
HETATM 786 N N11 . 017 B 2 .  ? -3.682  -3.978  9.011   1.00 43.62 ? 401 017 A N11 1 
HETATM 787 C C12 . 017 B 2 .  ? -2.337  -4.612  8.961   1.00 49.18 ? 401 017 A C12 1 
HETATM 788 C C13 . 017 B 2 .  ? -1.038  -3.801  9.039   1.00 54.39 ? 401 017 A C13 1 
HETATM 789 C C14 . 017 B 2 .  ? -1.081  -2.649  10.032  1.00 55.06 ? 401 017 A C14 1 
HETATM 790 C C15 . 017 B 2 .  ? 0.149   -4.745  9.340   1.00 48.06 ? 401 017 A C15 1 
HETATM 791 C C16 . 017 B 2 .  ? -4.374  -4.274  10.336  1.00 36.30 ? 401 017 A C16 1 
HETATM 792 C C17 . 017 B 2 .  ? -4.045  -3.363  11.536  1.00 31.66 ? 401 017 A C17 1 
HETATM 793 O O18 . 017 B 2 .  ? -4.421  -2.055  11.046  1.00 33.64 ? 401 017 A O18 1 
HETATM 794 C C19 . 017 B 2 .  ? -4.862  -3.741  12.808  1.00 30.02 ? 401 017 A C19 1 
HETATM 795 N N20 . 017 B 2 .  ? -4.592  -2.671  13.779  1.00 24.97 ? 401 017 A N20 1 
HETATM 796 C C21 . 017 B 2 .  ? -3.630  -2.780  14.662  1.00 28.21 ? 401 017 A C21 1 
HETATM 797 O O22 . 017 B 2 .  ? -3.291  -1.937  15.479  1.00 23.79 ? 401 017 A O22 1 
HETATM 798 O O23 . 017 B 2 .  ? -2.938  -3.996  14.730  1.00 24.12 ? 401 017 A O23 1 
HETATM 799 C C24 . 017 B 2 .  ? -1.907  -4.103  15.730  1.00 26.07 ? 401 017 A C24 1 
HETATM 800 C C25 . 017 B 2 .  ? -1.706  -5.594  15.965  1.00 28.73 ? 401 017 A C25 1 
HETATM 801 O O26 . 017 B 2 .  ? -0.340  -5.773  16.364  1.00 29.22 ? 401 017 A O26 1 
HETATM 802 C C27 . 017 B 2 .  ? 0.460   -4.799  15.621  1.00 25.18 ? 401 017 A C27 1 
HETATM 803 O O28 . 017 B 2 .  ? 0.940   -5.348  14.375  1.00 27.26 ? 401 017 A O28 1 
HETATM 804 C C29 . 017 B 2 .  ? 0.150   -4.757  13.369  1.00 23.82 ? 401 017 A C29 1 
HETATM 805 C C30 . 017 B 2 .  ? -0.337  -3.372  13.834  1.00 23.87 ? 401 017 A C30 1 
HETATM 806 C C31 . 017 B 2 .  ? -0.505  -3.631  15.327  1.00 23.62 ? 401 017 A C31 1 
HETATM 807 C C32 . 017 B 2 .  ? -6.393  -3.766  12.530  1.00 31.23 ? 401 017 A C32 1 
HETATM 808 C C33 . 017 B 2 .  ? -8.454  -3.697  14.011  1.00 32.16 ? 401 017 A C33 1 
HETATM 809 C C34 . 017 B 2 .  ? -9.192  -4.201  15.063  1.00 34.22 ? 401 017 A C34 1 
HETATM 810 C C35 . 017 B 2 .  ? -8.750  -5.297  15.773  1.00 32.78 ? 401 017 A C35 1 
HETATM 811 C C36 . 017 B 2 .  ? -7.565  -5.920  15.455  1.00 35.34 ? 401 017 A C36 1 
HETATM 812 C C37 . 017 B 2 .  ? -6.806  -5.402  14.396  1.00 35.60 ? 401 017 A C37 1 
HETATM 813 C C38 . 017 B 2 .  ? -7.237  -4.284  13.686  1.00 33.66 ? 401 017 A C38 1 
HETATM 814 C C1  . GOL C 3 .  ? 6.896   2.630   -11.844 1.00 51.24 ? 402 GOL A C1  1 
HETATM 815 O O1  . GOL C 3 .  ? 5.607   3.115   -12.250 1.00 48.49 ? 402 GOL A O1  1 
HETATM 816 C C2  . GOL C 3 .  ? 6.793   2.237   -10.373 1.00 49.98 ? 402 GOL A C2  1 
HETATM 817 O O2  . GOL C 3 .  ? 6.657   3.429   -9.647  1.00 64.53 ? 402 GOL A O2  1 
HETATM 818 C C3  . GOL C 3 .  ? 8.001   1.533   -9.755  1.00 52.46 ? 402 GOL A C3  1 
HETATM 819 O O3  . GOL C 3 .  ? 8.424   0.426   -10.523 1.00 44.09 ? 402 GOL A O3  1 
HETATM 820 O O   . HOH D 4 .  ? -5.543  2.094   9.231   1.00 26.47 ? 501 HOH A O   1 
HETATM 821 O O   . HOH D 4 .  ? 0.869   9.237   1.074   1.00 18.39 ? 502 HOH A O   1 
HETATM 822 O O   . HOH D 4 .  ? -14.381 -6.961  -10.352 1.00 37.85 ? 503 HOH A O   1 
HETATM 823 O O   . HOH D 4 .  ? -19.761 -5.713  -5.271  1.00 31.25 ? 504 HOH A O   1 
HETATM 824 O O   . HOH D 4 .  ? -15.710 -9.704  -7.355  1.00 32.10 ? 505 HOH A O   1 
HETATM 825 O O   . HOH D 4 .  ? 1.448   4.578   3.685   1.00 19.19 ? 506 HOH A O   1 
HETATM 826 O O   . HOH D 4 .  ? -10.179 3.887   6.533   1.00 23.94 ? 507 HOH A O   1 
HETATM 827 O O   . HOH D 4 .  ? 3.978   -3.893  20.716  1.00 26.89 ? 508 HOH A O   1 
HETATM 828 O O   . HOH D 4 .  ? -1.123  3.471   12.845  1.00 32.50 ? 509 HOH A O   1 
HETATM 829 O O   . HOH D 4 .  ? 6.717   -5.034  17.135  1.00 22.72 ? 510 HOH A O   1 
HETATM 830 O O   . HOH D 4 .  ? 11.393  8.996   2.366   1.00 25.17 ? 511 HOH A O   1 
HETATM 831 O O   . HOH D 4 .  ? -3.522  -2.617  23.059  1.00 28.22 ? 512 HOH A O   1 
HETATM 832 O O   . HOH D 4 .  ? 17.705  5.984   -3.225  1.00 32.57 ? 513 HOH A O   1 
HETATM 833 O O   . HOH D 4 .  ? -2.223  -0.553  6.089   1.00 27.64 ? 514 HOH A O   1 
HETATM 834 O O   . HOH D 4 .  ? -13.966 7.347   -8.898  1.00 24.68 ? 515 HOH A O   1 
HETATM 835 O O   . HOH D 4 .  ? 16.549  3.658   0.219   1.00 31.76 ? 516 HOH A O   1 
HETATM 836 O O   . HOH D 4 .  ? 3.134   -10.029 -4.152  1.00 37.53 ? 517 HOH A O   1 
HETATM 837 O O   . HOH D 4 .  ? -12.721 -8.015  -5.763  1.00 27.44 ? 518 HOH A O   1 
HETATM 838 O O   . HOH D 4 .  ? -3.612  11.039  -0.492  1.00 29.94 ? 519 HOH A O   1 
HETATM 839 O O   . HOH D 4 .  ? 4.807   10.822  0.644   1.00 26.71 ? 520 HOH A O   1 
HETATM 840 O O   . HOH D 4 .  ? 8.483   2.729   -7.017  1.00 30.98 ? 521 HOH A O   1 
HETATM 841 O O   . HOH D 4 .  ? -16.339 -12.247 -8.958  0.50 32.32 ? 522 HOH A O   1 
HETATM 842 O O   . HOH D 4 .  ? -4.665  8.294   4.964   1.00 34.44 ? 523 HOH A O   1 
HETATM 843 O O   . HOH D 4 .  ? 7.492   -2.013  -11.497 1.00 34.25 ? 524 HOH A O   1 
HETATM 844 O O   . HOH D 4 .  ? -6.522  -0.363  9.680   1.00 30.82 ? 525 HOH A O   1 
HETATM 845 O O   . HOH D 4 .  ? 8.764   -8.605  -9.646  1.00 37.39 ? 526 HOH A O   1 
HETATM 846 O O   . HOH D 4 .  ? -0.459  9.904   -1.175  1.00 29.22 ? 527 HOH A O   1 
HETATM 847 O O   . HOH D 4 .  ? -9.278  -12.203 -4.884  1.00 36.55 ? 528 HOH A O   1 
HETATM 848 O O   . HOH D 4 .  ? 10.227  9.029   5.821   1.00 36.39 ? 529 HOH A O   1 
HETATM 849 O O   . HOH D 4 .  ? -3.790  8.196   -11.625 1.00 43.75 ? 530 HOH A O   1 
HETATM 850 O O   . HOH D 4 .  ? 5.129   -9.200  -1.261  1.00 35.65 ? 531 HOH A O   1 
HETATM 851 O O   . HOH D 4 .  ? -8.968  3.029   8.997   1.00 29.23 ? 532 HOH A O   1 
HETATM 852 O O   . HOH D 4 .  ? -3.086  1.507   7.699   1.00 26.66 ? 533 HOH A O   1 
HETATM 853 O O   . HOH D 4 .  ? -11.576 -13.915 -2.366  1.00 41.47 ? 534 HOH A O   1 
HETATM 854 O O   . HOH D 4 .  ? -0.228  -3.750  -13.827 0.50 40.01 ? 535 HOH A O   1 
HETATM 855 O O   . HOH D 4 .  ? 15.004  1.110   12.572  1.00 29.17 ? 536 HOH A O   1 
HETATM 856 O O   . HOH D 4 .  ? -10.139 2.551   11.527  1.00 36.21 ? 537 HOH A O   1 
HETATM 857 O O   . HOH D 4 .  ? -9.635  7.800   -11.357 1.00 39.33 ? 538 HOH A O   1 
HETATM 858 O O   . HOH D 4 .  ? 16.286  1.644   2.106   1.00 34.03 ? 539 HOH A O   1 
HETATM 859 O O   . HOH D 4 .  ? -6.595  11.925  3.316   1.00 39.48 ? 540 HOH A O   1 
HETATM 860 O O   . HOH D 4 .  ? -9.211  -3.570  6.762   0.50 42.37 ? 541 HOH A O   1 
HETATM 861 O O   . HOH D 4 .  ? 8.663   -4.759  -14.433 0.50 58.27 ? 542 HOH A O   1 
HETATM 862 O O   . HOH D 4 .  ? 9.450   4.342   -10.465 0.50 47.13 ? 543 HOH A O   1 
HETATM 863 O O   . HOH D 4 .  ? 17.482  5.833   7.864   1.00 44.67 ? 544 HOH A O   1 
HETATM 864 O O   . HOH D 4 .  ? 17.558  5.833   5.361   1.00 44.94 ? 545 HOH A O   1 
HETATM 865 O O   . HOH D 4 .  ? 0.295   6.865   4.869   1.00 32.79 ? 546 HOH A O   1 
HETATM 866 O O   . HOH D 4 .  ? 2.615   7.458   7.195   1.00 44.86 ? 547 HOH A O   1 
HETATM 867 O O   . HOH D 4 .  ? -4.575  -7.552  14.977  0.50 38.56 ? 548 HOH A O   1 
# 
loop_
_atom_site_anisotrop.id 
_atom_site_anisotrop.type_symbol 
_atom_site_anisotrop.pdbx_label_atom_id 
_atom_site_anisotrop.pdbx_label_alt_id 
_atom_site_anisotrop.pdbx_label_comp_id 
_atom_site_anisotrop.pdbx_label_asym_id 
_atom_site_anisotrop.pdbx_label_seq_id 
_atom_site_anisotrop.pdbx_PDB_ins_code 
_atom_site_anisotrop.U[1][1] 
_atom_site_anisotrop.U[2][2] 
_atom_site_anisotrop.U[3][3] 
_atom_site_anisotrop.U[1][2] 
_atom_site_anisotrop.U[1][3] 
_atom_site_anisotrop.U[2][3] 
_atom_site_anisotrop.pdbx_auth_seq_id 
_atom_site_anisotrop.pdbx_auth_comp_id 
_atom_site_anisotrop.pdbx_auth_asym_id 
_atom_site_anisotrop.pdbx_auth_atom_id 
1   N N   . PRO A 1  ? 0.4899 0.6018 0.4596 -0.0262 0.0007  0.0092  1  PRO A N   
2   C CA  . PRO A 1  ? 0.4816 0.5945 0.4480 -0.0289 0.0030  0.0011  1  PRO A CA  
3   C C   . PRO A 1  ? 0.4361 0.5396 0.4027 -0.0268 0.0021  0.0017  1  PRO A C   
4   O O   . PRO A 1  ? 0.4545 0.5486 0.4236 -0.0232 0.0000  0.0072  1  PRO A O   
5   C CB  . PRO A 1  ? 0.4831 0.5852 0.4488 -0.0292 0.0058  -0.0070 1  PRO A CB  
6   C CG  . PRO A 1  ? 0.4986 0.5886 0.4666 -0.0253 0.0042  -0.0021 1  PRO A CG  
7   C CD  . PRO A 1  ? 0.4862 0.5874 0.4561 -0.0250 0.0017  0.0063  1  PRO A CD  
8   N N   . GLN A 2  ? 0.4378 0.5446 0.4019 -0.0295 0.0039  -0.0045 2  GLN A N   
9   C CA  . GLN A 2  ? 0.4161 0.5141 0.3797 -0.0281 0.0037  -0.0056 2  GLN A CA  
10  C C   . GLN A 2  ? 0.4345 0.5217 0.3969 -0.0293 0.0066  -0.0145 2  GLN A C   
11  O O   . GLN A 2  ? 0.5215 0.6159 0.4828 -0.0331 0.0093  -0.0214 2  GLN A O   
12  C CB  . GLN A 2  ? 0.4390 0.5508 0.4017 -0.0305 0.0032  -0.0043 2  GLN A CB  
13  C CG  . GLN A 2  ? 0.4634 0.5666 0.4253 -0.0294 0.0032  -0.0063 2  GLN A CG  
14  C CD  . GLN A 2  ? 0.5354 0.6513 0.4971 -0.0307 0.0022  -0.0030 2  GLN A CD  
15  O OE1 . GLN A 2  ? 0.5992 0.7183 0.5638 -0.0282 -0.0002 0.0051  2  GLN A OE1 
16  N NE2 . GLN A 2  ? 0.5709 0.6945 0.5300 -0.0348 0.0041  -0.0093 2  GLN A NE2 
17  N N   . ILE A 3  ? 0.3867 0.4580 0.3502 -0.0260 0.0062  -0.0142 3  ILE A N   
18  C CA  . ILE A 3  ? 0.3912 0.4517 0.3549 -0.0265 0.0087  -0.0209 3  ILE A CA  
19  C C   . ILE A 3  ? 0.3510 0.4062 0.3142 -0.0261 0.0086  -0.0218 3  ILE A C   
20  O O   . ILE A 3  ? 0.3409 0.3909 0.3043 -0.0231 0.0064  -0.0170 3  ILE A O   
21  C CB  . ILE A 3  ? 0.3842 0.4323 0.3498 -0.0234 0.0084  -0.0191 3  ILE A CB  
22  C CG1 . ILE A 3  ? 0.4049 0.4592 0.3712 -0.0240 0.0086  -0.0184 3  ILE A CG1 
23  C CG2 . ILE A 3  ? 0.4382 0.4752 0.4054 -0.0233 0.0108  -0.0242 3  ILE A CG2 
24  C CD1 . ILE A 3  ? 0.4037 0.4482 0.3716 -0.0207 0.0073  -0.0144 3  ILE A CD1 
25  N N   . THR A 4  ? 0.3982 0.4556 0.3612 -0.0293 0.0112  -0.0282 4  THR A N   
26  C CA  . THR A 4  ? 0.3781 0.4306 0.3410 -0.0294 0.0115  -0.0297 4  THR A CA  
27  C C   . THR A 4  ? 0.3454 0.3830 0.3107 -0.0274 0.0126  -0.0310 4  THR A C   
28  O O   . THR A 4  ? 0.3471 0.3797 0.3142 -0.0265 0.0134  -0.0317 4  THR A O   
29  C CB  . THR A 4  ? 0.4324 0.4945 0.3945 -0.0339 0.0136  -0.0356 4  THR A CB  
30  O OG1 . THR A 4  ? 0.4335 0.4952 0.3979 -0.0368 0.0171  -0.0429 4  THR A OG1 
31  C CG2 . THR A 4  ? 0.4364 0.5147 0.3962 -0.0358 0.0123  -0.0333 4  THR A CG2 
32  N N   . LEU A 5  ? 0.3043 0.3363 0.2698 -0.0267 0.0124  -0.0310 5  LEU A N   
33  C CA  . LEU A 5  ? 0.3007 0.3201 0.2684 -0.0244 0.0128  -0.0301 5  LEU A CA  
34  C C   . LEU A 5  ? 0.2858 0.3009 0.2567 -0.0265 0.0156  -0.0347 5  LEU A C   
35  O O   . LEU A 5  ? 0.2796 0.2864 0.2524 -0.0249 0.0156  -0.0331 5  LEU A O   
36  C CB  . LEU A 5  ? 0.2869 0.3022 0.2530 -0.0209 0.0098  -0.0246 5  LEU A CB  
37  C CG  . LEU A 5  ? 0.3028 0.3195 0.2681 -0.0185 0.0073  -0.0200 5  LEU A CG  
38  C CD1 . LEU A 5  ? 0.2990 0.3140 0.2635 -0.0158 0.0048  -0.0158 5  LEU A CD1 
39  C CD2 . LEU A 5  ? 0.2892 0.2994 0.2562 -0.0170 0.0075  -0.0191 5  LEU A CD2 
40  N N   . TRP A 6  ? 0.3012 0.3229 0.2733 -0.0304 0.0183  -0.0408 6  TRP A N   
41  C CA  . TRP A 6  ? 0.3116 0.3290 0.2883 -0.0328 0.0215  -0.0458 6  TRP A CA  
42  C C   . TRP A 6  ? 0.2996 0.3080 0.2821 -0.0320 0.0239  -0.0471 6  TRP A C   
43  O O   . TRP A 6  ? 0.3764 0.3780 0.3641 -0.0324 0.0258  -0.0481 6  TRP A O   
44  C CB  . TRP A 6  ? 0.3022 0.3296 0.2792 -0.0378 0.0239  -0.0527 6  TRP A CB  
45  C CG  . TRP A 6  ? 0.3068 0.3439 0.2791 -0.0390 0.0219  -0.0515 6  TRP A CG  
46  C CD1 . TRP A 6  ? 0.2986 0.3472 0.2667 -0.0396 0.0201  -0.0498 6  TRP A CD1 
47  C CD2 . TRP A 6  ? 0.3055 0.3424 0.2776 -0.0400 0.0217  -0.0513 6  TRP A CD2 
48  N NE1 . TRP A 6  ? 0.3189 0.3748 0.2840 -0.0407 0.0187  -0.0483 6  TRP A NE1 
49  C CE2 . TRP A 6  ? 0.3020 0.3506 0.2693 -0.0409 0.0195  -0.0494 6  TRP A CE2 
50  C CE3 . TRP A 6  ? 0.3061 0.3345 0.2818 -0.0400 0.0229  -0.0517 6  TRP A CE3 
51  C CZ2 . TRP A 6  ? 0.3270 0.3791 0.2929 -0.0419 0.0188  -0.0487 6  TRP A CZ2 
52  C CZ3 . TRP A 6  ? 0.3093 0.3418 0.2833 -0.0413 0.0221  -0.0513 6  TRP A CZ3 
53  C CH2 . TRP A 6  ? 0.2957 0.3394 0.2648 -0.0421 0.0201  -0.0499 6  TRP A CH2 
54  N N   . LYS A 7  ? 0.3254 0.3335 0.3079 -0.0306 0.0236  -0.0461 7  LYS A N   
55  C CA  . LYS A 7  ? 0.3391 0.3386 0.3268 -0.0288 0.0253  -0.0457 7  LYS A CA  
56  C C   . LYS A 7  ? 0.3127 0.3081 0.2977 -0.0248 0.0221  -0.0387 7  LYS A C   
57  O O   . LYS A 7  ? 0.2995 0.2996 0.2791 -0.0238 0.0190  -0.0354 7  LYS A O   
58  C CB  . LYS A 7  ? 0.3944 0.3988 0.3848 -0.0312 0.0283  -0.0518 7  LYS A CB  
59  C CG  . LYS A 7  ? 0.5401 0.5526 0.5316 -0.0359 0.0311  -0.0596 7  LYS A CG  
60  C CD  . LYS A 7  ? 0.6941 0.7106 0.6900 -0.0385 0.0350  -0.0671 7  LYS A CD  
61  C CE  . LYS A 7  ? 0.8106 0.8354 0.8081 -0.0438 0.0381  -0.0761 7  LYS A CE  
62  N NZ  . LYS A 7  ? 0.8997 0.9258 0.9048 -0.0468 0.0431  -0.0854 7  LYS A NZ  
63  N N   . ARG A 8  ? 0.3161 0.3033 0.3054 -0.0227 0.0227  -0.0363 8  ARG A N   
64  C CA  . ARG A 8  ? 0.3209 0.3058 0.3079 -0.0195 0.0199  -0.0308 8  ARG A CA  
65  C C   . ARG A 8  ? 0.2920 0.2835 0.2758 -0.0199 0.0193  -0.0318 8  ARG A C   
66  O O   . ARG A 8  ? 0.3074 0.3027 0.2938 -0.0220 0.0220  -0.0366 8  ARG A O   
67  C CB  . ARG A 8  ? 0.3193 0.2963 0.3119 -0.0177 0.0212  -0.0285 8  ARG A CB  
68  C CG  . ARG A 8  ? 0.3419 0.3137 0.3382 -0.0173 0.0217  -0.0264 8  ARG A CG  
69  C CD  . ARG A 8  ? 0.4259 0.3913 0.4286 -0.0154 0.0230  -0.0229 8  ARG A CD  
70  N NE  . ARG A 8  ? 0.4465 0.4086 0.4529 -0.0153 0.0233  -0.0198 8  ARG A NE  
71  C CZ  . ARG A 8  ? 0.5541 0.5115 0.5688 -0.0145 0.0252  -0.0169 8  ARG A CZ  
72  N NH1 . ARG A 8  ? 0.6065 0.5613 0.6268 -0.0137 0.0273  -0.0170 8  ARG A NH1 
73  N NH2 . ARG A 8  ? 0.5239 0.4797 0.5415 -0.0145 0.0253  -0.0134 8  ARG A NH2 
74  N N   . PRO A 9  ? 0.2867 0.2805 0.2659 -0.0180 0.0158  -0.0271 9  PRO A N   
75  C CA  . PRO A 9  ? 0.2766 0.2778 0.2533 -0.0183 0.0146  -0.0263 9  PRO A CA  
76  C C   . PRO A 9  ? 0.3110 0.3091 0.2896 -0.0168 0.0148  -0.0248 9  PRO A C   
77  O O   . PRO A 9  ? 0.2998 0.2954 0.2773 -0.0145 0.0121  -0.0199 9  PRO A O   
78  C CB  . PRO A 9  ? 0.2909 0.2940 0.2637 -0.0166 0.0109  -0.0214 9  PRO A CB  
79  C CG  . PRO A 9  ? 0.2751 0.2694 0.2488 -0.0145 0.0100  -0.0190 9  PRO A CG  
80  C CD  . PRO A 9  ? 0.2895 0.2800 0.2661 -0.0159 0.0129  -0.0226 9  PRO A CD  
81  N N   . ILE A 10 ? 0.3273 0.3249 0.3100 -0.0182 0.0182  -0.0293 10 ILE A N   
82  C CA  . ILE A 10 ? 0.3253 0.3207 0.3110 -0.0171 0.0191  -0.0286 10 ILE A CA  
83  C C   . ILE A 10 ? 0.3348 0.3399 0.3192 -0.0187 0.0197  -0.0309 10 ILE A C   
84  O O   . ILE A 10 ? 0.3495 0.3622 0.3336 -0.0217 0.0218  -0.0362 10 ILE A O   
85  C CB  . ILE A 10 ? 0.3526 0.3413 0.3452 -0.0170 0.0226  -0.0315 10 ILE A CB  
86  C CG1 . ILE A 10 ? 0.4130 0.3934 0.4071 -0.0153 0.0216  -0.0277 10 ILE A CG1 
87  C CG2 . ILE A 10 ? 0.3728 0.3599 0.3690 -0.0158 0.0238  -0.0309 10 ILE A CG2 
88  C CD1 . ILE A 10 ? 0.4579 0.4329 0.4596 -0.0159 0.0253  -0.0303 10 ILE A CD1 
89  N N   . VAL A 11 ? 0.3248 0.3310 0.3079 -0.0171 0.0176  -0.0265 11 VAL A N   
90  C CA  . VAL A 11 ? 0.3386 0.3552 0.3200 -0.0185 0.0175  -0.0269 11 VAL A CA  
91  C C   . VAL A 11 ? 0.3492 0.3640 0.3334 -0.0172 0.0182  -0.0258 11 VAL A C   
92  O O   . VAL A 11 ? 0.3023 0.3079 0.2890 -0.0148 0.0178  -0.0230 11 VAL A O   
93  C CB  . VAL A 11 ? 0.3392 0.3614 0.3165 -0.0179 0.0135  -0.0210 11 VAL A CB  
94  C CG1 . VAL A 11 ? 0.3952 0.4213 0.3699 -0.0193 0.0129  -0.0218 11 VAL A CG1 
95  C CG2 . VAL A 11 ? 0.3664 0.3798 0.3439 -0.0146 0.0106  -0.0148 11 VAL A CG2 
96  N N   . THR A 12 ? 0.3520 0.3770 0.3359 -0.0192 0.0195  -0.0283 12 THR A N   
97  C CA  . THR A 12 ? 0.3498 0.3755 0.3359 -0.0181 0.0200  -0.0271 12 THR A CA  
98  C C   . THR A 12 ? 0.3272 0.3541 0.3106 -0.0164 0.0159  -0.0192 12 THR A C   
99  O O   . THR A 12 ? 0.3372 0.3720 0.3174 -0.0173 0.0137  -0.0162 12 THR A O   
100 C CB  . THR A 12 ? 0.3744 0.4117 0.3616 -0.0211 0.0234  -0.0335 12 THR A CB  
101 O OG1 . THR A 12 ? 0.4313 0.4664 0.4221 -0.0229 0.0275  -0.0415 12 THR A OG1 
102 C CG2 . THR A 12 ? 0.3848 0.4219 0.3751 -0.0199 0.0244  -0.0326 12 THR A CG2 
103 N N   . ILE A 13 ? 0.3105 0.3297 0.2962 -0.0140 0.0152  -0.0158 13 ILE A N   
104 C CA  . ILE A 13 ? 0.3313 0.3492 0.3160 -0.0122 0.0117  -0.0087 13 ILE A CA  
105 C C   . ILE A 13 ? 0.3051 0.3267 0.2919 -0.0120 0.0125  -0.0079 13 ILE A C   
106 O O   . ILE A 13 ? 0.3185 0.3363 0.3086 -0.0114 0.0153  -0.0111 13 ILE A O   
107 C CB  . ILE A 13 ? 0.3349 0.3406 0.3204 -0.0094 0.0097  -0.0051 13 ILE A CB  
108 C CG1 . ILE A 13 ? 0.3327 0.3333 0.3169 -0.0093 0.0094  -0.0062 13 ILE A CG1 
109 C CG2 . ILE A 13 ? 0.3698 0.3747 0.3547 -0.0081 0.0060  0.0013  13 ILE A CG2 
110 C CD1 . ILE A 13 ? 0.3421 0.3485 0.3232 -0.0103 0.0073  -0.0049 13 ILE A CD1 
111 N N   . LYS A 14 ? 0.2778 0.3065 0.2634 -0.0123 0.0102  -0.0033 14 LYS A N   
112 C CA  . LYS A 14 ? 0.2862 0.3168 0.2738 -0.0116 0.0100  -0.0007 14 LYS A CA  
113 C C   . LYS A 14 ? 0.3122 0.3344 0.3005 -0.0094 0.0068  0.0054  14 LYS A C   
114 O O   . LYS A 14 ? 0.3153 0.3373 0.3023 -0.0090 0.0038  0.0097  14 LYS A O   
115 C CB  . LYS A 14 ? 0.3114 0.3560 0.2979 -0.0136 0.0096  0.0011  14 LYS A CB  
116 C CG  . LYS A 14 ? 0.3557 0.4117 0.3414 -0.0164 0.0130  -0.0057 14 LYS A CG  
117 C CD  . LYS A 14 ? 0.3727 0.4446 0.3575 -0.0186 0.0124  -0.0032 14 LYS A CD  
118 C CE  . LYS A 14 ? 0.4143 0.4981 0.3979 -0.0219 0.0161  -0.0112 14 LYS A CE  
119 N NZ  . LYS A 14 ? 0.4268 0.5292 0.4091 -0.0245 0.0155  -0.0087 14 LYS A NZ  
120 N N   . VAL A 15 ? 0.3222 0.3378 0.3130 -0.0079 0.0076  0.0055  15 VAL A N   
121 C CA  . VAL A 15 ? 0.3555 0.3633 0.3473 -0.0060 0.0050  0.0104  15 VAL A CA  
122 C C   . VAL A 15 ? 0.3400 0.3468 0.3350 -0.0051 0.0064  0.0110  15 VAL A C   
123 O O   . VAL A 15 ? 0.3749 0.3808 0.3724 -0.0050 0.0097  0.0070  15 VAL A O   
124 C CB  . VAL A 15 ? 0.3443 0.3431 0.3354 -0.0050 0.0044  0.0096  15 VAL A CB  
125 C CG1 . VAL A 15 ? 0.3869 0.3827 0.3797 -0.0050 0.0080  0.0046  15 VAL A CG1 
126 C CG2 . VAL A 15 ? 0.3629 0.3551 0.3550 -0.0036 0.0020  0.0136  15 VAL A CG2 
127 N N   . GLY A 16 ? 0.4135 0.4209 0.4091 -0.0047 0.0039  0.0160  16 GLY A N   
128 C CA  . GLY A 16 ? 0.4137 0.4204 0.4123 -0.0038 0.0047  0.0174  16 GLY A CA  
129 C C   . GLY A 16 ? 0.3992 0.4132 0.3998 -0.0044 0.0082  0.0140  16 GLY A C   
130 O O   . GLY A 16 ? 0.3929 0.4046 0.3969 -0.0033 0.0104  0.0131  16 GLY A O   
131 N N   . GLY A 17 ? 0.3682 0.3913 0.3668 -0.0061 0.0088  0.0122  17 GLY A N   
132 C CA  . GLY A 17 ? 0.3694 0.4014 0.3699 -0.0072 0.0125  0.0077  17 GLY A CA  
133 C C   . GLY A 17 ? 0.3891 0.4183 0.3919 -0.0074 0.0168  0.0003  17 GLY A C   
134 O O   . GLY A 17 ? 0.3747 0.4104 0.3802 -0.0081 0.0204  -0.0046 17 GLY A O   
135 N N   . GLN A 18 ? 0.3744 0.3956 0.3767 -0.0067 0.0165  -0.0008 18 GLN A N   
136 C CA  . GLN A 18 ? 0.3860 0.4035 0.3914 -0.0069 0.0204  -0.0073 18 GLN A CA  
137 C C   . GLN A 18 ? 0.3768 0.3957 0.3783 -0.0086 0.0200  -0.0101 18 GLN A C   
138 O O   . GLN A 18 ? 0.3616 0.3829 0.3586 -0.0092 0.0166  -0.0065 18 GLN A O   
139 C CB  . GLN A 18 ? 0.4476 0.4535 0.4567 -0.0044 0.0205  -0.0049 18 GLN A CB  
140 C CG  . GLN A 18 ? 0.5535 0.5572 0.5669 -0.0025 0.0208  -0.0013 18 GLN A CG  
141 C CD  . GLN A 18 ? 0.6366 0.6395 0.6575 -0.0020 0.0259  -0.0061 18 GLN A CD  
142 O OE1 . GLN A 18 ? 0.7142 0.7096 0.7403 -0.0003 0.0275  -0.0055 18 GLN A OE1 
143 N NE2 . GLN A 18 ? 0.7548 0.7661 0.7767 -0.0033 0.0287  -0.0112 18 GLN A NE2 
144 N N   . LEU A 19 ? 0.3173 0.3344 0.3217 -0.0094 0.0236  -0.0165 19 LEU A N   
145 C CA  . LEU A 19 ? 0.3492 0.3661 0.3508 -0.0108 0.0236  -0.0195 19 LEU A CA  
146 C C   . LEU A 19 ? 0.3485 0.3540 0.3533 -0.0092 0.0241  -0.0191 19 LEU A C   
147 O O   . LEU A 19 ? 0.3775 0.3774 0.3885 -0.0080 0.0271  -0.0206 19 LEU A O   
148 C CB  . LEU A 19 ? 0.4025 0.4272 0.4058 -0.0137 0.0278  -0.0280 19 LEU A CB  
149 C CG  . LEU A 19 ? 0.4238 0.4632 0.4243 -0.0162 0.0281  -0.0299 19 LEU A CG  
150 C CD1 . LEU A 19 ? 0.4608 0.5061 0.4645 -0.0189 0.0332  -0.0401 19 LEU A CD1 
151 C CD2 . LEU A 19 ? 0.4376 0.4834 0.4316 -0.0171 0.0239  -0.0249 19 LEU A CD2 
152 N N   . ARG A 20 ? 0.3114 0.3136 0.3122 -0.0093 0.0216  -0.0170 20 ARG A N   
153 C CA  . ARG A 20 ? 0.3208 0.3139 0.3238 -0.0082 0.0218  -0.0166 20 ARG A CA  
154 C C   . ARG A 20 ? 0.3516 0.3462 0.3512 -0.0099 0.0217  -0.0196 20 ARG A C   
155 O O   . ARG A 20 ? 0.4072 0.4096 0.4021 -0.0116 0.0203  -0.0203 20 ARG A O   
156 C CB  . ARG A 20 ? 0.3565 0.3435 0.3580 -0.0059 0.0182  -0.0095 20 ARG A CB  
157 C CG  . ARG A 20 ? 0.3842 0.3698 0.3891 -0.0042 0.0181  -0.0061 20 ARG A CG  
158 C CD  . ARG A 20 ? 0.4250 0.4050 0.4373 -0.0030 0.0215  -0.0070 20 ARG A CD  
159 N NE  . ARG A 20 ? 0.4804 0.4580 0.4956 -0.0010 0.0206  -0.0018 20 ARG A NE  
160 C CZ  . ARG A 20 ? 0.5092 0.4899 0.5279 -0.0005 0.0224  -0.0022 20 ARG A CZ  
161 N NH1 . ARG A 20 ? 0.5147 0.5011 0.5343 -0.0020 0.0252  -0.0079 20 ARG A NH1 
162 N NH2 . ARG A 20 ? 0.5594 0.5380 0.5809 0.0013  0.0214  0.0031  20 ARG A NH2 
163 N N   . GLU A 21 ? 0.3219 0.3101 0.3247 -0.0097 0.0233  -0.0214 21 GLU A N   
164 C CA  . GLU A 21 ? 0.3555 0.3444 0.3551 -0.0113 0.0227  -0.0233 21 GLU A CA  
165 C C   . GLU A 21 ? 0.3093 0.2922 0.3061 -0.0092 0.0190  -0.0172 21 GLU A C   
166 O O   . GLU A 21 ? 0.3020 0.2790 0.3015 -0.0073 0.0185  -0.0133 21 GLU A O   
167 C CB  . GLU A 21 ? 0.3795 0.3655 0.3848 -0.0126 0.0269  -0.0291 21 GLU A CB  
168 C CG  . GLU A 21 ? 0.4598 0.4524 0.4685 -0.0151 0.0310  -0.0367 21 GLU A CG  
169 C CD  . GLU A 21 ? 0.5793 0.5836 0.5818 -0.0180 0.0303  -0.0400 21 GLU A CD  
170 O OE1 . GLU A 21 ? 0.6276 0.6339 0.6276 -0.0197 0.0300  -0.0423 21 GLU A OE1 
171 O OE2 . GLU A 21 ? 0.6465 0.6590 0.6470 -0.0186 0.0300  -0.0402 21 GLU A OE2 
172 N N   . ALA A 22 ? 0.3014 0.2866 0.2932 -0.0099 0.0166  -0.0163 22 ALA A N   
173 C CA  . ALA A 22 ? 0.2740 0.2543 0.2633 -0.0083 0.0136  -0.0118 22 ALA A CA  
174 C C   . ALA A 22 ? 0.2772 0.2591 0.2637 -0.0094 0.0130  -0.0135 22 ALA A C   
175 O O   . ALA A 22 ? 0.3022 0.2906 0.2865 -0.0113 0.0135  -0.0164 22 ALA A O   
176 C CB  . ALA A 22 ? 0.2949 0.2765 0.2813 -0.0071 0.0100  -0.0071 22 ALA A CB  
177 N N   . LEU A 23 ? 0.2703 0.2471 0.2563 -0.0084 0.0116  -0.0111 23 LEU A N   
178 C CA  . LEU A 23 ? 0.2784 0.2559 0.2615 -0.0089 0.0107  -0.0118 23 LEU A CA  
179 C C   . LEU A 23 ? 0.2680 0.2483 0.2470 -0.0081 0.0073  -0.0089 23 LEU A C   
180 O O   . LEU A 23 ? 0.2780 0.2553 0.2566 -0.0064 0.0050  -0.0054 23 LEU A O   
181 C CB  . LEU A 23 ? 0.2788 0.2507 0.2639 -0.0080 0.0107  -0.0101 23 LEU A CB  
182 C CG  . LEU A 23 ? 0.2959 0.2679 0.2784 -0.0084 0.0098  -0.0104 23 LEU A CG  
183 C CD1 . LEU A 23 ? 0.3048 0.2800 0.2881 -0.0108 0.0123  -0.0151 23 LEU A CD1 
184 C CD2 . LEU A 23 ? 0.2991 0.2670 0.2837 -0.0074 0.0096  -0.0076 23 LEU A CD2 
185 N N   . ILE A 24 ? 0.2806 0.2662 0.2571 -0.0094 0.0069  -0.0103 24 ILE A N   
186 C CA  . ILE A 24 ? 0.2899 0.2780 0.2642 -0.0084 0.0039  -0.0071 24 ILE A CA  
187 C C   . ILE A 24 ? 0.2818 0.2657 0.2553 -0.0074 0.0029  -0.0066 24 ILE A C   
188 O O   . ILE A 24 ? 0.2593 0.2442 0.2319 -0.0084 0.0040  -0.0090 24 ILE A O   
189 C CB  . ILE A 24 ? 0.2825 0.2794 0.2553 -0.0099 0.0038  -0.0077 24 ILE A CB  
190 C CG1 . ILE A 24 ? 0.3273 0.3303 0.3006 -0.0110 0.0046  -0.0079 24 ILE A CG1 
191 C CG2 . ILE A 24 ? 0.3072 0.3058 0.2793 -0.0086 0.0011  -0.0041 24 ILE A CG2 
192 C CD1 . ILE A 24 ? 0.3780 0.3921 0.3499 -0.0132 0.0049  -0.0086 24 ILE A CD1 
193 N N   . ASN A 25 ? 0.2717 0.2518 0.2451 -0.0056 0.0008  -0.0039 25 ASN A N   
194 C CA  . ASN A 25 ? 0.2606 0.2376 0.2334 -0.0048 0.0001  -0.0038 25 ASN A CA  
195 C C   . ASN A 25 ? 0.2505 0.2277 0.2228 -0.0034 -0.0023 -0.0023 25 ASN A C   
196 O O   . ASN A 25 ? 0.2452 0.2202 0.2187 -0.0024 -0.0037 -0.0007 25 ASN A O   
197 C CB  . ASN A 25 ? 0.2881 0.2606 0.2624 -0.0043 0.0005  -0.0028 25 ASN A CB  
198 C CG  . ASN A 25 ? 0.3053 0.2763 0.2792 -0.0039 0.0002  -0.0026 25 ASN A CG  
199 O OD1 . ASN A 25 ? 0.2987 0.2712 0.2709 -0.0038 -0.0005 -0.0035 25 ASN A OD1 
200 N ND2 . ASN A 25 ? 0.3471 0.3160 0.3226 -0.0037 0.0007  -0.0011 25 ASN A ND2 
201 N N   . THR A 26 ? 0.2608 0.2409 0.2323 -0.0035 -0.0025 -0.0029 26 THR A N   
202 C CA  . THR A 26 ? 0.2395 0.2198 0.2119 -0.0020 -0.0043 -0.0019 26 THR A CA  
203 C C   . THR A 26 ? 0.2421 0.2189 0.2144 -0.0012 -0.0050 -0.0029 26 THR A C   
204 O O   . THR A 26 ? 0.2707 0.2468 0.2448 0.0000  -0.0063 -0.0027 26 THR A O   
205 C CB  . THR A 26 ? 0.2522 0.2371 0.2244 -0.0022 -0.0042 -0.0022 26 THR A CB  
206 O OG1 . THR A 26 ? 0.2397 0.2249 0.2096 -0.0031 -0.0030 -0.0044 26 THR A OG1 
207 C CG2 . THR A 26 ? 0.2656 0.2561 0.2381 -0.0033 -0.0039 -0.0009 26 THR A CG2 
208 N N   . GLY A 27 ? 0.2426 0.2178 0.2135 -0.0019 -0.0040 -0.0036 27 GLY A N   
209 C CA  . GLY A 27 ? 0.2752 0.2492 0.2457 -0.0016 -0.0046 -0.0040 27 GLY A CA  
210 C C   . GLY A 27 ? 0.3039 0.2759 0.2754 -0.0013 -0.0053 -0.0028 27 GLY A C   
211 O O   . GLY A 27 ? 0.3190 0.2915 0.2902 -0.0014 -0.0059 -0.0029 27 GLY A O   
212 N N   . ALA A 28 ? 0.2599 0.2307 0.2327 -0.0013 -0.0055 -0.0015 28 ALA A N   
213 C CA  . ALA A 28 ? 0.2597 0.2290 0.2337 -0.0011 -0.0062 -0.0001 28 ALA A CA  
214 C C   . ALA A 28 ? 0.2426 0.2112 0.2186 -0.0005 -0.0078 0.0003  28 ALA A C   
215 O O   . ALA A 28 ? 0.2551 0.2245 0.2325 -0.0002 -0.0079 0.0010  28 ALA A O   
216 C CB  . ALA A 28 ? 0.2520 0.2205 0.2269 -0.0016 -0.0049 0.0014  28 ALA A CB  
217 N N   . ASP A 29 ? 0.2569 0.2249 0.2339 -0.0005 -0.0091 -0.0003 29 ASP A N   
218 C CA  . ASP A 29 ? 0.2417 0.2082 0.2218 0.0000  -0.0103 -0.0001 29 ASP A CA  
219 C C   . ASP A 29 ? 0.2278 0.1937 0.2094 -0.0002 -0.0106 0.0027  29 ASP A C   
220 O O   . ASP A 29 ? 0.2889 0.2545 0.2737 0.0002  -0.0112 0.0041  29 ASP A O   
221 C CB  . ASP A 29 ? 0.2767 0.2436 0.2577 -0.0005 -0.0112 -0.0023 29 ASP A CB  
222 C CG  . ASP A 29 ? 0.3124 0.2812 0.2924 -0.0004 -0.0111 -0.0057 29 ASP A CG  
223 O OD1 . ASP A 29 ? 0.3267 0.2956 0.3068 0.0003  -0.0106 -0.0063 29 ASP A OD1 
224 O OD2 . ASP A 29 ? 0.4013 0.3721 0.3810 -0.0014 -0.0116 -0.0080 29 ASP A OD2 
225 N N   . ASP A 30 ? 0.2421 0.2081 0.2221 -0.0007 -0.0098 0.0038  30 ASP A N   
226 C CA  . ASP A 30 ? 0.2681 0.2338 0.2496 -0.0010 -0.0099 0.0062  30 ASP A CA  
227 C C   . ASP A 30 ? 0.2662 0.2327 0.2468 -0.0011 -0.0081 0.0071  30 ASP A C   
228 O O   . ASP A 30 ? 0.2871 0.2540 0.2662 -0.0012 -0.0067 0.0059  30 ASP A O   
229 C CB  . ASP A 30 ? 0.3001 0.2658 0.2815 -0.0015 -0.0106 0.0065  30 ASP A CB  
230 C CG  . ASP A 30 ? 0.3926 0.3586 0.3748 -0.0020 -0.0121 0.0043  30 ASP A CG  
231 O OD1 . ASP A 30 ? 0.3787 0.3433 0.3639 -0.0018 -0.0131 0.0036  30 ASP A OD1 
232 O OD2 . ASP A 30 ? 0.4525 0.4208 0.4332 -0.0026 -0.0122 0.0030  30 ASP A OD2 
233 N N   . THR A 31 ? 0.2599 0.2269 0.2418 -0.0012 -0.0080 0.0091  31 THR A N   
234 C CA  . THR A 31 ? 0.2330 0.2014 0.2151 -0.0014 -0.0060 0.0093  31 THR A CA  
235 C C   . THR A 31 ? 0.2554 0.2229 0.2389 -0.0013 -0.0055 0.0108  31 THR A C   
236 O O   . THR A 31 ? 0.2458 0.2129 0.2302 -0.0013 -0.0070 0.0127  31 THR A O   
237 C CB  . THR A 31 ? 0.2402 0.2116 0.2233 -0.0016 -0.0065 0.0108  31 THR A CB  
238 O OG1 . THR A 31 ? 0.2453 0.2188 0.2280 -0.0017 -0.0068 0.0101  31 THR A OG1 
239 C CG2 . THR A 31 ? 0.2445 0.2187 0.2280 -0.0022 -0.0044 0.0107  31 THR A CG2 
240 N N   . ILE A 32 ? 0.2471 0.2142 0.2311 -0.0013 -0.0031 0.0102  32 ILE A N   
241 C CA  . ILE A 32 ? 0.2517 0.2180 0.2382 -0.0009 -0.0023 0.0123  32 ILE A CA  
242 C C   . ILE A 32 ? 0.2676 0.2342 0.2570 -0.0009 0.0007  0.0114  32 ILE A C   
243 O O   . ILE A 32 ? 0.2639 0.2304 0.2531 -0.0013 0.0026  0.0086  32 ILE A O   
244 C CB  . ILE A 32 ? 0.2815 0.2475 0.2680 -0.0009 -0.0028 0.0132  32 ILE A CB  
245 C CG1 . ILE A 32 ? 0.2990 0.2656 0.2888 -0.0005 -0.0019 0.0166  32 ILE A CG1 
246 C CG2 . ILE A 32 ? 0.2983 0.2636 0.2842 -0.0011 -0.0013 0.0115  32 ILE A CG2 
247 C CD1 . ILE A 32 ? 0.3189 0.2877 0.3081 -0.0008 -0.0035 0.0185  32 ILE A CD1 
248 N N   . PHE A 33 ? 0.2578 0.2247 0.2499 -0.0004 0.0014  0.0134  33 PHE A N   
249 C CA  . PHE A 33 ? 0.2563 0.2234 0.2526 -0.0001 0.0047  0.0122  33 PHE A CA  
250 C C   . PHE A 33 ? 0.2600 0.2260 0.2611 0.0008  0.0056  0.0157  33 PHE A C   
251 O O   . PHE A 33 ? 0.2712 0.2379 0.2717 0.0011  0.0035  0.0191  33 PHE A O   
252 C CB  . PHE A 33 ? 0.2587 0.2287 0.2551 -0.0005 0.0052  0.0114  33 PHE A CB  
253 C CG  . PHE A 33 ? 0.2916 0.2647 0.2850 -0.0016 0.0051  0.0083  33 PHE A CG  
254 C CD1 . PHE A 33 ? 0.2794 0.2544 0.2739 -0.0025 0.0081  0.0042  33 PHE A CD1 
255 C CD2 . PHE A 33 ? 0.3052 0.2796 0.2952 -0.0019 0.0021  0.0097  33 PHE A CD2 
256 C CE1 . PHE A 33 ? 0.2898 0.2692 0.2811 -0.0039 0.0079  0.0017  33 PHE A CE1 
257 C CE2 . PHE A 33 ? 0.3435 0.3218 0.3311 -0.0029 0.0020  0.0080  33 PHE A CE2 
258 C CZ  . PHE A 33 ? 0.3102 0.2916 0.2982 -0.0039 0.0048  0.0042  33 PHE A CZ  
259 N N   A GLU A 34 ? 0.3042 0.2689 0.3108 0.0013  0.0091  0.0149  34 GLU A N   
260 N N   B GLU A 34 ? 0.2836 0.2480 0.2897 0.0012  0.0090  0.0148  34 GLU A N   
261 C CA  A GLU A 34 ? 0.3745 0.3385 0.3870 0.0025  0.0103  0.0191  34 GLU A CA  
262 C CA  B GLU A 34 ? 0.3386 0.3026 0.3511 0.0024  0.0105  0.0185  34 GLU A CA  
263 C C   A GLU A 34 ? 0.4055 0.3712 0.4208 0.0035  0.0099  0.0230  34 GLU A C   
264 C C   B GLU A 34 ? 0.3453 0.3112 0.3593 0.0030  0.0110  0.0188  34 GLU A C   
265 O O   A GLU A 34 ? 0.5053 0.4723 0.5219 0.0039  0.0084  0.0278  34 GLU A O   
266 O O   B GLU A 34 ? 0.3138 0.2816 0.3238 0.0022  0.0098  0.0167  34 GLU A O   
267 C CB  . GLU A 34 ? 0.4056 0.3670 0.4253 0.0028  0.0145  0.0174  34 GLU A CB  
268 C CG  . GLU A 34 ? 0.5559 0.5169 0.5826 0.0042  0.0153  0.0232  34 GLU A CG  
269 C CD  . GLU A 34 ? 0.6702 0.6291 0.7009 0.0039  0.0171  0.0234  34 GLU A CD  
270 O OE1 . GLU A 34 ? 0.7594 0.7157 0.7916 0.0031  0.0198  0.0181  34 GLU A OE1 
271 O OE2 . GLU A 34 ? 0.7036 0.6642 0.7353 0.0043  0.0156  0.0289  34 GLU A OE2 
272 N N   A GLU A 35 ? 0.4076 0.3743 0.4245 0.0037  0.0113  0.0212  35 GLU A N   
273 N N   B GLU A 35 ? 0.3844 0.3504 0.4044 0.0042  0.0123  0.0224  35 GLU A N   
274 C CA  A GLU A 35 ? 0.3935 0.3624 0.4120 0.0044  0.0103  0.0250  35 GLU A CA  
275 C CA  B GLU A 35 ? 0.4593 0.4273 0.4823 0.0048  0.0137  0.0224  35 GLU A CA  
276 C C   A GLU A 35 ? 0.3795 0.3502 0.3977 0.0041  0.0118  0.0213  35 GLU A C   
277 C C   B GLU A 35 ? 0.4500 0.4206 0.4680 0.0037  0.0131  0.0184  35 GLU A C   
278 O O   A GLU A 35 ? 0.4258 0.3962 0.4478 0.0041  0.0155  0.0173  35 GLU A O   
279 O O   B GLU A 35 ? 0.4460 0.4173 0.4640 0.0028  0.0152  0.0132  35 GLU A O   
280 C CB  A GLU A 35 ? 0.3681 0.3371 0.3949 0.0059  0.0122  0.0297  35 GLU A CB  
281 C CB  B GLU A 35 ? 0.4923 0.4588 0.5249 0.0061  0.0184  0.0215  35 GLU A CB  
282 C CG  A GLU A 35 ? 0.3901 0.3621 0.4186 0.0067  0.0113  0.0337  35 GLU A CG  
283 C CG  B GLU A 35 ? 0.5220 0.4873 0.5569 0.0052  0.0221  0.0144  35 GLU A CG  
284 C CD  A GLU A 35 ? 0.3642 0.3386 0.3856 0.0054  0.0068  0.0354  35 GLU A CD  
285 C CD  B GLU A 35 ? 0.5754 0.5367 0.6171 0.0056  0.0250  0.0141  35 GLU A CD  
286 O OE1 A GLU A 35 ? 0.3958 0.3712 0.4154 0.0049  0.0047  0.0380  35 GLU A OE1 
287 O OE1 B GLU A 35 ? 0.6092 0.5693 0.6531 0.0046  0.0281  0.0080  35 GLU A OE1 
288 O OE2 A GLU A 35 ? 0.3663 0.3420 0.3846 0.0048  0.0056  0.0339  35 GLU A OE2 
289 O OE2 B GLU A 35 ? 0.5992 0.5591 0.6443 0.0067  0.0242  0.0201  35 GLU A OE2 
290 N N   A ILE A 36 ? 0.4104 0.3836 0.4238 0.0033  0.0090  0.0222  36 ILE A N   
291 N N   B ILE A 36 ? 0.4519 0.4248 0.4664 0.0034  0.0100  0.0212  36 ILE A N   
292 C CA  A ILE A 36 ? 0.4110 0.3879 0.4230 0.0027  0.0095  0.0195  36 ILE A CA  
293 C CA  B ILE A 36 ? 0.4267 0.4034 0.4387 0.0026  0.0096  0.0194  36 ILE A CA  
294 C C   . ILE A 36 ? 0.4244 0.4033 0.4350 0.0026  0.0066  0.0235  36 ILE A C   
295 O O   . ILE A 36 ? 0.4802 0.4579 0.4888 0.0025  0.0038  0.0264  36 ILE A O   
296 C CB  . ILE A 36 ? 0.4213 0.3991 0.4281 0.0012  0.0086  0.0159  36 ILE A CB  
297 C CG1 . ILE A 36 ? 0.4451 0.4286 0.4503 0.0002  0.0088  0.0144  36 ILE A CG1 
298 C CG2 . ILE A 36 ? 0.3851 0.3609 0.3873 0.0007  0.0049  0.0178  36 ILE A CG2 
299 C CD1 . ILE A 36 ? 0.4678 0.4540 0.4703 -0.0011 0.0098  0.0100  36 ILE A CD1 
300 N N   . SER A 37 ? 0.3937 0.3766 0.4056 0.0025  0.0074  0.0236  37 SER A N   
301 C CA  . SER A 37 ? 0.4172 0.4022 0.4281 0.0023  0.0045  0.0278  37 SER A CA  
302 C C   . SER A 37 ? 0.3501 0.3376 0.3565 0.0009  0.0021  0.0272  37 SER A C   
303 O O   . SER A 37 ? 0.3534 0.3445 0.3589 0.0002  0.0034  0.0247  37 SER A O   
304 C CB  . SER A 37 ? 0.5040 0.4924 0.5193 0.0032  0.0063  0.0294  37 SER A CB  
305 O OG  . SER A 37 ? 0.6232 0.6155 0.6390 0.0028  0.0089  0.0256  37 SER A OG  
306 N N   . LEU A 38 ? 0.3303 0.3163 0.3347 0.0002  -0.0013 0.0298  38 LEU A N   
307 C CA  . LEU A 38 ? 0.2940 0.2815 0.2959 -0.0010 -0.0037 0.0303  38 LEU A CA  
308 C C   . LEU A 38 ? 0.3199 0.3089 0.3231 -0.0016 -0.0062 0.0343  38 LEU A C   
309 O O   . LEU A 38 ? 0.3603 0.3482 0.3650 -0.0014 -0.0069 0.0363  38 LEU A O   
310 C CB  . LEU A 38 ? 0.2862 0.2696 0.2856 -0.0013 -0.0053 0.0290  38 LEU A CB  
311 C CG  . LEU A 38 ? 0.2857 0.2678 0.2837 -0.0009 -0.0031 0.0251  38 LEU A CG  
312 C CD1 . LEU A 38 ? 0.2831 0.2613 0.2786 -0.0012 -0.0048 0.0242  38 LEU A CD1 
313 C CD2 . LEU A 38 ? 0.3055 0.2924 0.3026 -0.0016 -0.0017 0.0232  38 LEU A CD2 
314 N N   . PRO A 39 ? 0.3314 0.3234 0.3346 -0.0026 -0.0079 0.0358  39 PRO A N   
315 C CA  . PRO A 39 ? 0.3467 0.3403 0.3521 -0.0035 -0.0102 0.0398  39 PRO A CA  
316 C C   . PRO A 39 ? 0.3118 0.3007 0.3175 -0.0043 -0.0131 0.0404  39 PRO A C   
317 O O   . PRO A 39 ? 0.3124 0.2977 0.3167 -0.0043 -0.0135 0.0380  39 PRO A O   
318 C CB  . PRO A 39 ? 0.3582 0.3574 0.3642 -0.0043 -0.0105 0.0416  39 PRO A CB  
319 C CG  . PRO A 39 ? 0.3778 0.3771 0.3813 -0.0041 -0.0093 0.0385  39 PRO A CG  
320 C CD  . PRO A 39 ? 0.3505 0.3464 0.3523 -0.0030 -0.0069 0.0344  39 PRO A CD  
321 N N   . GLY A 40 ? 0.3204 0.3098 0.3287 -0.0053 -0.0150 0.0432  40 GLY A N   
322 C CA  . GLY A 40 ? 0.3074 0.2935 0.3172 -0.0066 -0.0174 0.0430  40 GLY A CA  
323 C C   . GLY A 40 ? 0.3068 0.2908 0.3155 -0.0069 -0.0179 0.0413  40 GLY A C   
324 O O   . GLY A 40 ? 0.3217 0.3072 0.3290 -0.0058 -0.0163 0.0415  40 GLY A O   
325 N N   . ARG A 41 ? 0.2998 0.2814 0.3097 -0.0083 -0.0199 0.0397  41 ARG A N   
326 C CA  . ARG A 41 ? 0.3582 0.3398 0.3671 -0.0094 -0.0206 0.0381  41 ARG A CA  
327 C C   . ARG A 41 ? 0.3365 0.3157 0.3424 -0.0086 -0.0199 0.0344  41 ARG A C   
328 O O   . ARG A 41 ? 0.4551 0.4313 0.4612 -0.0087 -0.0203 0.0320  41 ARG A O   
329 C CB  . ARG A 41 ? 0.4025 0.3836 0.4148 -0.0118 -0.0230 0.0371  41 ARG A CB  
330 C CG  . ARG A 41 ? 0.4783 0.4622 0.4895 -0.0134 -0.0239 0.0356  41 ARG A CG  
331 C CD  . ARG A 41 ? 0.5558 0.5402 0.5712 -0.0163 -0.0259 0.0344  41 ARG A CD  
332 N NE  . ARG A 41 ? 0.7220 0.7012 0.7407 -0.0164 -0.0262 0.0324  41 ARG A NE  
333 C CZ  . ARG A 41 ? 0.7604 0.7380 0.7845 -0.0169 -0.0268 0.0349  41 ARG A CZ  
334 N NH1 . ARG A 41 ? 0.6841 0.6648 0.7102 -0.0177 -0.0275 0.0390  41 ARG A NH1 
335 N NH2 . ARG A 41 ? 0.7246 0.6979 0.7524 -0.0165 -0.0269 0.0337  41 ARG A NH2 
336 N N   . TRP A 42 ? 0.3125 0.2936 0.3162 -0.0082 -0.0191 0.0343  42 TRP A N   
337 C CA  . TRP A 42 ? 0.2701 0.2497 0.2711 -0.0078 -0.0186 0.0312  42 TRP A CA  
338 C C   . TRP A 42 ? 0.3199 0.3021 0.3205 -0.0098 -0.0201 0.0293  42 TRP A C   
339 O O   . TRP A 42 ? 0.3139 0.2996 0.3160 -0.0115 -0.0214 0.0307  42 TRP A O   
340 C CB  . TRP A 42 ? 0.2932 0.2734 0.2926 -0.0060 -0.0162 0.0324  42 TRP A CB  
341 C CG  . TRP A 42 ? 0.2816 0.2658 0.2824 -0.0057 -0.0157 0.0360  42 TRP A CG  
342 C CD1 . TRP A 42 ? 0.3077 0.2932 0.3109 -0.0048 -0.0146 0.0390  42 TRP A CD1 
343 C CD2 . TRP A 42 ? 0.3013 0.2896 0.3020 -0.0063 -0.0160 0.0374  42 TRP A CD2 
344 N NE1 . TRP A 42 ? 0.3596 0.3491 0.3645 -0.0045 -0.0141 0.0423  42 TRP A NE1 
345 C CE2 . TRP A 42 ? 0.2988 0.2907 0.3024 -0.0056 -0.0152 0.0418  42 TRP A CE2 
346 C CE3 . TRP A 42 ? 0.3019 0.2923 0.3006 -0.0074 -0.0169 0.0356  42 TRP A CE3 
347 C CZ2 . TRP A 42 ? 0.3444 0.3420 0.3492 -0.0059 -0.0153 0.0452  42 TRP A CZ2 
348 C CZ3 . TRP A 42 ? 0.3260 0.3229 0.3255 -0.0081 -0.0172 0.0387  42 TRP A CZ3 
349 C CH2 . TRP A 42 ? 0.3321 0.3323 0.3347 -0.0072 -0.0164 0.0438  42 TRP A CH2 
350 N N   . LYS A 43 ? 0.3033 0.2847 0.3018 -0.0100 -0.0200 0.0259  43 LYS A N   
351 C CA  . LYS A 43 ? 0.3483 0.3341 0.3457 -0.0118 -0.0211 0.0237  43 LYS A CA  
352 C C   . LYS A 43 ? 0.3341 0.3215 0.3285 -0.0109 -0.0199 0.0235  43 LYS A C   
353 O O   . LYS A 43 ? 0.3357 0.3190 0.3292 -0.0091 -0.0185 0.0227  43 LYS A O   
354 C CB  . LYS A 43 ? 0.3887 0.3729 0.3876 -0.0138 -0.0224 0.0187  43 LYS A CB  
355 C CG  . LYS A 43 ? 0.4230 0.4023 0.4218 -0.0126 -0.0218 0.0155  43 LYS A CG  
356 C CD  . LYS A 43 ? 0.5051 0.4820 0.5078 -0.0144 -0.0228 0.0110  43 LYS A CD  
357 C CE  . LYS A 43 ? 0.5834 0.5554 0.5869 -0.0127 -0.0220 0.0090  43 LYS A CE  
358 N NZ  . LYS A 43 ? 0.6975 0.6667 0.7067 -0.0140 -0.0226 0.0046  43 LYS A NZ  
359 N N   . PRO A 44 ? 0.3853 0.3795 0.3788 -0.0121 -0.0203 0.0246  44 PRO A N   
360 C CA  . PRO A 44 ? 0.3749 0.3717 0.3663 -0.0114 -0.0193 0.0249  44 PRO A CA  
361 C C   . PRO A 44 ? 0.4049 0.3998 0.3941 -0.0120 -0.0196 0.0194  44 PRO A C   
362 O O   . PRO A 44 ? 0.4336 0.4278 0.4236 -0.0136 -0.0207 0.0149  44 PRO A O   
363 C CB  . PRO A 44 ? 0.4320 0.4388 0.4234 -0.0132 -0.0203 0.0278  44 PRO A CB  
364 C CG  . PRO A 44 ? 0.4107 0.4197 0.4033 -0.0156 -0.0221 0.0263  44 PRO A CG  
365 C CD  . PRO A 44 ? 0.4011 0.4022 0.3957 -0.0141 -0.0217 0.0265  44 PRO A CD  
366 N N   . LYS A 45 ? 0.3422 0.3357 0.3298 -0.0105 -0.0182 0.0195  45 LYS A N   
367 C CA  . LYS A 45 ? 0.3735 0.3657 0.3592 -0.0107 -0.0182 0.0146  45 LYS A CA  
368 C C   . LYS A 45 ? 0.3827 0.3793 0.3666 -0.0103 -0.0172 0.0167  45 LYS A C   
369 O O   . LYS A 45 ? 0.3419 0.3376 0.3270 -0.0088 -0.0158 0.0211  45 LYS A O   
370 C CB  . LYS A 45 ? 0.4031 0.3873 0.3893 -0.0090 -0.0173 0.0129  45 LYS A CB  
371 C CG  . LYS A 45 ? 0.5081 0.4905 0.4930 -0.0087 -0.0171 0.0085  45 LYS A CG  
372 C CD  . LYS A 45 ? 0.5630 0.5386 0.5492 -0.0072 -0.0165 0.0077  45 LYS A CD  
373 C CE  . LYS A 45 ? 0.5949 0.5688 0.5797 -0.0061 -0.0156 0.0053  45 LYS A CE  
374 N NZ  . LYS A 45 ? 0.6408 0.6142 0.6271 -0.0068 -0.0164 0.0006  45 LYS A NZ  
375 N N   . LEU A 46 ? 0.3491 0.3510 0.3310 -0.0118 -0.0178 0.0134  46 LEU A N   
376 C CA  . LEU A 46 ? 0.3392 0.3453 0.3195 -0.0115 -0.0168 0.0152  46 LEU A CA  
377 C C   . LEU A 46 ? 0.3438 0.3443 0.3229 -0.0102 -0.0161 0.0116  46 LEU A C   
378 O O   . LEU A 46 ? 0.3954 0.3942 0.3739 -0.0110 -0.0166 0.0061  46 LEU A O   
379 C CB  . LEU A 46 ? 0.3384 0.3560 0.3170 -0.0142 -0.0181 0.0140  46 LEU A CB  
380 C CG  . LEU A 46 ? 0.3746 0.4007 0.3544 -0.0160 -0.0192 0.0176  46 LEU A CG  
381 C CD1 . LEU A 46 ? 0.4089 0.4480 0.3865 -0.0190 -0.0203 0.0155  46 LEU A CD1 
382 C CD2 . LEU A 46 ? 0.3971 0.4244 0.3794 -0.0142 -0.0181 0.0259  46 LEU A CD2 
383 N N   . ILE A 47 ? 0.2838 0.2812 0.2631 -0.0085 -0.0144 0.0144  47 ILE A N   
384 C CA  . ILE A 47 ? 0.3135 0.3061 0.2914 -0.0075 -0.0136 0.0113  47 ILE A CA  
385 C C   . ILE A 47 ? 0.3126 0.3095 0.2894 -0.0075 -0.0127 0.0127  47 ILE A C   
386 O O   . ILE A 47 ? 0.3131 0.3151 0.2912 -0.0078 -0.0123 0.0175  47 ILE A O   
387 C CB  . ILE A 47 ? 0.2994 0.2840 0.2785 -0.0057 -0.0123 0.0120  47 ILE A CB  
388 C CG1 . ILE A 47 ? 0.3091 0.2932 0.2904 -0.0047 -0.0106 0.0168  47 ILE A CG1 
389 C CG2 . ILE A 47 ? 0.3369 0.3180 0.3173 -0.0058 -0.0133 0.0105  47 ILE A CG2 
390 C CD1 . ILE A 47 ? 0.3293 0.3069 0.3117 -0.0032 -0.0089 0.0163  47 ILE A CD1 
391 N N   . GLY A 48 ? 0.3400 0.3349 0.3151 -0.0072 -0.0125 0.0088  48 GLY A N   
392 C CA  . GLY A 48 ? 0.3437 0.3420 0.3177 -0.0073 -0.0115 0.0099  48 GLY A CA  
393 C C   . GLY A 48 ? 0.3401 0.3465 0.3119 -0.0089 -0.0125 0.0068  48 GLY A C   
394 O O   . GLY A 48 ? 0.3979 0.4028 0.3685 -0.0089 -0.0128 0.0014  48 GLY A O   
395 N N   . GLY A 49 ? 0.3122 0.3278 0.2839 -0.0103 -0.0128 0.0105  49 GLY A N   
396 C CA  . GLY A 49 ? 0.2988 0.3249 0.2682 -0.0122 -0.0138 0.0080  49 GLY A CA  
397 C C   . GLY A 49 ? 0.3022 0.3334 0.2708 -0.0124 -0.0130 0.0099  49 GLY A C   
398 O O   . GLY A 49 ? 0.3233 0.3661 0.2904 -0.0143 -0.0136 0.0095  49 GLY A O   
399 N N   . ILE A 50 ? 0.2945 0.3182 0.2643 -0.0106 -0.0115 0.0119  50 ILE A N   
400 C CA  . ILE A 50 ? 0.3002 0.3280 0.2698 -0.0107 -0.0107 0.0137  50 ILE A CA  
401 C C   . ILE A 50 ? 0.2892 0.3210 0.2627 -0.0108 -0.0100 0.0224  50 ILE A C   
402 O O   . ILE A 50 ? 0.3278 0.3518 0.3048 -0.0093 -0.0083 0.0257  50 ILE A O   
403 C CB  . ILE A 50 ? 0.3051 0.3237 0.2741 -0.0092 -0.0095 0.0107  50 ILE A CB  
404 C CG1 . ILE A 50 ? 0.3278 0.3414 0.2949 -0.0085 -0.0101 0.0035  50 ILE A CG1 
405 C CG2 . ILE A 50 ? 0.3265 0.3507 0.2946 -0.0096 -0.0090 0.0113  50 ILE A CG2 
406 C CD1 . ILE A 50 ? 0.3561 0.3615 0.3230 -0.0070 -0.0090 0.0011  50 ILE A CD1 
407 N N   . GLY A 51 ? 0.2966 0.3411 0.2700 -0.0126 -0.0110 0.0259  51 GLY A N   
408 C CA  . GLY A 51 ? 0.3116 0.3630 0.2898 -0.0130 -0.0106 0.0353  51 GLY A CA  
409 C C   . GLY A 51 ? 0.3014 0.3550 0.2822 -0.0132 -0.0112 0.0391  51 GLY A C   
410 O O   . GLY A 51 ? 0.3132 0.3732 0.2987 -0.0133 -0.0110 0.0475  51 GLY A O   
411 N N   . GLY A 52 ? 0.3006 0.3481 0.2792 -0.0129 -0.0120 0.0339  52 GLY A N   
412 C CA  . GLY A 52 ? 0.3013 0.3498 0.2822 -0.0130 -0.0126 0.0372  52 GLY A CA  
413 C C   . GLY A 52 ? 0.2691 0.3056 0.2487 -0.0118 -0.0126 0.0314  52 GLY A C   
414 O O   . GLY A 52 ? 0.2881 0.3168 0.2650 -0.0110 -0.0123 0.0250  52 GLY A O   
415 N N   . PHE A 53 ? 0.2779 0.3143 0.2594 -0.0118 -0.0132 0.0336  53 PHE A N   
416 C CA  . PHE A 53 ? 0.2790 0.3056 0.2598 -0.0109 -0.0133 0.0293  53 PHE A CA  
417 C C   . PHE A 53 ? 0.2798 0.3007 0.2654 -0.0089 -0.0120 0.0348  53 PHE A C   
418 O O   . PHE A 53 ? 0.3150 0.3416 0.3048 -0.0089 -0.0115 0.0416  53 PHE A O   
419 C CB  . PHE A 53 ? 0.2864 0.3189 0.2652 -0.0130 -0.0154 0.0261  53 PHE A CB  
420 C CG  . PHE A 53 ? 0.3062 0.3430 0.2809 -0.0149 -0.0164 0.0189  53 PHE A CG  
421 C CD1 . PHE A 53 ? 0.3395 0.3672 0.3129 -0.0140 -0.0162 0.0121  53 PHE A CD1 
422 C CD2 . PHE A 53 ? 0.3570 0.4076 0.3302 -0.0175 -0.0174 0.0190  53 PHE A CD2 
423 C CE1 . PHE A 53 ? 0.3559 0.3873 0.3269 -0.0156 -0.0168 0.0051  53 PHE A CE1 
424 C CE2 . PHE A 53 ? 0.3440 0.3989 0.3139 -0.0194 -0.0180 0.0113  53 PHE A CE2 
425 C CZ  . PHE A 53 ? 0.3261 0.3708 0.2954 -0.0182 -0.0176 0.0044  53 PHE A CZ  
426 N N   . MET A 54 ? 0.2755 0.2860 0.2612 -0.0075 -0.0112 0.0316  54 MET A N   
427 C CA  . MET A 54 ? 0.2800 0.2849 0.2698 -0.0058 -0.0099 0.0348  54 MET A CA  
428 C C   . MET A 54 ? 0.2516 0.2550 0.2401 -0.0064 -0.0114 0.0322  54 MET A C   
429 O O   . MET A 54 ? 0.2778 0.2779 0.2629 -0.0069 -0.0125 0.0265  54 MET A O   
430 C CB  . MET A 54 ? 0.3049 0.3004 0.2960 -0.0041 -0.0077 0.0328  54 MET A CB  
431 C CG  . MET A 54 ? 0.3457 0.3360 0.3408 -0.0026 -0.0061 0.0345  54 MET A CG  
432 S SD  . MET A 54 ? 0.4085 0.3895 0.4051 -0.0012 -0.0032 0.0311  54 MET A SD  
433 C CE  . MET A 54 ? 0.4999 0.4822 0.5019 -0.0008 -0.0008 0.0353  54 MET A CE  
434 N N   . LYS A 55 ? 0.2368 0.2431 0.2284 -0.0063 -0.0115 0.0368  55 LYS A N   
435 C CA  . LYS A 55 ? 0.2386 0.2433 0.2296 -0.0068 -0.0127 0.0350  55 LYS A CA  
436 C C   . LYS A 55 ? 0.2607 0.2563 0.2538 -0.0048 -0.0110 0.0347  55 LYS A C   
437 O O   . LYS A 55 ? 0.2639 0.2574 0.2610 -0.0031 -0.0087 0.0381  55 LYS A O   
438 C CB  . LYS A 55 ? 0.2736 0.2865 0.2665 -0.0080 -0.0139 0.0397  55 LYS A CB  
439 C CG  . LYS A 55 ? 0.3253 0.3375 0.3173 -0.0091 -0.0155 0.0372  55 LYS A CG  
440 C CD  . LYS A 55 ? 0.3596 0.3807 0.3537 -0.0103 -0.0166 0.0421  55 LYS A CD  
441 C CE  . LYS A 55 ? 0.4324 0.4657 0.4249 -0.0129 -0.0181 0.0432  55 LYS A CE  
442 N NZ  . LYS A 55 ? 0.5238 0.5652 0.5186 -0.0143 -0.0193 0.0476  55 LYS A NZ  
443 N N   . VAL A 56 ? 0.2409 0.2319 0.2318 -0.0050 -0.0119 0.0303  56 VAL A N   
444 C CA  . VAL A 56 ? 0.2449 0.2295 0.2371 -0.0036 -0.0106 0.0295  56 VAL A CA  
445 C C   . VAL A 56 ? 0.2536 0.2378 0.2458 -0.0043 -0.0122 0.0289  56 VAL A C   
446 O O   . VAL A 56 ? 0.2564 0.2443 0.2474 -0.0060 -0.0143 0.0279  56 VAL A O   
447 C CB  . VAL A 56 ? 0.2713 0.2507 0.2610 -0.0030 -0.0099 0.0253  56 VAL A CB  
448 C CG1 . VAL A 56 ? 0.3009 0.2808 0.2909 -0.0026 -0.0084 0.0259  56 VAL A CG1 
449 C CG2 . VAL A 56 ? 0.2873 0.2666 0.2744 -0.0043 -0.0119 0.0212  56 VAL A CG2 
450 N N   . ARG A 57 ? 0.2340 0.2146 0.2277 -0.0032 -0.0111 0.0294  57 ARG A N   
451 C CA  . ARG A 57 ? 0.2401 0.2201 0.2344 -0.0039 -0.0125 0.0292  57 ARG A CA  
452 C C   . ARG A 57 ? 0.2369 0.2128 0.2295 -0.0038 -0.0129 0.0256  57 ARG A C   
453 O O   . ARG A 57 ? 0.2487 0.2221 0.2409 -0.0027 -0.0112 0.0247  57 ARG A O   
454 C CB  . ARG A 57 ? 0.2479 0.2279 0.2452 -0.0028 -0.0111 0.0323  57 ARG A CB  
455 C CG  . ARG A 57 ? 0.2732 0.2580 0.2734 -0.0026 -0.0107 0.0369  57 ARG A CG  
456 C CD  . ARG A 57 ? 0.3124 0.2971 0.3160 -0.0015 -0.0093 0.0393  57 ARG A CD  
457 N NE  . ARG A 57 ? 0.4897 0.4730 0.4963 0.0004  -0.0062 0.0402  57 ARG A NE  
458 C CZ  . ARG A 57 ? 0.4398 0.4201 0.4482 0.0016  -0.0037 0.0384  57 ARG A CZ  
459 N NH1 . ARG A 57 ? 0.4930 0.4722 0.5001 0.0015  -0.0034 0.0361  57 ARG A NH1 
460 N NH2 . ARG A 57 ? 0.4958 0.4751 0.5078 0.0028  -0.0010 0.0391  57 ARG A NH2 
461 N N   . GLN A 58 ? 0.2659 0.2416 0.2583 -0.0052 -0.0149 0.0236  58 GLN A N   
462 C CA  . GLN A 58 ? 0.2582 0.2305 0.2507 -0.0050 -0.0154 0.0213  58 GLN A CA  
463 C C   . GLN A 58 ? 0.2604 0.2321 0.2555 -0.0052 -0.0159 0.0234  58 GLN A C   
464 O O   . GLN A 58 ? 0.2746 0.2477 0.2718 -0.0064 -0.0174 0.0243  58 GLN A O   
465 C CB  . GLN A 58 ? 0.2767 0.2488 0.2693 -0.0063 -0.0170 0.0177  58 GLN A CB  
466 C CG  . GLN A 58 ? 0.2664 0.2349 0.2606 -0.0060 -0.0172 0.0160  58 GLN A CG  
467 C CD  . GLN A 58 ? 0.3327 0.3005 0.3285 -0.0071 -0.0183 0.0119  58 GLN A CD  
468 O OE1 . GLN A 58 ? 0.3747 0.3451 0.3686 -0.0080 -0.0186 0.0094  58 GLN A OE1 
469 N NE2 . GLN A 58 ? 0.3532 0.3184 0.3530 -0.0071 -0.0190 0.0113  58 GLN A NE2 
470 N N   . TYR A 59 ? 0.2263 0.1971 0.2215 -0.0041 -0.0147 0.0240  59 TYR A N   
471 C CA  . TYR A 59 ? 0.2569 0.2288 0.2546 -0.0042 -0.0151 0.0264  59 TYR A CA  
472 C C   . TYR A 59 ? 0.2738 0.2442 0.2727 -0.0042 -0.0158 0.0256  59 TYR A C   
473 O O   . TYR A 59 ? 0.2935 0.2634 0.2906 -0.0035 -0.0148 0.0241  59 TYR A O   
474 C CB  . TYR A 59 ? 0.2654 0.2395 0.2624 -0.0033 -0.0130 0.0279  59 TYR A CB  
475 C CG  . TYR A 59 ? 0.2481 0.2235 0.2455 -0.0029 -0.0119 0.0293  59 TYR A CG  
476 C CD1 . TYR A 59 ? 0.2778 0.2526 0.2743 -0.0021 -0.0103 0.0284  59 TYR A CD1 
477 C CD2 . TYR A 59 ? 0.2580 0.2360 0.2578 -0.0032 -0.0123 0.0322  59 TYR A CD2 
478 C CE1 . TYR A 59 ? 0.2457 0.2221 0.2441 -0.0015 -0.0090 0.0304  59 TYR A CE1 
479 C CE2 . TYR A 59 ? 0.2718 0.2515 0.2728 -0.0025 -0.0110 0.0339  59 TYR A CE2 
480 C CZ  . TYR A 59 ? 0.2791 0.2579 0.2796 -0.0016 -0.0094 0.0332  59 TYR A CZ  
481 O OH  . TYR A 59 ? 0.3290 0.3098 0.3322 -0.0008 -0.0080 0.0358  59 TYR A OH  
482 N N   . ASP A 60 ? 0.2618 0.2318 0.2646 -0.0050 -0.0175 0.0270  60 ASP A N   
483 C CA  . ASP A 60 ? 0.2723 0.2411 0.2782 -0.0048 -0.0181 0.0275  60 ASP A CA  
484 C C   . ASP A 60 ? 0.2613 0.2342 0.2691 -0.0046 -0.0179 0.0318  60 ASP A C   
485 O O   . ASP A 60 ? 0.2622 0.2382 0.2699 -0.0049 -0.0175 0.0341  60 ASP A O   
486 C CB  . ASP A 60 ? 0.2943 0.2604 0.3053 -0.0059 -0.0197 0.0264  60 ASP A CB  
487 C CG  . ASP A 60 ? 0.3567 0.3207 0.3658 -0.0065 -0.0199 0.0216  60 ASP A CG  
488 O OD1 . ASP A 60 ? 0.3332 0.2970 0.3383 -0.0057 -0.0189 0.0191  60 ASP A OD1 
489 O OD2 . ASP A 60 ? 0.3995 0.3629 0.4113 -0.0080 -0.0211 0.0201  60 ASP A OD2 
490 N N   . GLN A 61 ? 0.2569 0.2308 0.2666 -0.0042 -0.0179 0.0328  61 GLN A N   
491 C CA  . GLN A 61 ? 0.2796 0.2589 0.2918 -0.0043 -0.0180 0.0375  61 GLN A CA  
492 C C   . GLN A 61 ? 0.2725 0.2576 0.2806 -0.0043 -0.0163 0.0380  61 GLN A C   
493 O O   . GLN A 61 ? 0.2739 0.2639 0.2837 -0.0048 -0.0165 0.0416  61 GLN A O   
494 C CB  . GLN A 61 ? 0.3146 0.2940 0.3336 -0.0052 -0.0197 0.0416  61 GLN A CB  
495 C CG  . GLN A 61 ? 0.3288 0.3030 0.3541 -0.0052 -0.0209 0.0410  61 GLN A CG  
496 C CD  . GLN A 61 ? 0.3170 0.2937 0.3464 -0.0044 -0.0209 0.0440  61 GLN A CD  
497 O OE1 . GLN A 61 ? 0.3730 0.3471 0.4020 -0.0036 -0.0204 0.0413  61 GLN A OE1 
498 N NE2 . GLN A 61 ? 0.3565 0.3395 0.3894 -0.0047 -0.0213 0.0502  61 GLN A NE2 
499 N N   . ILE A 62 ? 0.2479 0.2327 0.2511 -0.0038 -0.0146 0.0342  62 ILE A N   
500 C CA  . ILE A 62 ? 0.2624 0.2520 0.2623 -0.0038 -0.0124 0.0331  62 ILE A CA  
501 C C   . ILE A 62 ? 0.2558 0.2514 0.2548 -0.0042 -0.0116 0.0334  62 ILE A C   
502 O O   . ILE A 62 ? 0.2754 0.2691 0.2732 -0.0038 -0.0115 0.0314  62 ILE A O   
503 C CB  . ILE A 62 ? 0.2515 0.2370 0.2480 -0.0033 -0.0107 0.0288  62 ILE A CB  
504 C CG1 . ILE A 62 ? 0.2681 0.2493 0.2655 -0.0032 -0.0116 0.0292  62 ILE A CG1 
505 C CG2 . ILE A 62 ? 0.2769 0.2667 0.2715 -0.0033 -0.0078 0.0268  62 ILE A CG2 
506 C CD1 . ILE A 62 ? 0.2822 0.2665 0.2815 -0.0035 -0.0116 0.0320  62 ILE A CD1 
507 N N   . PRO A 63 ? 0.2851 0.2889 0.2843 -0.0050 -0.0108 0.0354  63 PRO A N   
508 C CA  . PRO A 63 ? 0.2741 0.2861 0.2718 -0.0058 -0.0099 0.0352  63 PRO A CA  
509 C C   . PRO A 63 ? 0.2945 0.3074 0.2881 -0.0060 -0.0070 0.0293  63 PRO A C   
510 O O   . PRO A 63 ? 0.3369 0.3490 0.3298 -0.0060 -0.0051 0.0268  63 PRO A O   
511 C CB  . PRO A 63 ? 0.3087 0.3308 0.3086 -0.0069 -0.0101 0.0396  63 PRO A CB  
512 C CG  . PRO A 63 ? 0.3212 0.3399 0.3215 -0.0066 -0.0098 0.0394  63 PRO A CG  
513 C CD  . PRO A 63 ? 0.3015 0.3089 0.3028 -0.0054 -0.0111 0.0384  63 PRO A CD  
514 N N   . ILE A 64 ? 0.3115 0.3265 0.3033 -0.0064 -0.0065 0.0275  64 ILE A N   
515 C CA  . ILE A 64 ? 0.3154 0.3321 0.3039 -0.0072 -0.0036 0.0216  64 ILE A CA  
516 C C   . ILE A 64 ? 0.3316 0.3590 0.3189 -0.0088 -0.0032 0.0217  64 ILE A C   
517 O O   . ILE A 64 ? 0.3374 0.3693 0.3266 -0.0089 -0.0053 0.0266  64 ILE A O   
518 C CB  . ILE A 64 ? 0.3450 0.3515 0.3319 -0.0061 -0.0030 0.0177  64 ILE A CB  
519 C CG1 . ILE A 64 ? 0.3873 0.3920 0.3737 -0.0058 -0.0045 0.0184  64 ILE A CG1 
520 C CG2 . ILE A 64 ? 0.3709 0.3691 0.3592 -0.0048 -0.0035 0.0183  64 ILE A CG2 
521 C CD1 . ILE A 64 ? 0.4172 0.4153 0.4019 -0.0052 -0.0036 0.0144  64 ILE A CD1 
522 N N   . GLU A 65 ? 0.3229 0.3557 0.3081 -0.0103 -0.0005 0.0164  65 GLU A N   
523 C CA  . GLU A 65 ? 0.3619 0.4057 0.3455 -0.0124 0.0001  0.0156  65 GLU A CA  
524 C C   . GLU A 65 ? 0.3750 0.4147 0.3563 -0.0128 0.0022  0.0092  65 GLU A C   
525 O O   . GLU A 65 ? 0.4124 0.4469 0.3937 -0.0128 0.0047  0.0039  65 GLU A O   
526 C CB  . GLU A 65 ? 0.4137 0.4704 0.3970 -0.0145 0.0019  0.0145  65 GLU A CB  
527 C CG  . GLU A 65 ? 0.4947 0.5663 0.4767 -0.0171 0.0021  0.0147  65 GLU A CG  
528 C CD  . GLU A 65 ? 0.5059 0.5914 0.4876 -0.0194 0.0039  0.0133  65 GLU A CD  
529 O OE1 . GLU A 65 ? 0.5277 0.6166 0.5114 -0.0189 0.0026  0.0187  65 GLU A OE1 
530 O OE2 . GLU A 65 ? 0.5897 0.6818 0.5694 -0.0217 0.0070  0.0059  65 GLU A OE2 
531 N N   . ILE A 66 ? 0.3796 0.4204 0.3599 -0.0130 0.0010  0.0103  66 ILE A N   
532 C CA  . ILE A 66 ? 0.4229 0.4582 0.4012 -0.0131 0.0024  0.0052  66 ILE A CA  
533 C C   . ILE A 66 ? 0.4492 0.4974 0.4258 -0.0159 0.0036  0.0031  66 ILE A C   
534 O O   . ILE A 66 ? 0.4719 0.5292 0.4486 -0.0164 0.0017  0.0079  66 ILE A O   
535 C CB  . ILE A 66 ? 0.4484 0.4748 0.4271 -0.0110 0.0002  0.0077  66 ILE A CB  
536 C CG1 . ILE A 66 ? 0.4720 0.4876 0.4525 -0.0088 -0.0011 0.0097  66 ILE A CG1 
537 C CG2 . ILE A 66 ? 0.4671 0.4906 0.4437 -0.0117 0.0017  0.0028  66 ILE A CG2 
538 C CD1 . ILE A 66 ? 0.5064 0.5151 0.4876 -0.0070 -0.0033 0.0123  66 ILE A CD1 
539 N N   . ALA A 67 ? 0.4806 0.5311 0.4562 -0.0178 0.0068  -0.0041 67 ALA A N   
540 C CA  . ALA A 67 ? 0.5381 0.6028 0.5120 -0.0212 0.0083  -0.0074 67 ALA A CA  
541 C C   . ALA A 67 ? 0.5182 0.5980 0.4918 -0.0224 0.0064  -0.0015 67 ALA A C   
542 O O   . ALA A 67 ? 0.5590 0.6489 0.5315 -0.0240 0.0055  0.0003  67 ALA A O   
543 C CB  . ALA A 67 ? 0.5570 0.6204 0.5292 -0.0218 0.0084  -0.0098 67 ALA A CB  
544 N N   . GLY A 68 ? 0.5700 0.6522 0.5453 -0.0218 0.0056  0.0023  68 GLY A N   
545 C CA  . GLY A 68 ? 0.5056 0.6034 0.4816 -0.0232 0.0040  0.0086  68 GLY A CA  
546 C C   . GLY A 68 ? 0.5121 0.6076 0.4913 -0.0208 0.0002  0.0189  68 GLY A C   
547 O O   . GLY A 68 ? 0.4694 0.5758 0.4506 -0.0215 -0.0012 0.0251  68 GLY A O   
548 N N   . HIS A 69 ? 0.5140 0.5950 0.4944 -0.0179 -0.0013 0.0204  69 HIS A N   
549 C CA  . HIS A 69 ? 0.4599 0.5376 0.4445 -0.0157 -0.0045 0.0289  69 HIS A CA  
550 C C   . HIS A 69 ? 0.4044 0.4685 0.3912 -0.0133 -0.0054 0.0299  69 HIS A C   
551 O O   . HIS A 69 ? 0.4071 0.4591 0.3921 -0.0122 -0.0043 0.0248  69 HIS A O   
552 C CB  . HIS A 69 ? 0.4690 0.5411 0.4538 -0.0144 -0.0054 0.0292  69 HIS A CB  
553 C CG  . HIS A 69 ? 0.5118 0.5977 0.4951 -0.0167 -0.0050 0.0294  69 HIS A CG  
554 N ND1 . HIS A 69 ? 0.5271 0.6200 0.5141 -0.0162 -0.0071 0.0368  69 HIS A ND1 
555 C CD2 . HIS A 69 ? 0.5374 0.6317 0.5166 -0.0197 -0.0027 0.0230  69 HIS A CD2 
556 C CE1 . HIS A 69 ? 0.5113 0.6167 0.4957 -0.0186 -0.0062 0.0354  69 HIS A CE1 
557 N NE2 . HIS A 69 ? 0.5553 0.6619 0.5348 -0.0209 -0.0036 0.0266  69 HIS A NE2 
558 N N   . LYS A 70 ? 0.3796 0.4464 0.3707 -0.0127 -0.0073 0.0370  70 LYS A N   
559 C CA  . LYS A 70 ? 0.4024 0.4587 0.3962 -0.0109 -0.0085 0.0388  70 LYS A CA  
560 C C   . LYS A 70 ? 0.3753 0.4186 0.3719 -0.0085 -0.0101 0.0400  70 LYS A C   
561 O O   . LYS A 70 ? 0.3691 0.4136 0.3684 -0.0079 -0.0113 0.0432  70 LYS A O   
562 C CB  . LYS A 70 ? 0.5147 0.5799 0.5126 -0.0115 -0.0098 0.0460  70 LYS A CB  
563 C CG  . LYS A 70 ? 0.6619 0.7434 0.6573 -0.0142 -0.0082 0.0452  70 LYS A CG  
564 C CD  . LYS A 70 ? 0.7744 0.8579 0.7696 -0.0147 -0.0073 0.0447  70 LYS A CD  
565 C CE  . LYS A 70 ? 0.8579 0.9614 0.8531 -0.0175 -0.0069 0.0479  70 LYS A CE  
566 N NZ  . LYS A 70 ? 0.8785 0.9874 0.8743 -0.0183 -0.0063 0.0490  70 LYS A NZ  
567 N N   . ALA A 71 ? 0.3503 0.3819 0.3464 -0.0073 -0.0100 0.0369  71 ALA A N   
568 C CA  . ALA A 71 ? 0.3313 0.3511 0.3298 -0.0054 -0.0114 0.0369  71 ALA A CA  
569 C C   . ALA A 71 ? 0.3812 0.3943 0.3814 -0.0049 -0.0121 0.0374  71 ALA A C   
570 O O   . ALA A 71 ? 0.4233 0.4371 0.4207 -0.0055 -0.0108 0.0350  71 ALA A O   
571 C CB  . ALA A 71 ? 0.3306 0.3438 0.3250 -0.0049 -0.0102 0.0308  71 ALA A CB  
572 N N   . ILE A 72 ? 0.2960 0.3027 0.3012 -0.0038 -0.0139 0.0399  72 ILE A N   
573 C CA  . ILE A 72 ? 0.2998 0.2997 0.3062 -0.0035 -0.0146 0.0394  72 ILE A CA  
574 C C   . ILE A 72 ? 0.2814 0.2717 0.2879 -0.0026 -0.0151 0.0357  72 ILE A C   
575 O O   . ILE A 72 ? 0.2814 0.2700 0.2907 -0.0018 -0.0156 0.0359  72 ILE A O   
576 C CB  . ILE A 72 ? 0.3207 0.3224 0.3340 -0.0037 -0.0163 0.0455  72 ILE A CB  
577 C CG1 . ILE A 72 ? 0.3890 0.4011 0.4020 -0.0049 -0.0160 0.0494  72 ILE A CG1 
578 C CG2 . ILE A 72 ? 0.3545 0.3487 0.3693 -0.0037 -0.0172 0.0444  72 ILE A CG2 
579 C CD1 . ILE A 72 ? 0.4033 0.4189 0.4245 -0.0052 -0.0179 0.0570  72 ILE A CD1 
580 N N   . GLY A 73 ? 0.2677 0.2529 0.2711 -0.0025 -0.0145 0.0320  73 GLY A N   
581 C CA  . GLY A 73 ? 0.2931 0.2709 0.2962 -0.0019 -0.0150 0.0283  73 GLY A CA  
582 C C   . GLY A 73 ? 0.2556 0.2303 0.2555 -0.0022 -0.0145 0.0257  73 GLY A C   
583 O O   . GLY A 73 ? 0.2730 0.2502 0.2717 -0.0027 -0.0138 0.0270  73 GLY A O   
584 N N   . THR A 74 ? 0.2400 0.2102 0.2389 -0.0020 -0.0148 0.0225  74 THR A N   
585 C CA  . THR A 74 ? 0.2498 0.2180 0.2463 -0.0024 -0.0145 0.0206  74 THR A CA  
586 C C   . THR A 74 ? 0.2537 0.2232 0.2458 -0.0020 -0.0125 0.0191  74 THR A C   
587 O O   . THR A 74 ? 0.2431 0.2127 0.2335 -0.0017 -0.0116 0.0173  74 THR A O   
588 C CB  . THR A 74 ? 0.2648 0.2298 0.2618 -0.0026 -0.0155 0.0175  74 THR A CB  
589 O OG1 . THR A 74 ? 0.2733 0.2370 0.2759 -0.0032 -0.0170 0.0183  74 THR A OG1 
590 C CG2 . THR A 74 ? 0.2820 0.2470 0.2764 -0.0031 -0.0152 0.0163  74 THR A CG2 
591 N N   . VAL A 75 ? 0.2413 0.2114 0.2329 -0.0022 -0.0117 0.0199  75 VAL A N   
592 C CA  . VAL A 75 ? 0.2387 0.2090 0.2280 -0.0018 -0.0094 0.0186  75 VAL A CA  
593 C C   . VAL A 75 ? 0.2395 0.2087 0.2291 -0.0018 -0.0097 0.0190  75 VAL A C   
594 O O   . VAL A 75 ? 0.2518 0.2215 0.2429 -0.0021 -0.0107 0.0210  75 VAL A O   
595 C CB  . VAL A 75 ? 0.2606 0.2342 0.2505 -0.0018 -0.0077 0.0194  75 VAL A CB  
596 C CG1 . VAL A 75 ? 0.2767 0.2500 0.2663 -0.0014 -0.0049 0.0175  75 VAL A CG1 
597 C CG2 . VAL A 75 ? 0.2698 0.2471 0.2595 -0.0021 -0.0076 0.0194  75 VAL A CG2 
598 N N   . LEU A 76 ? 0.2388 0.2070 0.2268 -0.0016 -0.0087 0.0174  76 LEU A N   
599 C CA  . LEU A 76 ? 0.2192 0.1878 0.2076 -0.0016 -0.0088 0.0186  76 LEU A CA  
600 C C   . LEU A 76 ? 0.2327 0.2018 0.2231 -0.0008 -0.0062 0.0199  76 LEU A C   
601 O O   . LEU A 76 ? 0.2383 0.2065 0.2286 -0.0006 -0.0042 0.0182  76 LEU A O   
602 C CB  . LEU A 76 ? 0.2419 0.2104 0.2284 -0.0018 -0.0091 0.0169  76 LEU A CB  
603 C CG  . LEU A 76 ? 0.2498 0.2178 0.2353 -0.0024 -0.0110 0.0143  76 LEU A CG  
604 C CD1 . LEU A 76 ? 0.2665 0.2354 0.2500 -0.0027 -0.0110 0.0125  76 LEU A CD1 
605 C CD2 . LEU A 76 ? 0.2799 0.2484 0.2669 -0.0033 -0.0130 0.0147  76 LEU A CD2 
606 N N   . VAL A 77 ? 0.2371 0.2075 0.2297 -0.0007 -0.0062 0.0229  77 VAL A N   
607 C CA  . VAL A 77 ? 0.2415 0.2122 0.2378 0.0003  -0.0034 0.0245  77 VAL A CA  
608 C C   . VAL A 77 ? 0.2383 0.2104 0.2363 0.0004  -0.0034 0.0274  77 VAL A C   
609 O O   . VAL A 77 ? 0.2515 0.2265 0.2493 -0.0002 -0.0053 0.0297  77 VAL A O   
610 C CB  . VAL A 77 ? 0.2578 0.2297 0.2564 0.0006  -0.0029 0.0261  77 VAL A CB  
611 C CG1 . VAL A 77 ? 0.2616 0.2333 0.2651 0.0018  0.0004  0.0271  77 VAL A CG1 
612 C CG2 . VAL A 77 ? 0.2671 0.2394 0.2640 0.0002  -0.0030 0.0239  77 VAL A CG2 
613 N N   . GLY A 78 ? 0.2701 0.2410 0.2705 0.0011  -0.0010 0.0273  78 GLY A N   
614 C CA  . GLY A 78 ? 0.3067 0.2802 0.3102 0.0013  -0.0008 0.0314  78 GLY A CA  
615 C C   . GLY A 78 ? 0.3338 0.3050 0.3411 0.0020  0.0022  0.0312  78 GLY A C   
616 O O   . GLY A 78 ? 0.3178 0.2855 0.3250 0.0021  0.0041  0.0271  78 GLY A O   
617 N N   . PRO A 79 ? 0.3361 0.3101 0.3465 0.0021  0.0023  0.0354  79 PRO A N   
618 C CA  . PRO A 79 ? 0.3627 0.3349 0.3795 0.0029  0.0054  0.0369  79 PRO A CA  
619 C C   . PRO A 79 ? 0.3390 0.3089 0.3534 0.0022  0.0060  0.0335  79 PRO A C   
620 O O   . PRO A 79 ? 0.4354 0.4073 0.4527 0.0021  0.0064  0.0367  79 PRO A O   
621 C CB  . PRO A 79 ? 0.3336 0.3115 0.3551 0.0032  0.0049  0.0443  79 PRO A CB  
622 C CG  . PRO A 79 ? 0.3241 0.3076 0.3389 0.0017  0.0011  0.0449  79 PRO A CG  
623 C CD  . PRO A 79 ? 0.3231 0.3035 0.3324 0.0013  -0.0002 0.0397  79 PRO A CD  
624 N N   . THR A 80 ? 0.3446 0.3114 0.3542 0.0017  0.0059  0.0277  80 THR A N   
625 C CA  . THR A 80 ? 0.3673 0.3326 0.3749 0.0009  0.0065  0.0243  80 THR A CA  
626 C C   . THR A 80 ? 0.3895 0.3514 0.4036 0.0013  0.0104  0.0230  80 THR A C   
627 O O   . THR A 80 ? 0.3847 0.3449 0.4029 0.0018  0.0125  0.0219  80 THR A O   
628 C CB  . THR A 80 ? 0.3242 0.2883 0.3249 0.0002  0.0051  0.0190  80 THR A CB  
629 O OG1 . THR A 80 ? 0.3464 0.3096 0.3454 -0.0005 0.0057  0.0159  80 THR A OG1 
630 C CG2 . THR A 80 ? 0.3375 0.3003 0.3392 0.0004  0.0064  0.0165  80 THR A CG2 
631 N N   . PRO A 81 ? 0.4170 0.3781 0.4329 0.0008  0.0115  0.0230  81 PRO A N   
632 C CA  . PRO A 81 ? 0.3887 0.3462 0.4116 0.0006  0.0155  0.0205  81 PRO A CA  
633 C C   . PRO A 81 ? 0.4182 0.3740 0.4377 -0.0005 0.0167  0.0134  81 PRO A C   
634 O O   . PRO A 81 ? 0.4098 0.3631 0.4352 -0.0011 0.0202  0.0099  81 PRO A O   
635 C CB  . PRO A 81 ? 0.4440 0.4023 0.4689 0.0000  0.0155  0.0231  81 PRO A CB  
636 C CG  . PRO A 81 ? 0.4769 0.4403 0.4977 0.0002  0.0121  0.0282  81 PRO A CG  
637 C CD  . PRO A 81 ? 0.4242 0.3887 0.4373 0.0002  0.0094  0.0257  81 PRO A CD  
638 N N   . ILE A 82 ? 0.3794 0.3371 0.3904 -0.0012 0.0137  0.0109  82 ILE A N   
639 C CA  . ILE A 82 ? 0.3856 0.3435 0.3931 -0.0024 0.0145  0.0050  82 ILE A CA  
640 C C   . ILE A 82 ? 0.3464 0.3068 0.3474 -0.0023 0.0117  0.0045  82 ILE A C   
641 O O   . ILE A 82 ? 0.3589 0.3202 0.3561 -0.0018 0.0086  0.0072  82 ILE A O   
642 C CB  . ILE A 82 ? 0.4261 0.3844 0.4301 -0.0034 0.0136  0.0040  82 ILE A CB  
643 C CG1 . ILE A 82 ? 0.4342 0.3903 0.4453 -0.0038 0.0163  0.0052  82 ILE A CG1 
644 C CG2 . ILE A 82 ? 0.4199 0.3801 0.4191 -0.0047 0.0135  -0.0013 82 ILE A CG2 
645 C CD1 . ILE A 82 ? 0.4717 0.4289 0.4802 -0.0046 0.0154  0.0050  82 ILE A CD1 
646 N N   . ASN A 83 ? 0.3266 0.2884 0.3279 -0.0028 0.0129  0.0014  83 ASN A N   
647 C CA  . ASN A 83 ? 0.2789 0.2436 0.2750 -0.0027 0.0102  0.0017  83 ASN A CA  
648 C C   . ASN A 83 ? 0.2609 0.2274 0.2515 -0.0036 0.0085  0.0000  83 ASN A C   
649 O O   . ASN A 83 ? 0.2709 0.2385 0.2614 -0.0048 0.0101  -0.0035 83 ASN A O   
650 C CB  . ASN A 83 ? 0.2800 0.2477 0.2770 -0.0032 0.0117  -0.0006 83 ASN A CB  
651 C CG  . ASN A 83 ? 0.2818 0.2480 0.2847 -0.0022 0.0139  0.0006  83 ASN A CG  
652 O OD1 . ASN A 83 ? 0.3244 0.2885 0.3292 -0.0010 0.0127  0.0050  83 ASN A OD1 
653 N ND2 . ASN A 83 ? 0.3159 0.2839 0.3223 -0.0030 0.0172  -0.0034 83 ASN A ND2 
654 N N   . VAL A 84 ? 0.2439 0.2115 0.2309 -0.0031 0.0052  0.0021  84 VAL A N   
655 C CA  . VAL A 84 ? 0.2389 0.2077 0.2221 -0.0034 0.0036  0.0012  84 VAL A CA  
656 C C   . VAL A 84 ? 0.2378 0.2095 0.2190 -0.0033 0.0014  0.0024  84 VAL A C   
657 O O   . VAL A 84 ? 0.2425 0.2133 0.2243 -0.0027 -0.0002 0.0049  84 VAL A O   
658 C CB  . VAL A 84 ? 0.2714 0.2381 0.2534 -0.0027 0.0017  0.0030  84 VAL A CB  
659 C CG1 . VAL A 84 ? 0.2824 0.2504 0.2611 -0.0028 -0.0001 0.0021  84 VAL A CG1 
660 C CG2 . VAL A 84 ? 0.2990 0.2640 0.2833 -0.0030 0.0036  0.0029  84 VAL A CG2 
661 N N   . ILE A 85 ? 0.2276 0.2030 0.2072 -0.0042 0.0013  0.0009  85 ILE A N   
662 C CA  . ILE A 85 ? 0.2330 0.2114 0.2116 -0.0039 -0.0010 0.0030  85 ILE A CA  
663 C C   . ILE A 85 ? 0.2328 0.2096 0.2103 -0.0032 -0.0027 0.0033  85 ILE A C   
664 O O   . ILE A 85 ? 0.2533 0.2312 0.2295 -0.0036 -0.0020 0.0014  85 ILE A O   
665 C CB  . ILE A 85 ? 0.2560 0.2413 0.2340 -0.0053 -0.0001 0.0020  85 ILE A CB  
666 C CG1 . ILE A 85 ? 0.2984 0.2866 0.2775 -0.0062 0.0021  0.0005  85 ILE A CG1 
667 C CG2 . ILE A 85 ? 0.2498 0.2386 0.2283 -0.0048 -0.0025 0.0056  85 ILE A CG2 
668 C CD1 . ILE A 85 ? 0.3360 0.3227 0.3170 -0.0054 0.0016  0.0029  85 ILE A CD1 
669 N N   . GLY A 86 ? 0.2340 0.2080 0.2123 -0.0022 -0.0048 0.0052  86 GLY A N   
670 C CA  . GLY A 86 ? 0.2302 0.2027 0.2084 -0.0015 -0.0061 0.0047  86 GLY A CA  
671 C C   . GLY A 86 ? 0.2334 0.2079 0.2140 -0.0009 -0.0076 0.0065  86 GLY A C   
672 O O   . GLY A 86 ? 0.2267 0.2048 0.2086 -0.0013 -0.0078 0.0089  86 GLY A O   
673 N N   . ARG A 87 ? 0.2244 0.1973 0.2058 -0.0002 -0.0085 0.0057  87 ARG A N   
674 C CA  . ARG A 87 ? 0.2301 0.2049 0.2150 0.0007  -0.0095 0.0075  87 ARG A CA  
675 C C   . ARG A 87 ? 0.2446 0.2191 0.2338 0.0009  -0.0108 0.0108  87 ARG A C   
676 O O   . ARG A 87 ? 0.2462 0.2241 0.2391 0.0013  -0.0113 0.0141  87 ARG A O   
677 C CB  . ARG A 87 ? 0.2456 0.2182 0.2316 0.0017  -0.0100 0.0054  87 ARG A CB  
678 C CG  . ARG A 87 ? 0.2606 0.2349 0.2433 0.0014  -0.0089 0.0029  87 ARG A CG  
679 C CD  . ARG A 87 ? 0.2627 0.2360 0.2473 0.0025  -0.0094 0.0010  87 ARG A CD  
680 N NE  . ARG A 87 ? 0.2703 0.2405 0.2550 0.0025  -0.0099 -0.0015 87 ARG A NE  
681 C CZ  . ARG A 87 ? 0.2832 0.2510 0.2725 0.0030  -0.0107 -0.0020 87 ARG A CZ  
682 N NH1 . ARG A 87 ? 0.3079 0.2753 0.3030 0.0038  -0.0113 0.0005  87 ARG A NH1 
683 N NH2 . ARG A 87 ? 0.3193 0.2856 0.3079 0.0023  -0.0111 -0.0048 87 ARG A NH2 
684 N N   . ASN A 88 ? 0.2467 0.2178 0.2364 0.0008  -0.0113 0.0104  88 ASN A N   
685 C CA  . ASN A 88 ? 0.2378 0.2085 0.2319 0.0007  -0.0125 0.0135  88 ASN A CA  
686 C C   . ASN A 88 ? 0.2459 0.2219 0.2405 0.0003  -0.0122 0.0174  88 ASN A C   
687 O O   . ASN A 88 ? 0.2590 0.2371 0.2587 0.0005  -0.0132 0.0212  88 ASN A O   
688 C CB  . ASN A 88 ? 0.2422 0.2097 0.2360 0.0002  -0.0130 0.0125  88 ASN A CB  
689 C CG  . ASN A 88 ? 0.2457 0.2144 0.2357 -0.0005 -0.0119 0.0129  88 ASN A CG  
690 O OD1 . ASN A 88 ? 0.2537 0.2230 0.2400 -0.0006 -0.0105 0.0111  88 ASN A OD1 
691 N ND2 . ASN A 88 ? 0.2504 0.2196 0.2421 -0.0008 -0.0124 0.0152  88 ASN A ND2 
692 N N   . MET A 89 ? 0.2419 0.2209 0.2321 -0.0006 -0.0108 0.0162  89 MET A N   
693 C CA  . MET A 89 ? 0.2533 0.2393 0.2432 -0.0015 -0.0101 0.0186  89 MET A CA  
694 C C   . MET A 89 ? 0.2535 0.2456 0.2431 -0.0018 -0.0098 0.0193  89 MET A C   
695 O O   . MET A 89 ? 0.2635 0.2630 0.2552 -0.0023 -0.0101 0.0232  89 MET A O   
696 C CB  . MET A 89 ? 0.2366 0.2232 0.2228 -0.0024 -0.0083 0.0161  89 MET A CB  
697 C CG  . MET A 89 ? 0.2433 0.2264 0.2308 -0.0022 -0.0087 0.0170  89 MET A CG  
698 S SD  . MET A 89 ? 0.2698 0.2571 0.2614 -0.0025 -0.0103 0.0223  89 MET A SD  
699 C CE  . MET A 89 ? 0.2464 0.2303 0.2378 -0.0026 -0.0100 0.0219  89 MET A CE  
700 N N   . LEU A 90 ? 0.2483 0.2390 0.2357 -0.0016 -0.0092 0.0164  90 LEU A N   
701 C CA  . LEU A 90 ? 0.2387 0.2357 0.2256 -0.0020 -0.0087 0.0170  90 LEU A CA  
702 C C   . LEU A 90 ? 0.2474 0.2475 0.2401 -0.0009 -0.0104 0.0219  90 LEU A C   
703 O O   . LEU A 90 ? 0.2719 0.2805 0.2657 -0.0016 -0.0105 0.0251  90 LEU A O   
704 C CB  . LEU A 90 ? 0.2588 0.2531 0.2423 -0.0021 -0.0078 0.0127  90 LEU A CB  
705 C CG  . LEU A 90 ? 0.2564 0.2491 0.2358 -0.0032 -0.0058 0.0084  90 LEU A CG  
706 C CD1 . LEU A 90 ? 0.2699 0.2596 0.2471 -0.0032 -0.0051 0.0051  90 LEU A CD1 
707 C CD2 . LEU A 90 ? 0.2668 0.2674 0.2446 -0.0053 -0.0043 0.0077  90 LEU A CD2 
708 N N   . THR A 91 ? 0.2592 0.2527 0.2562 0.0005  -0.0115 0.0226  91 THR A N   
709 C CA  . THR A 91 ? 0.2718 0.2672 0.2763 0.0018  -0.0127 0.0275  91 THR A CA  
710 C C   . THR A 91 ? 0.2882 0.2900 0.2963 0.0011  -0.0135 0.0335  91 THR A C   
711 O O   . THR A 91 ? 0.2963 0.3043 0.3101 0.0015  -0.0142 0.0391  91 THR A O   
712 C CB  . THR A 91 ? 0.2886 0.2754 0.2981 0.0032  -0.0135 0.0260  91 THR A CB  
713 O OG1 . THR A 91 ? 0.3313 0.3134 0.3393 0.0026  -0.0137 0.0244  91 THR A OG1 
714 C CG2 . THR A 91 ? 0.3175 0.3007 0.3248 0.0040  -0.0128 0.0212  91 THR A CG2 
715 N N   . GLN A 92 ? 0.2689 0.2697 0.2746 0.0001  -0.0134 0.0329  92 GLN A N   
716 C CA  . GLN A 92 ? 0.2811 0.2881 0.2902 -0.0006 -0.0141 0.0385  92 GLN A CA  
717 C C   . GLN A 92 ? 0.2992 0.3185 0.3058 -0.0021 -0.0135 0.0407  92 GLN A C   
718 O O   . GLN A 92 ? 0.3578 0.3858 0.3693 -0.0025 -0.0144 0.0473  92 GLN A O   
719 C CB  . GLN A 92 ? 0.2719 0.2752 0.2787 -0.0013 -0.0140 0.0367  92 GLN A CB  
720 C CG  . GLN A 92 ? 0.2901 0.2835 0.3001 -0.0003 -0.0149 0.0352  92 GLN A CG  
721 C CD  . GLN A 92 ? 0.2712 0.2633 0.2908 0.0006  -0.0164 0.0402  92 GLN A CD  
722 O OE1 . GLN A 92 ? 0.2729 0.2700 0.2971 0.0001  -0.0172 0.0460  92 GLN A OE1 
723 N NE2 . GLN A 92 ? 0.3007 0.2865 0.3239 0.0018  -0.0166 0.0379  92 GLN A NE2 
724 N N   . ILE A 93 ? 0.3077 0.3292 0.3075 -0.0032 -0.0119 0.0356  93 ILE A N   
725 C CA  . ILE A 93 ? 0.3212 0.3556 0.3184 -0.0053 -0.0110 0.0367  93 ILE A CA  
726 C C   . ILE A 93 ? 0.3466 0.3869 0.3456 -0.0049 -0.0114 0.0391  93 ILE A C   
727 O O   . ILE A 93 ? 0.3464 0.3995 0.3440 -0.0068 -0.0110 0.0405  93 ILE A O   
728 C CB  . ILE A 93 ? 0.3330 0.3688 0.3230 -0.0071 -0.0087 0.0297  93 ILE A CB  
729 C CG1 . ILE A 93 ? 0.3279 0.3568 0.3143 -0.0069 -0.0076 0.0238  93 ILE A CG1 
730 C CG2 . ILE A 93 ? 0.3601 0.3917 0.3495 -0.0073 -0.0082 0.0283  93 ILE A CG2 
731 C CD1 . ILE A 93 ? 0.3147 0.3443 0.2961 -0.0088 -0.0051 0.0171  93 ILE A CD1 
732 N N   . GLY A 94 ? 0.3215 0.3542 0.3249 -0.0027 -0.0123 0.0400  94 GLY A N   
733 C CA  . GLY A 94 ? 0.3455 0.3830 0.3513 -0.0021 -0.0125 0.0423  94 GLY A CA  
734 C C   . GLY A 94 ? 0.3463 0.3847 0.3452 -0.0032 -0.0111 0.0363  94 GLY A C   
735 O O   . GLY A 94 ? 0.3503 0.3978 0.3496 -0.0038 -0.0111 0.0384  94 GLY A O   
736 N N   . ALA A 95 ? 0.3023 0.3322 0.2957 -0.0035 -0.0100 0.0293  95 ALA A N   
737 C CA  . ALA A 95 ? 0.3210 0.3506 0.3089 -0.0046 -0.0085 0.0237  95 ALA A CA  
738 C C   . ALA A 95 ? 0.3223 0.3476 0.3119 -0.0028 -0.0089 0.0233  95 ALA A C   
739 O O   . ALA A 95 ? 0.3400 0.3564 0.3328 -0.0006 -0.0097 0.0232  95 ALA A O   
740 C CB  . ALA A 95 ? 0.3284 0.3510 0.3116 -0.0054 -0.0070 0.0176  95 ALA A CB  
741 N N   . THR A 96 ? 0.3149 0.3473 0.3026 -0.0039 -0.0083 0.0228  96 THR A N   
742 C CA  . THR A 96 ? 0.3223 0.3520 0.3111 -0.0024 -0.0085 0.0220  96 THR A CA  
743 C C   . THR A 96 ? 0.3091 0.3398 0.2920 -0.0042 -0.0070 0.0165  96 THR A C   
744 O O   . THR A 96 ? 0.3184 0.3544 0.2973 -0.0069 -0.0057 0.0137  96 THR A O   
745 C CB  . THR A 96 ? 0.3066 0.3450 0.3014 -0.0014 -0.0095 0.0283  96 THR A CB  
746 O OG1 . THR A 96 ? 0.3351 0.3870 0.3275 -0.0041 -0.0091 0.0302  96 THR A OG1 
747 C CG2 . THR A 96 ? 0.3349 0.3714 0.3377 0.0007  -0.0108 0.0342  96 THR A CG2 
748 N N   . LEU A 97 ? 0.3282 0.3533 0.3113 -0.0028 -0.0070 0.0143  97 LEU A N   
749 C CA  . LEU A 97 ? 0.3418 0.3688 0.3206 -0.0043 -0.0058 0.0104  97 LEU A CA  
750 C C   . LEU A 97 ? 0.3310 0.3668 0.3119 -0.0041 -0.0063 0.0137  97 LEU A C   
751 O O   . LEU A 97 ? 0.3661 0.4011 0.3524 -0.0016 -0.0073 0.0173  97 LEU A O   
752 C CB  . LEU A 97 ? 0.3562 0.3737 0.3337 -0.0029 -0.0055 0.0069  97 LEU A CB  
753 C CG  . LEU A 97 ? 0.3625 0.3725 0.3373 -0.0034 -0.0048 0.0033  97 LEU A CG  
754 C CD1 . LEU A 97 ? 0.3933 0.3951 0.3691 -0.0013 -0.0053 0.0019  97 LEU A CD1 
755 C CD2 . LEU A 97 ? 0.3890 0.4010 0.3594 -0.0062 -0.0029 -0.0007 97 LEU A CD2 
756 N N   . ASN A 98 ? 0.3215 0.3657 0.2989 -0.0068 -0.0053 0.0120  98 ASN A N   
757 C CA  . ASN A 98 ? 0.3602 0.4156 0.3397 -0.0072 -0.0058 0.0157  98 ASN A CA  
758 C C   . ASN A 98 ? 0.3653 0.4235 0.3404 -0.0093 -0.0046 0.0113  98 ASN A C   
759 O O   . ASN A 98 ? 0.3718 0.4301 0.3424 -0.0123 -0.0031 0.0061  98 ASN A O   
760 C CB  . ASN A 98 ? 0.3417 0.4096 0.3219 -0.0092 -0.0061 0.0196  98 ASN A CB  
761 C CG  . ASN A 98 ? 0.3656 0.4319 0.3510 -0.0071 -0.0074 0.0253  98 ASN A CG  
762 O OD1 . ASN A 98 ? 0.4536 0.5236 0.4456 -0.0049 -0.0087 0.0319  98 ASN A OD1 
763 N ND2 . ASN A 98 ? 0.3458 0.4073 0.3297 -0.0077 -0.0072 0.0232  98 ASN A ND2 
764 N N   . PHE A 99 ? 0.3792 0.4397 0.3566 -0.0078 -0.0051 0.0133  99 PHE A N   
765 C CA  . PHE A 99 ? 0.4073 0.4732 0.3810 -0.0101 -0.0042 0.0102  99 PHE A CA  
766 C C   . PHE A 99 ? 0.4438 0.5179 0.4214 -0.0087 -0.0050 0.0150  99 PHE A C   
767 O O   . PHE A 99 ? 0.4705 0.5449 0.4543 -0.0058 -0.0062 0.0207  99 PHE A O   
768 C CB  . PHE A 99 ? 0.3939 0.4495 0.3643 -0.0102 -0.0031 0.0043  99 PHE A CB  
769 C CG  . PHE A 99 ? 0.4366 0.4820 0.4096 -0.0064 -0.0037 0.0047  99 PHE A CG  
770 C CD1 . PHE A 99 ? 0.4393 0.4758 0.4134 -0.0047 -0.0041 0.0045  99 PHE A CD1 
771 C CD2 . PHE A 99 ? 0.4392 0.4848 0.4131 -0.0050 -0.0038 0.0047  99 PHE A CD2 
772 C CE1 . PHE A 99 ? 0.4634 0.4917 0.4399 -0.0018 -0.0045 0.0039  99 PHE A CE1 
773 C CE2 . PHE A 99 ? 0.4652 0.5027 0.4415 -0.0019 -0.0041 0.0041  99 PHE A CE2 
774 C CZ  . PHE A 99 ? 0.4629 0.4919 0.4405 -0.0004 -0.0045 0.0035  99 PHE A CZ  
775 O OXT . PHE A 99 ? 0.4578 0.5375 0.4330 -0.0106 -0.0044 0.0131  99 PHE A OXT 
# 
loop_
_pdbx_poly_seq_scheme.asym_id 
_pdbx_poly_seq_scheme.entity_id 
_pdbx_poly_seq_scheme.seq_id 
_pdbx_poly_seq_scheme.mon_id 
_pdbx_poly_seq_scheme.ndb_seq_num 
_pdbx_poly_seq_scheme.pdb_seq_num 
_pdbx_poly_seq_scheme.auth_seq_num 
_pdbx_poly_seq_scheme.pdb_mon_id 
_pdbx_poly_seq_scheme.auth_mon_id 
_pdbx_poly_seq_scheme.pdb_strand_id 
_pdbx_poly_seq_scheme.pdb_ins_code 
_pdbx_poly_seq_scheme.hetero 
A 1 1  PRO 1  1  1  PRO PRO A . n 
A 1 2  GLN 2  2  2  GLN GLN A . n 
A 1 3  ILE 3  3  3  ILE ILE A . n 
A 1 4  THR 4  4  4  THR THR A . n 
A 1 5  LEU 5  5  5  LEU LEU A . n 
A 1 6  TRP 6  6  6  TRP TRP A . n 
A 1 7  LYS 7  7  7  LYS LYS A . n 
A 1 8  ARG 8  8  8  ARG ARG A . n 
A 1 9  PRO 9  9  9  PRO PRO A . n 
A 1 10 ILE 10 10 10 ILE ILE A . n 
A 1 11 VAL 11 11 11 VAL VAL A . n 
A 1 12 THR 12 12 12 THR THR A . n 
A 1 13 ILE 13 13 13 ILE ILE A . n 
A 1 14 LYS 14 14 14 LYS LYS A . n 
A 1 15 VAL 15 15 15 VAL VAL A . n 
A 1 16 GLY 16 16 16 GLY GLY A . n 
A 1 17 GLY 17 17 17 GLY GLY A . n 
A 1 18 GLN 18 18 18 GLN GLN A . n 
A 1 19 LEU 19 19 19 LEU LEU A . n 
A 1 20 ARG 20 20 20 ARG ARG A . n 
A 1 21 GLU 21 21 21 GLU GLU A . n 
A 1 22 ALA 22 22 22 ALA ALA A . n 
A 1 23 LEU 23 23 23 LEU LEU A . n 
A 1 24 ILE 24 24 24 ILE ILE A . n 
A 1 25 ASN 25 25 25 ASN ASN A . n 
A 1 26 THR 26 26 26 THR THR A . n 
A 1 27 GLY 27 27 27 GLY GLY A . n 
A 1 28 ALA 28 28 28 ALA ALA A . n 
A 1 29 ASP 29 29 29 ASP ASP A . n 
A 1 30 ASP 30 30 30 ASP ASP A . n 
A 1 31 THR 31 31 31 THR THR A . n 
A 1 32 ILE 32 32 32 ILE ILE A . n 
A 1 33 PHE 33 33 33 PHE PHE A . n 
A 1 34 GLU 34 34 34 GLU GLU A . n 
A 1 35 GLU 35 35 35 GLU GLU A . n 
A 1 36 ILE 36 36 36 ILE ILE A . n 
A 1 37 SER 37 37 37 SER SER A . n 
A 1 38 LEU 38 38 38 LEU LEU A . n 
A 1 39 PRO 39 39 39 PRO PRO A . n 
A 1 40 GLY 40 40 40 GLY GLY A . n 
A 1 41 ARG 41 41 41 ARG ARG A . n 
A 1 42 TRP 42 42 42 TRP TRP A . n 
A 1 43 LYS 43 43 43 LYS LYS A . n 
A 1 44 PRO 44 44 44 PRO PRO A . n 
A 1 45 LYS 45 45 45 LYS LYS A . n 
A 1 46 LEU 46 46 46 LEU LEU A . n 
A 1 47 ILE 47 47 47 ILE ILE A . n 
A 1 48 GLY 48 48 48 GLY GLY A . n 
A 1 49 GLY 49 49 49 GLY GLY A . n 
A 1 50 ILE 50 50 50 ILE ILE A . n 
A 1 51 GLY 51 51 51 GLY GLY A . n 
A 1 52 GLY 52 52 52 GLY GLY A . n 
A 1 53 PHE 53 53 53 PHE PHE A . n 
A 1 54 MET 54 54 54 MET MET A . n 
A 1 55 LYS 55 55 55 LYS LYS A . n 
A 1 56 VAL 56 56 56 VAL VAL A . n 
A 1 57 ARG 57 57 57 ARG ARG A . n 
A 1 58 GLN 58 58 58 GLN GLN A . n 
A 1 59 TYR 59 59 59 TYR TYR A . n 
A 1 60 ASP 60 60 60 ASP ASP A . n 
A 1 61 GLN 61 61 61 GLN GLN A . n 
A 1 62 ILE 62 62 62 ILE ILE A . n 
A 1 63 PRO 63 63 63 PRO PRO A . n 
A 1 64 ILE 64 64 64 ILE ILE A . n 
A 1 65 GLU 65 65 65 GLU GLU A . n 
A 1 66 ILE 66 66 66 ILE ILE A . n 
A 1 67 ALA 67 67 67 ALA ALA A . n 
A 1 68 GLY 68 68 68 GLY GLY A . n 
A 1 69 HIS 69 69 69 HIS HIS A . n 
A 1 70 LYS 70 70 70 LYS LYS A . n 
A 1 71 ALA 71 71 71 ALA ALA A . n 
A 1 72 ILE 72 72 72 ILE ILE A . n 
A 1 73 GLY 73 73 73 GLY GLY A . n 
A 1 74 THR 74 74 74 THR THR A . n 
A 1 75 VAL 75 75 75 VAL VAL A . n 
A 1 76 LEU 76 76 76 LEU LEU A . n 
A 1 77 VAL 77 77 77 VAL VAL A . n 
A 1 78 GLY 78 78 78 GLY GLY A . n 
A 1 79 PRO 79 79 79 PRO PRO A . n 
A 1 80 THR 80 80 80 THR THR A . n 
A 1 81 PRO 81 81 81 PRO PRO A . n 
A 1 82 ILE 82 82 82 ILE ILE A . n 
A 1 83 ASN 83 83 83 ASN ASN A . n 
A 1 84 VAL 84 84 84 VAL VAL A . n 
A 1 85 ILE 85 85 85 ILE ILE A . n 
A 1 86 GLY 86 86 86 GLY GLY A . n 
A 1 87 ARG 87 87 87 ARG ARG A . n 
A 1 88 ASN 88 88 88 ASN ASN A . n 
A 1 89 MET 89 89 89 MET MET A . n 
A 1 90 LEU 90 90 90 LEU LEU A . n 
A 1 91 THR 91 91 91 THR THR A . n 
A 1 92 GLN 92 92 92 GLN GLN A . n 
A 1 93 ILE 93 93 93 ILE ILE A . n 
A 1 94 GLY 94 94 94 GLY GLY A . n 
A 1 95 ALA 95 95 95 ALA ALA A . n 
A 1 96 THR 96 96 96 THR THR A . n 
A 1 97 LEU 97 97 97 LEU LEU A . n 
A 1 98 ASN 98 98 98 ASN ASN A . n 
A 1 99 PHE 99 99 99 PHE PHE A . n 
# 
loop_
_pdbx_nonpoly_scheme.asym_id 
_pdbx_nonpoly_scheme.entity_id 
_pdbx_nonpoly_scheme.mon_id 
_pdbx_nonpoly_scheme.ndb_seq_num 
_pdbx_nonpoly_scheme.pdb_seq_num 
_pdbx_nonpoly_scheme.auth_seq_num 
_pdbx_nonpoly_scheme.pdb_mon_id 
_pdbx_nonpoly_scheme.auth_mon_id 
_pdbx_nonpoly_scheme.pdb_strand_id 
_pdbx_nonpoly_scheme.pdb_ins_code 
B 2 017 1  401 401 017 017 A . 
C 3 GOL 1  402 801 GOL GOL A . 
D 4 HOH 1  501 1   HOH HOH A . 
D 4 HOH 2  502 2   HOH HOH A . 
D 4 HOH 3  503 3   HOH HOH A . 
D 4 HOH 4  504 4   HOH HOH A . 
D 4 HOH 5  505 5   HOH HOH A . 
D 4 HOH 6  506 6   HOH HOH A . 
D 4 HOH 7  507 7   HOH HOH A . 
D 4 HOH 8  508 8   HOH HOH A . 
D 4 HOH 9  509 9   HOH HOH A . 
D 4 HOH 10 510 10  HOH HOH A . 
D 4 HOH 11 511 11  HOH HOH A . 
D 4 HOH 12 512 12  HOH HOH A . 
D 4 HOH 13 513 13  HOH HOH A . 
D 4 HOH 14 514 14  HOH HOH A . 
D 4 HOH 15 515 15  HOH HOH A . 
D 4 HOH 16 516 16  HOH HOH A . 
D 4 HOH 17 517 17  HOH HOH A . 
D 4 HOH 18 518 18  HOH HOH A . 
D 4 HOH 19 519 19  HOH HOH A . 
D 4 HOH 20 520 20  HOH HOH A . 
D 4 HOH 21 521 21  HOH HOH A . 
D 4 HOH 22 522 22  HOH HOH A . 
D 4 HOH 23 523 23  HOH HOH A . 
D 4 HOH 24 524 24  HOH HOH A . 
D 4 HOH 25 525 25  HOH HOH A . 
D 4 HOH 26 526 26  HOH HOH A . 
D 4 HOH 27 527 27  HOH HOH A . 
D 4 HOH 28 528 28  HOH HOH A . 
D 4 HOH 29 529 29  HOH HOH A . 
D 4 HOH 30 530 30  HOH HOH A . 
D 4 HOH 31 531 31  HOH HOH A . 
D 4 HOH 32 532 32  HOH HOH A . 
D 4 HOH 33 533 33  HOH HOH A . 
D 4 HOH 34 534 34  HOH HOH A . 
D 4 HOH 35 535 35  HOH HOH A . 
D 4 HOH 36 536 36  HOH HOH A . 
D 4 HOH 37 537 37  HOH HOH A . 
D 4 HOH 38 538 38  HOH HOH A . 
D 4 HOH 39 539 39  HOH HOH A . 
D 4 HOH 40 540 40  HOH HOH A . 
D 4 HOH 41 541 41  HOH HOH A . 
D 4 HOH 42 542 42  HOH HOH A . 
D 4 HOH 43 543 43  HOH HOH A . 
D 4 HOH 44 544 44  HOH HOH A . 
D 4 HOH 45 545 45  HOH HOH A . 
D 4 HOH 46 546 46  HOH HOH A . 
D 4 HOH 47 547 47  HOH HOH A . 
D 4 HOH 48 548 48  HOH HOH A . 
# 
_pdbx_struct_assembly.id                   1 
_pdbx_struct_assembly.details              author_and_software_defined_assembly 
_pdbx_struct_assembly.method_details       PISA 
_pdbx_struct_assembly.oligomeric_details   dimeric 
_pdbx_struct_assembly.oligomeric_count     2 
# 
_pdbx_struct_assembly_gen.assembly_id       1 
_pdbx_struct_assembly_gen.oper_expression   1,2 
_pdbx_struct_assembly_gen.asym_id_list      A,B,C,D 
# 
loop_
_pdbx_struct_assembly_prop.biol_id 
_pdbx_struct_assembly_prop.type 
_pdbx_struct_assembly_prop.value 
_pdbx_struct_assembly_prop.details 
1 'ABSA (A^2)' 5600 ? 
1 MORE         -31  ? 
1 'SSA (A^2)'  9900 ? 
# 
loop_
_pdbx_struct_oper_list.id 
_pdbx_struct_oper_list.type 
_pdbx_struct_oper_list.name 
_pdbx_struct_oper_list.symmetry_operation 
_pdbx_struct_oper_list.matrix[1][1] 
_pdbx_struct_oper_list.matrix[1][2] 
_pdbx_struct_oper_list.matrix[1][3] 
_pdbx_struct_oper_list.vector[1] 
_pdbx_struct_oper_list.matrix[2][1] 
_pdbx_struct_oper_list.matrix[2][2] 
_pdbx_struct_oper_list.matrix[2][3] 
_pdbx_struct_oper_list.vector[2] 
_pdbx_struct_oper_list.matrix[3][1] 
_pdbx_struct_oper_list.matrix[3][2] 
_pdbx_struct_oper_list.matrix[3][3] 
_pdbx_struct_oper_list.vector[3] 
1 'identity operation'         1_555 x,y,z        1.0000000000  0.0000000000  0.0000000000 0.0000000000   0.0000000000  1.0000000000  0.0000000000  0.0000000000  0.0000000000 0.0000000000  1.0000000000 0.0000000000 
2 'crystal symmetry operation' 8_555 -y,-x,-z+1/2 -0.5900120345 -0.3522174872 0.7265181628 -20.8169285550 -0.3522174872 -0.6974126835 -0.6241461292 -5.0832417563 0.7265181628 -0.6241461292 0.2874247179 9.2830212563 
# 
loop_
_pdbx_struct_special_symmetry.id 
_pdbx_struct_special_symmetry.PDB_model_num 
_pdbx_struct_special_symmetry.auth_asym_id 
_pdbx_struct_special_symmetry.auth_comp_id 
_pdbx_struct_special_symmetry.auth_seq_id 
_pdbx_struct_special_symmetry.PDB_ins_code 
_pdbx_struct_special_symmetry.label_asym_id 
_pdbx_struct_special_symmetry.label_comp_id 
_pdbx_struct_special_symmetry.label_seq_id 
1 1 A HOH 541 ? D HOH . 
2 1 A HOH 542 ? D HOH . 
3 1 A HOH 543 ? D HOH . 
4 1 A HOH 548 ? D HOH . 
# 
loop_
_pdbx_audit_revision_history.ordinal 
_pdbx_audit_revision_history.data_content_type 
_pdbx_audit_revision_history.major_revision 
_pdbx_audit_revision_history.minor_revision 
_pdbx_audit_revision_history.revision_date 
1 'Structure model' 1 0 2014-10-08 
2 'Structure model' 1 1 2023-09-20 
# 
_pdbx_audit_revision_details.ordinal             1 
_pdbx_audit_revision_details.revision_ordinal    1 
_pdbx_audit_revision_details.data_content_type   'Structure model' 
_pdbx_audit_revision_details.provider            repository 
_pdbx_audit_revision_details.type                'Initial release' 
_pdbx_audit_revision_details.description         ? 
_pdbx_audit_revision_details.details             ? 
# 
loop_
_pdbx_audit_revision_group.ordinal 
_pdbx_audit_revision_group.revision_ordinal 
_pdbx_audit_revision_group.data_content_type 
_pdbx_audit_revision_group.group 
1 2 'Structure model' 'Data collection'        
2 2 'Structure model' 'Database references'    
3 2 'Structure model' 'Derived calculations'   
4 2 'Structure model' 'Refinement description' 
5 2 'Structure model' 'Structure summary'      
# 
loop_
_pdbx_audit_revision_category.ordinal 
_pdbx_audit_revision_category.revision_ordinal 
_pdbx_audit_revision_category.data_content_type 
_pdbx_audit_revision_category.category 
1 2 'Structure model' chem_comp                     
2 2 'Structure model' chem_comp_atom                
3 2 'Structure model' chem_comp_bond                
4 2 'Structure model' database_2                    
5 2 'Structure model' pdbx_initial_refinement_model 
6 2 'Structure model' struct_ref_seq_dif            
7 2 'Structure model' struct_site                   
# 
loop_
_pdbx_audit_revision_item.ordinal 
_pdbx_audit_revision_item.revision_ordinal 
_pdbx_audit_revision_item.data_content_type 
_pdbx_audit_revision_item.item 
1 2 'Structure model' '_chem_comp.pdbx_synonyms'            
2 2 'Structure model' '_database_2.pdbx_DOI'                
3 2 'Structure model' '_database_2.pdbx_database_accession' 
4 2 'Structure model' '_struct_ref_seq_dif.details'         
5 2 'Structure model' '_struct_site.pdbx_auth_asym_id'      
6 2 'Structure model' '_struct_site.pdbx_auth_comp_id'      
7 2 'Structure model' '_struct_site.pdbx_auth_seq_id'       
# 
_pdbx_refine_tls.pdbx_refine_id   'X-RAY DIFFRACTION' 
_pdbx_refine_tls.id               1 
_pdbx_refine_tls.details          ? 
_pdbx_refine_tls.method           refined 
_pdbx_refine_tls.origin_x         -0.2348 
_pdbx_refine_tls.origin_y         0.0005 
_pdbx_refine_tls.origin_z         -0.1239 
_pdbx_refine_tls.T[1][1]          0.0659 
_pdbx_refine_tls.T[2][2]          0.0399 
_pdbx_refine_tls.T[3][3]          0.0481 
_pdbx_refine_tls.T[1][2]          -0.0026 
_pdbx_refine_tls.T[1][3]          -0.0021 
_pdbx_refine_tls.T[2][3]          0.0075 
_pdbx_refine_tls.L[1][1]          1.1848 
_pdbx_refine_tls.L[2][2]          0.0872 
_pdbx_refine_tls.L[3][3]          0.2708 
_pdbx_refine_tls.L[1][2]          0.1921 
_pdbx_refine_tls.L[1][3]          -0.1634 
_pdbx_refine_tls.L[2][3]          -0.1108 
_pdbx_refine_tls.S[1][1]          -0.0460 
_pdbx_refine_tls.S[1][2]          0.0923 
_pdbx_refine_tls.S[1][3]          -0.0192 
_pdbx_refine_tls.S[2][1]          0.0017 
_pdbx_refine_tls.S[2][2]          -0.0149 
_pdbx_refine_tls.S[2][3]          -0.0377 
_pdbx_refine_tls.S[3][1]          0.0134 
_pdbx_refine_tls.S[3][2]          -0.0141 
_pdbx_refine_tls.S[3][3]          0.0609 
# 
_pdbx_refine_tls_group.pdbx_refine_id      'X-RAY DIFFRACTION' 
_pdbx_refine_tls_group.id                  1 
_pdbx_refine_tls_group.refine_tls_id       1 
_pdbx_refine_tls_group.beg_auth_asym_id    A 
_pdbx_refine_tls_group.beg_auth_seq_id     1 
_pdbx_refine_tls_group.beg_label_asym_id   ? 
_pdbx_refine_tls_group.beg_label_seq_id    ? 
_pdbx_refine_tls_group.end_auth_asym_id    A 
_pdbx_refine_tls_group.end_auth_seq_id     99 
_pdbx_refine_tls_group.end_label_asym_id   ? 
_pdbx_refine_tls_group.end_label_seq_id    ? 
_pdbx_refine_tls_group.selection           ? 
_pdbx_refine_tls_group.selection_details   ? 
# 
loop_
_software.name 
_software.classification 
_software.version 
_software.citation_id 
_software.pdbx_ordinal 
SERGUI   'data collection' .        ? 1 
MOLREP   phasing           .        ? 2 
REFMAC   refinement        5.7.0029 ? 3 
HKL-2000 'data reduction'  .        ? 4 
HKL-2000 'data scaling'    .        ? 5 
# 
loop_
_pdbx_validate_rmsd_angle.id 
_pdbx_validate_rmsd_angle.PDB_model_num 
_pdbx_validate_rmsd_angle.auth_atom_id_1 
_pdbx_validate_rmsd_angle.auth_asym_id_1 
_pdbx_validate_rmsd_angle.auth_comp_id_1 
_pdbx_validate_rmsd_angle.auth_seq_id_1 
_pdbx_validate_rmsd_angle.PDB_ins_code_1 
_pdbx_validate_rmsd_angle.label_alt_id_1 
_pdbx_validate_rmsd_angle.auth_atom_id_2 
_pdbx_validate_rmsd_angle.auth_asym_id_2 
_pdbx_validate_rmsd_angle.auth_comp_id_2 
_pdbx_validate_rmsd_angle.auth_seq_id_2 
_pdbx_validate_rmsd_angle.PDB_ins_code_2 
_pdbx_validate_rmsd_angle.label_alt_id_2 
_pdbx_validate_rmsd_angle.auth_atom_id_3 
_pdbx_validate_rmsd_angle.auth_asym_id_3 
_pdbx_validate_rmsd_angle.auth_comp_id_3 
_pdbx_validate_rmsd_angle.auth_seq_id_3 
_pdbx_validate_rmsd_angle.PDB_ins_code_3 
_pdbx_validate_rmsd_angle.label_alt_id_3 
_pdbx_validate_rmsd_angle.angle_value 
_pdbx_validate_rmsd_angle.angle_target_value 
_pdbx_validate_rmsd_angle.angle_deviation 
_pdbx_validate_rmsd_angle.angle_standard_deviation 
_pdbx_validate_rmsd_angle.linker_flag 
1 1 NE A ARG 57 ? ? CZ A ARG 57 ? ? NH1 A ARG 57 ? ? 126.76 120.30 6.46  0.50 N 
2 1 NE A ARG 57 ? ? CZ A ARG 57 ? ? NH2 A ARG 57 ? ? 113.97 120.30 -6.33 0.50 N 
# 
loop_
_pdbx_validate_torsion.id 
_pdbx_validate_torsion.PDB_model_num 
_pdbx_validate_torsion.auth_comp_id 
_pdbx_validate_torsion.auth_asym_id 
_pdbx_validate_torsion.auth_seq_id 
_pdbx_validate_torsion.PDB_ins_code 
_pdbx_validate_torsion.label_alt_id 
_pdbx_validate_torsion.phi 
_pdbx_validate_torsion.psi 
1 1 GLU A 35 ? A -167.65 118.46 
2 1 GLU A 35 ? B 4.76    105.99 
3 1 ALA A 67 ? ? 33.40   48.63  
# 
loop_
_chem_comp_atom.comp_id 
_chem_comp_atom.atom_id 
_chem_comp_atom.type_symbol 
_chem_comp_atom.pdbx_aromatic_flag 
_chem_comp_atom.pdbx_stereo_config 
_chem_comp_atom.pdbx_ordinal 
017 N1   N N N 1   
017 C2   C Y N 2   
017 C3   C Y N 3   
017 C4   C Y N 4   
017 C5   C Y N 5   
017 C6   C Y N 6   
017 C7   C Y N 7   
017 S8   S N N 8   
017 O9   O N N 9   
017 O10  O N N 10  
017 N11  N N N 11  
017 C12  C N N 12  
017 C13  C N N 13  
017 C14  C N N 14  
017 C15  C N N 15  
017 C16  C N N 16  
017 C17  C N R 17  
017 O18  O N N 18  
017 C19  C N S 19  
017 N20  N N N 20  
017 C21  C N N 21  
017 O22  O N N 22  
017 O23  O N N 23  
017 C24  C N R 24  
017 C25  C N N 25  
017 O26  O N N 26  
017 C27  C N R 27  
017 O28  O N N 28  
017 C29  C N N 29  
017 C30  C N N 30  
017 C31  C N S 31  
017 C32  C N N 32  
017 C33  C Y N 33  
017 C34  C Y N 34  
017 C35  C Y N 35  
017 C36  C Y N 36  
017 C37  C Y N 37  
017 C38  C Y N 38  
017 H11  H N N 39  
017 H12  H N N 40  
017 H3   H N N 41  
017 H4   H N N 42  
017 H6   H N N 43  
017 H7   H N N 44  
017 H121 H N N 45  
017 H122 H N N 46  
017 H13  H N N 47  
017 H141 H N N 48  
017 H142 H N N 49  
017 H143 H N N 50  
017 H151 H N N 51  
017 H152 H N N 52  
017 H153 H N N 53  
017 H161 H N N 54  
017 H162 H N N 55  
017 H17  H N N 56  
017 H18  H N N 57  
017 H19  H N N 58  
017 H20  H N N 59  
017 H24  H N N 60  
017 H251 H N N 61  
017 H252 H N N 62  
017 H27  H N N 63  
017 H291 H N N 64  
017 H292 H N N 65  
017 H301 H N N 66  
017 H302 H N N 67  
017 H31  H N N 68  
017 H321 H N N 69  
017 H322 H N N 70  
017 H33  H N N 71  
017 H34  H N N 72  
017 H35  H N N 73  
017 H36  H N N 74  
017 H37  H N N 75  
ALA N    N N N 76  
ALA CA   C N S 77  
ALA C    C N N 78  
ALA O    O N N 79  
ALA CB   C N N 80  
ALA OXT  O N N 81  
ALA H    H N N 82  
ALA H2   H N N 83  
ALA HA   H N N 84  
ALA HB1  H N N 85  
ALA HB2  H N N 86  
ALA HB3  H N N 87  
ALA HXT  H N N 88  
ARG N    N N N 89  
ARG CA   C N S 90  
ARG C    C N N 91  
ARG O    O N N 92  
ARG CB   C N N 93  
ARG CG   C N N 94  
ARG CD   C N N 95  
ARG NE   N N N 96  
ARG CZ   C N N 97  
ARG NH1  N N N 98  
ARG NH2  N N N 99  
ARG OXT  O N N 100 
ARG H    H N N 101 
ARG H2   H N N 102 
ARG HA   H N N 103 
ARG HB2  H N N 104 
ARG HB3  H N N 105 
ARG HG2  H N N 106 
ARG HG3  H N N 107 
ARG HD2  H N N 108 
ARG HD3  H N N 109 
ARG HE   H N N 110 
ARG HH11 H N N 111 
ARG HH12 H N N 112 
ARG HH21 H N N 113 
ARG HH22 H N N 114 
ARG HXT  H N N 115 
ASN N    N N N 116 
ASN CA   C N S 117 
ASN C    C N N 118 
ASN O    O N N 119 
ASN CB   C N N 120 
ASN CG   C N N 121 
ASN OD1  O N N 122 
ASN ND2  N N N 123 
ASN OXT  O N N 124 
ASN H    H N N 125 
ASN H2   H N N 126 
ASN HA   H N N 127 
ASN HB2  H N N 128 
ASN HB3  H N N 129 
ASN HD21 H N N 130 
ASN HD22 H N N 131 
ASN HXT  H N N 132 
ASP N    N N N 133 
ASP CA   C N S 134 
ASP C    C N N 135 
ASP O    O N N 136 
ASP CB   C N N 137 
ASP CG   C N N 138 
ASP OD1  O N N 139 
ASP OD2  O N N 140 
ASP OXT  O N N 141 
ASP H    H N N 142 
ASP H2   H N N 143 
ASP HA   H N N 144 
ASP HB2  H N N 145 
ASP HB3  H N N 146 
ASP HD2  H N N 147 
ASP HXT  H N N 148 
CYS N    N N N 149 
CYS CA   C N R 150 
CYS C    C N N 151 
CYS O    O N N 152 
CYS CB   C N N 153 
CYS SG   S N N 154 
CYS OXT  O N N 155 
CYS H    H N N 156 
CYS H2   H N N 157 
CYS HA   H N N 158 
CYS HB2  H N N 159 
CYS HB3  H N N 160 
CYS HG   H N N 161 
CYS HXT  H N N 162 
GLN N    N N N 163 
GLN CA   C N S 164 
GLN C    C N N 165 
GLN O    O N N 166 
GLN CB   C N N 167 
GLN CG   C N N 168 
GLN CD   C N N 169 
GLN OE1  O N N 170 
GLN NE2  N N N 171 
GLN OXT  O N N 172 
GLN H    H N N 173 
GLN H2   H N N 174 
GLN HA   H N N 175 
GLN HB2  H N N 176 
GLN HB3  H N N 177 
GLN HG2  H N N 178 
GLN HG3  H N N 179 
GLN HE21 H N N 180 
GLN HE22 H N N 181 
GLN HXT  H N N 182 
GLU N    N N N 183 
GLU CA   C N S 184 
GLU C    C N N 185 
GLU O    O N N 186 
GLU CB   C N N 187 
GLU CG   C N N 188 
GLU CD   C N N 189 
GLU OE1  O N N 190 
GLU OE2  O N N 191 
GLU OXT  O N N 192 
GLU H    H N N 193 
GLU H2   H N N 194 
GLU HA   H N N 195 
GLU HB2  H N N 196 
GLU HB3  H N N 197 
GLU HG2  H N N 198 
GLU HG3  H N N 199 
GLU HE2  H N N 200 
GLU HXT  H N N 201 
GLY N    N N N 202 
GLY CA   C N N 203 
GLY C    C N N 204 
GLY O    O N N 205 
GLY OXT  O N N 206 
GLY H    H N N 207 
GLY H2   H N N 208 
GLY HA2  H N N 209 
GLY HA3  H N N 210 
GLY HXT  H N N 211 
GOL C1   C N N 212 
GOL O1   O N N 213 
GOL C2   C N N 214 
GOL O2   O N N 215 
GOL C3   C N N 216 
GOL O3   O N N 217 
GOL H11  H N N 218 
GOL H12  H N N 219 
GOL HO1  H N N 220 
GOL H2   H N N 221 
GOL HO2  H N N 222 
GOL H31  H N N 223 
GOL H32  H N N 224 
GOL HO3  H N N 225 
HIS N    N N N 226 
HIS CA   C N S 227 
HIS C    C N N 228 
HIS O    O N N 229 
HIS CB   C N N 230 
HIS CG   C Y N 231 
HIS ND1  N Y N 232 
HIS CD2  C Y N 233 
HIS CE1  C Y N 234 
HIS NE2  N Y N 235 
HIS OXT  O N N 236 
HIS H    H N N 237 
HIS H2   H N N 238 
HIS HA   H N N 239 
HIS HB2  H N N 240 
HIS HB3  H N N 241 
HIS HD1  H N N 242 
HIS HD2  H N N 243 
HIS HE1  H N N 244 
HIS HE2  H N N 245 
HIS HXT  H N N 246 
HOH O    O N N 247 
HOH H1   H N N 248 
HOH H2   H N N 249 
ILE N    N N N 250 
ILE CA   C N S 251 
ILE C    C N N 252 
ILE O    O N N 253 
ILE CB   C N S 254 
ILE CG1  C N N 255 
ILE CG2  C N N 256 
ILE CD1  C N N 257 
ILE OXT  O N N 258 
ILE H    H N N 259 
ILE H2   H N N 260 
ILE HA   H N N 261 
ILE HB   H N N 262 
ILE HG12 H N N 263 
ILE HG13 H N N 264 
ILE HG21 H N N 265 
ILE HG22 H N N 266 
ILE HG23 H N N 267 
ILE HD11 H N N 268 
ILE HD12 H N N 269 
ILE HD13 H N N 270 
ILE HXT  H N N 271 
LEU N    N N N 272 
LEU CA   C N S 273 
LEU C    C N N 274 
LEU O    O N N 275 
LEU CB   C N N 276 
LEU CG   C N N 277 
LEU CD1  C N N 278 
LEU CD2  C N N 279 
LEU OXT  O N N 280 
LEU H    H N N 281 
LEU H2   H N N 282 
LEU HA   H N N 283 
LEU HB2  H N N 284 
LEU HB3  H N N 285 
LEU HG   H N N 286 
LEU HD11 H N N 287 
LEU HD12 H N N 288 
LEU HD13 H N N 289 
LEU HD21 H N N 290 
LEU HD22 H N N 291 
LEU HD23 H N N 292 
LEU HXT  H N N 293 
LYS N    N N N 294 
LYS CA   C N S 295 
LYS C    C N N 296 
LYS O    O N N 297 
LYS CB   C N N 298 
LYS CG   C N N 299 
LYS CD   C N N 300 
LYS CE   C N N 301 
LYS NZ   N N N 302 
LYS OXT  O N N 303 
LYS H    H N N 304 
LYS H2   H N N 305 
LYS HA   H N N 306 
LYS HB2  H N N 307 
LYS HB3  H N N 308 
LYS HG2  H N N 309 
LYS HG3  H N N 310 
LYS HD2  H N N 311 
LYS HD3  H N N 312 
LYS HE2  H N N 313 
LYS HE3  H N N 314 
LYS HZ1  H N N 315 
LYS HZ2  H N N 316 
LYS HZ3  H N N 317 
LYS HXT  H N N 318 
MET N    N N N 319 
MET CA   C N S 320 
MET C    C N N 321 
MET O    O N N 322 
MET CB   C N N 323 
MET CG   C N N 324 
MET SD   S N N 325 
MET CE   C N N 326 
MET OXT  O N N 327 
MET H    H N N 328 
MET H2   H N N 329 
MET HA   H N N 330 
MET HB2  H N N 331 
MET HB3  H N N 332 
MET HG2  H N N 333 
MET HG3  H N N 334 
MET HE1  H N N 335 
MET HE2  H N N 336 
MET HE3  H N N 337 
MET HXT  H N N 338 
PHE N    N N N 339 
PHE CA   C N S 340 
PHE C    C N N 341 
PHE O    O N N 342 
PHE CB   C N N 343 
PHE CG   C Y N 344 
PHE CD1  C Y N 345 
PHE CD2  C Y N 346 
PHE CE1  C Y N 347 
PHE CE2  C Y N 348 
PHE CZ   C Y N 349 
PHE OXT  O N N 350 
PHE H    H N N 351 
PHE H2   H N N 352 
PHE HA   H N N 353 
PHE HB2  H N N 354 
PHE HB3  H N N 355 
PHE HD1  H N N 356 
PHE HD2  H N N 357 
PHE HE1  H N N 358 
PHE HE2  H N N 359 
PHE HZ   H N N 360 
PHE HXT  H N N 361 
PRO N    N N N 362 
PRO CA   C N S 363 
PRO C    C N N 364 
PRO O    O N N 365 
PRO CB   C N N 366 
PRO CG   C N N 367 
PRO CD   C N N 368 
PRO OXT  O N N 369 
PRO H    H N N 370 
PRO HA   H N N 371 
PRO HB2  H N N 372 
PRO HB3  H N N 373 
PRO HG2  H N N 374 
PRO HG3  H N N 375 
PRO HD2  H N N 376 
PRO HD3  H N N 377 
PRO HXT  H N N 378 
SER N    N N N 379 
SER CA   C N S 380 
SER C    C N N 381 
SER O    O N N 382 
SER CB   C N N 383 
SER OG   O N N 384 
SER OXT  O N N 385 
SER H    H N N 386 
SER H2   H N N 387 
SER HA   H N N 388 
SER HB2  H N N 389 
SER HB3  H N N 390 
SER HG   H N N 391 
SER HXT  H N N 392 
THR N    N N N 393 
THR CA   C N S 394 
THR C    C N N 395 
THR O    O N N 396 
THR CB   C N R 397 
THR OG1  O N N 398 
THR CG2  C N N 399 
THR OXT  O N N 400 
THR H    H N N 401 
THR H2   H N N 402 
THR HA   H N N 403 
THR HB   H N N 404 
THR HG1  H N N 405 
THR HG21 H N N 406 
THR HG22 H N N 407 
THR HG23 H N N 408 
THR HXT  H N N 409 
TRP N    N N N 410 
TRP CA   C N S 411 
TRP C    C N N 412 
TRP O    O N N 413 
TRP CB   C N N 414 
TRP CG   C Y N 415 
TRP CD1  C Y N 416 
TRP CD2  C Y N 417 
TRP NE1  N Y N 418 
TRP CE2  C Y N 419 
TRP CE3  C Y N 420 
TRP CZ2  C Y N 421 
TRP CZ3  C Y N 422 
TRP CH2  C Y N 423 
TRP OXT  O N N 424 
TRP H    H N N 425 
TRP H2   H N N 426 
TRP HA   H N N 427 
TRP HB2  H N N 428 
TRP HB3  H N N 429 
TRP HD1  H N N 430 
TRP HE1  H N N 431 
TRP HE3  H N N 432 
TRP HZ2  H N N 433 
TRP HZ3  H N N 434 
TRP HH2  H N N 435 
TRP HXT  H N N 436 
TYR N    N N N 437 
TYR CA   C N S 438 
TYR C    C N N 439 
TYR O    O N N 440 
TYR CB   C N N 441 
TYR CG   C Y N 442 
TYR CD1  C Y N 443 
TYR CD2  C Y N 444 
TYR CE1  C Y N 445 
TYR CE2  C Y N 446 
TYR CZ   C Y N 447 
TYR OH   O N N 448 
TYR OXT  O N N 449 
TYR H    H N N 450 
TYR H2   H N N 451 
TYR HA   H N N 452 
TYR HB2  H N N 453 
TYR HB3  H N N 454 
TYR HD1  H N N 455 
TYR HD2  H N N 456 
TYR HE1  H N N 457 
TYR HE2  H N N 458 
TYR HH   H N N 459 
TYR HXT  H N N 460 
VAL N    N N N 461 
VAL CA   C N S 462 
VAL C    C N N 463 
VAL O    O N N 464 
VAL CB   C N N 465 
VAL CG1  C N N 466 
VAL CG2  C N N 467 
VAL OXT  O N N 468 
VAL H    H N N 469 
VAL H2   H N N 470 
VAL HA   H N N 471 
VAL HB   H N N 472 
VAL HG11 H N N 473 
VAL HG12 H N N 474 
VAL HG13 H N N 475 
VAL HG21 H N N 476 
VAL HG22 H N N 477 
VAL HG23 H N N 478 
VAL HXT  H N N 479 
# 
loop_
_chem_comp_bond.comp_id 
_chem_comp_bond.atom_id_1 
_chem_comp_bond.atom_id_2 
_chem_comp_bond.value_order 
_chem_comp_bond.pdbx_aromatic_flag 
_chem_comp_bond.pdbx_stereo_config 
_chem_comp_bond.pdbx_ordinal 
017 N1  C2   sing N N 1   
017 N1  H11  sing N N 2   
017 N1  H12  sing N N 3   
017 C2  C3   doub Y N 4   
017 C2  C7   sing Y N 5   
017 C3  C4   sing Y N 6   
017 C3  H3   sing N N 7   
017 C4  C5   doub Y N 8   
017 C4  H4   sing N N 9   
017 C5  C6   sing Y N 10  
017 C5  S8   sing N N 11  
017 C6  C7   doub Y N 12  
017 C6  H6   sing N N 13  
017 C7  H7   sing N N 14  
017 S8  O9   doub N N 15  
017 S8  O10  doub N N 16  
017 S8  N11  sing N N 17  
017 N11 C12  sing N N 18  
017 N11 C16  sing N N 19  
017 C12 C13  sing N N 20  
017 C12 H121 sing N N 21  
017 C12 H122 sing N N 22  
017 C13 C14  sing N N 23  
017 C13 C15  sing N N 24  
017 C13 H13  sing N N 25  
017 C14 H141 sing N N 26  
017 C14 H142 sing N N 27  
017 C14 H143 sing N N 28  
017 C15 H151 sing N N 29  
017 C15 H152 sing N N 30  
017 C15 H153 sing N N 31  
017 C16 C17  sing N N 32  
017 C16 H161 sing N N 33  
017 C16 H162 sing N N 34  
017 C17 O18  sing N N 35  
017 C17 C19  sing N N 36  
017 C17 H17  sing N N 37  
017 O18 H18  sing N N 38  
017 C19 N20  sing N N 39  
017 C19 C32  sing N N 40  
017 C19 H19  sing N N 41  
017 N20 C21  sing N N 42  
017 N20 H20  sing N N 43  
017 C21 O22  doub N N 44  
017 C21 O23  sing N N 45  
017 O23 C24  sing N N 46  
017 C24 C25  sing N N 47  
017 C24 C31  sing N N 48  
017 C24 H24  sing N N 49  
017 C25 O26  sing N N 50  
017 C25 H251 sing N N 51  
017 C25 H252 sing N N 52  
017 O26 C27  sing N N 53  
017 C27 O28  sing N N 54  
017 C27 C31  sing N N 55  
017 C27 H27  sing N N 56  
017 O28 C29  sing N N 57  
017 C29 C30  sing N N 58  
017 C29 H291 sing N N 59  
017 C29 H292 sing N N 60  
017 C30 C31  sing N N 61  
017 C30 H301 sing N N 62  
017 C30 H302 sing N N 63  
017 C31 H31  sing N N 64  
017 C32 C38  sing N N 65  
017 C32 H321 sing N N 66  
017 C32 H322 sing N N 67  
017 C33 C34  doub Y N 68  
017 C33 C38  sing Y N 69  
017 C33 H33  sing N N 70  
017 C34 C35  sing Y N 71  
017 C34 H34  sing N N 72  
017 C35 C36  doub Y N 73  
017 C35 H35  sing N N 74  
017 C36 C37  sing Y N 75  
017 C36 H36  sing N N 76  
017 C37 C38  doub Y N 77  
017 C37 H37  sing N N 78  
ALA N   CA   sing N N 79  
ALA N   H    sing N N 80  
ALA N   H2   sing N N 81  
ALA CA  C    sing N N 82  
ALA CA  CB   sing N N 83  
ALA CA  HA   sing N N 84  
ALA C   O    doub N N 85  
ALA C   OXT  sing N N 86  
ALA CB  HB1  sing N N 87  
ALA CB  HB2  sing N N 88  
ALA CB  HB3  sing N N 89  
ALA OXT HXT  sing N N 90  
ARG N   CA   sing N N 91  
ARG N   H    sing N N 92  
ARG N   H2   sing N N 93  
ARG CA  C    sing N N 94  
ARG CA  CB   sing N N 95  
ARG CA  HA   sing N N 96  
ARG C   O    doub N N 97  
ARG C   OXT  sing N N 98  
ARG CB  CG   sing N N 99  
ARG CB  HB2  sing N N 100 
ARG CB  HB3  sing N N 101 
ARG CG  CD   sing N N 102 
ARG CG  HG2  sing N N 103 
ARG CG  HG3  sing N N 104 
ARG CD  NE   sing N N 105 
ARG CD  HD2  sing N N 106 
ARG CD  HD3  sing N N 107 
ARG NE  CZ   sing N N 108 
ARG NE  HE   sing N N 109 
ARG CZ  NH1  sing N N 110 
ARG CZ  NH2  doub N N 111 
ARG NH1 HH11 sing N N 112 
ARG NH1 HH12 sing N N 113 
ARG NH2 HH21 sing N N 114 
ARG NH2 HH22 sing N N 115 
ARG OXT HXT  sing N N 116 
ASN N   CA   sing N N 117 
ASN N   H    sing N N 118 
ASN N   H2   sing N N 119 
ASN CA  C    sing N N 120 
ASN CA  CB   sing N N 121 
ASN CA  HA   sing N N 122 
ASN C   O    doub N N 123 
ASN C   OXT  sing N N 124 
ASN CB  CG   sing N N 125 
ASN CB  HB2  sing N N 126 
ASN CB  HB3  sing N N 127 
ASN CG  OD1  doub N N 128 
ASN CG  ND2  sing N N 129 
ASN ND2 HD21 sing N N 130 
ASN ND2 HD22 sing N N 131 
ASN OXT HXT  sing N N 132 
ASP N   CA   sing N N 133 
ASP N   H    sing N N 134 
ASP N   H2   sing N N 135 
ASP CA  C    sing N N 136 
ASP CA  CB   sing N N 137 
ASP CA  HA   sing N N 138 
ASP C   O    doub N N 139 
ASP C   OXT  sing N N 140 
ASP CB  CG   sing N N 141 
ASP CB  HB2  sing N N 142 
ASP CB  HB3  sing N N 143 
ASP CG  OD1  doub N N 144 
ASP CG  OD2  sing N N 145 
ASP OD2 HD2  sing N N 146 
ASP OXT HXT  sing N N 147 
CYS N   CA   sing N N 148 
CYS N   H    sing N N 149 
CYS N   H2   sing N N 150 
CYS CA  C    sing N N 151 
CYS CA  CB   sing N N 152 
CYS CA  HA   sing N N 153 
CYS C   O    doub N N 154 
CYS C   OXT  sing N N 155 
CYS CB  SG   sing N N 156 
CYS CB  HB2  sing N N 157 
CYS CB  HB3  sing N N 158 
CYS SG  HG   sing N N 159 
CYS OXT HXT  sing N N 160 
GLN N   CA   sing N N 161 
GLN N   H    sing N N 162 
GLN N   H2   sing N N 163 
GLN CA  C    sing N N 164 
GLN CA  CB   sing N N 165 
GLN CA  HA   sing N N 166 
GLN C   O    doub N N 167 
GLN C   OXT  sing N N 168 
GLN CB  CG   sing N N 169 
GLN CB  HB2  sing N N 170 
GLN CB  HB3  sing N N 171 
GLN CG  CD   sing N N 172 
GLN CG  HG2  sing N N 173 
GLN CG  HG3  sing N N 174 
GLN CD  OE1  doub N N 175 
GLN CD  NE2  sing N N 176 
GLN NE2 HE21 sing N N 177 
GLN NE2 HE22 sing N N 178 
GLN OXT HXT  sing N N 179 
GLU N   CA   sing N N 180 
GLU N   H    sing N N 181 
GLU N   H2   sing N N 182 
GLU CA  C    sing N N 183 
GLU CA  CB   sing N N 184 
GLU CA  HA   sing N N 185 
GLU C   O    doub N N 186 
GLU C   OXT  sing N N 187 
GLU CB  CG   sing N N 188 
GLU CB  HB2  sing N N 189 
GLU CB  HB3  sing N N 190 
GLU CG  CD   sing N N 191 
GLU CG  HG2  sing N N 192 
GLU CG  HG3  sing N N 193 
GLU CD  OE1  doub N N 194 
GLU CD  OE2  sing N N 195 
GLU OE2 HE2  sing N N 196 
GLU OXT HXT  sing N N 197 
GLY N   CA   sing N N 198 
GLY N   H    sing N N 199 
GLY N   H2   sing N N 200 
GLY CA  C    sing N N 201 
GLY CA  HA2  sing N N 202 
GLY CA  HA3  sing N N 203 
GLY C   O    doub N N 204 
GLY C   OXT  sing N N 205 
GLY OXT HXT  sing N N 206 
GOL C1  O1   sing N N 207 
GOL C1  C2   sing N N 208 
GOL C1  H11  sing N N 209 
GOL C1  H12  sing N N 210 
GOL O1  HO1  sing N N 211 
GOL C2  O2   sing N N 212 
GOL C2  C3   sing N N 213 
GOL C2  H2   sing N N 214 
GOL O2  HO2  sing N N 215 
GOL C3  O3   sing N N 216 
GOL C3  H31  sing N N 217 
GOL C3  H32  sing N N 218 
GOL O3  HO3  sing N N 219 
HIS N   CA   sing N N 220 
HIS N   H    sing N N 221 
HIS N   H2   sing N N 222 
HIS CA  C    sing N N 223 
HIS CA  CB   sing N N 224 
HIS CA  HA   sing N N 225 
HIS C   O    doub N N 226 
HIS C   OXT  sing N N 227 
HIS CB  CG   sing N N 228 
HIS CB  HB2  sing N N 229 
HIS CB  HB3  sing N N 230 
HIS CG  ND1  sing Y N 231 
HIS CG  CD2  doub Y N 232 
HIS ND1 CE1  doub Y N 233 
HIS ND1 HD1  sing N N 234 
HIS CD2 NE2  sing Y N 235 
HIS CD2 HD2  sing N N 236 
HIS CE1 NE2  sing Y N 237 
HIS CE1 HE1  sing N N 238 
HIS NE2 HE2  sing N N 239 
HIS OXT HXT  sing N N 240 
HOH O   H1   sing N N 241 
HOH O   H2   sing N N 242 
ILE N   CA   sing N N 243 
ILE N   H    sing N N 244 
ILE N   H2   sing N N 245 
ILE CA  C    sing N N 246 
ILE CA  CB   sing N N 247 
ILE CA  HA   sing N N 248 
ILE C   O    doub N N 249 
ILE C   OXT  sing N N 250 
ILE CB  CG1  sing N N 251 
ILE CB  CG2  sing N N 252 
ILE CB  HB   sing N N 253 
ILE CG1 CD1  sing N N 254 
ILE CG1 HG12 sing N N 255 
ILE CG1 HG13 sing N N 256 
ILE CG2 HG21 sing N N 257 
ILE CG2 HG22 sing N N 258 
ILE CG2 HG23 sing N N 259 
ILE CD1 HD11 sing N N 260 
ILE CD1 HD12 sing N N 261 
ILE CD1 HD13 sing N N 262 
ILE OXT HXT  sing N N 263 
LEU N   CA   sing N N 264 
LEU N   H    sing N N 265 
LEU N   H2   sing N N 266 
LEU CA  C    sing N N 267 
LEU CA  CB   sing N N 268 
LEU CA  HA   sing N N 269 
LEU C   O    doub N N 270 
LEU C   OXT  sing N N 271 
LEU CB  CG   sing N N 272 
LEU CB  HB2  sing N N 273 
LEU CB  HB3  sing N N 274 
LEU CG  CD1  sing N N 275 
LEU CG  CD2  sing N N 276 
LEU CG  HG   sing N N 277 
LEU CD1 HD11 sing N N 278 
LEU CD1 HD12 sing N N 279 
LEU CD1 HD13 sing N N 280 
LEU CD2 HD21 sing N N 281 
LEU CD2 HD22 sing N N 282 
LEU CD2 HD23 sing N N 283 
LEU OXT HXT  sing N N 284 
LYS N   CA   sing N N 285 
LYS N   H    sing N N 286 
LYS N   H2   sing N N 287 
LYS CA  C    sing N N 288 
LYS CA  CB   sing N N 289 
LYS CA  HA   sing N N 290 
LYS C   O    doub N N 291 
LYS C   OXT  sing N N 292 
LYS CB  CG   sing N N 293 
LYS CB  HB2  sing N N 294 
LYS CB  HB3  sing N N 295 
LYS CG  CD   sing N N 296 
LYS CG  HG2  sing N N 297 
LYS CG  HG3  sing N N 298 
LYS CD  CE   sing N N 299 
LYS CD  HD2  sing N N 300 
LYS CD  HD3  sing N N 301 
LYS CE  NZ   sing N N 302 
LYS CE  HE2  sing N N 303 
LYS CE  HE3  sing N N 304 
LYS NZ  HZ1  sing N N 305 
LYS NZ  HZ2  sing N N 306 
LYS NZ  HZ3  sing N N 307 
LYS OXT HXT  sing N N 308 
MET N   CA   sing N N 309 
MET N   H    sing N N 310 
MET N   H2   sing N N 311 
MET CA  C    sing N N 312 
MET CA  CB   sing N N 313 
MET CA  HA   sing N N 314 
MET C   O    doub N N 315 
MET C   OXT  sing N N 316 
MET CB  CG   sing N N 317 
MET CB  HB2  sing N N 318 
MET CB  HB3  sing N N 319 
MET CG  SD   sing N N 320 
MET CG  HG2  sing N N 321 
MET CG  HG3  sing N N 322 
MET SD  CE   sing N N 323 
MET CE  HE1  sing N N 324 
MET CE  HE2  sing N N 325 
MET CE  HE3  sing N N 326 
MET OXT HXT  sing N N 327 
PHE N   CA   sing N N 328 
PHE N   H    sing N N 329 
PHE N   H2   sing N N 330 
PHE CA  C    sing N N 331 
PHE CA  CB   sing N N 332 
PHE CA  HA   sing N N 333 
PHE C   O    doub N N 334 
PHE C   OXT  sing N N 335 
PHE CB  CG   sing N N 336 
PHE CB  HB2  sing N N 337 
PHE CB  HB3  sing N N 338 
PHE CG  CD1  doub Y N 339 
PHE CG  CD2  sing Y N 340 
PHE CD1 CE1  sing Y N 341 
PHE CD1 HD1  sing N N 342 
PHE CD2 CE2  doub Y N 343 
PHE CD2 HD2  sing N N 344 
PHE CE1 CZ   doub Y N 345 
PHE CE1 HE1  sing N N 346 
PHE CE2 CZ   sing Y N 347 
PHE CE2 HE2  sing N N 348 
PHE CZ  HZ   sing N N 349 
PHE OXT HXT  sing N N 350 
PRO N   CA   sing N N 351 
PRO N   CD   sing N N 352 
PRO N   H    sing N N 353 
PRO CA  C    sing N N 354 
PRO CA  CB   sing N N 355 
PRO CA  HA   sing N N 356 
PRO C   O    doub N N 357 
PRO C   OXT  sing N N 358 
PRO CB  CG   sing N N 359 
PRO CB  HB2  sing N N 360 
PRO CB  HB3  sing N N 361 
PRO CG  CD   sing N N 362 
PRO CG  HG2  sing N N 363 
PRO CG  HG3  sing N N 364 
PRO CD  HD2  sing N N 365 
PRO CD  HD3  sing N N 366 
PRO OXT HXT  sing N N 367 
SER N   CA   sing N N 368 
SER N   H    sing N N 369 
SER N   H2   sing N N 370 
SER CA  C    sing N N 371 
SER CA  CB   sing N N 372 
SER CA  HA   sing N N 373 
SER C   O    doub N N 374 
SER C   OXT  sing N N 375 
SER CB  OG   sing N N 376 
SER CB  HB2  sing N N 377 
SER CB  HB3  sing N N 378 
SER OG  HG   sing N N 379 
SER OXT HXT  sing N N 380 
THR N   CA   sing N N 381 
THR N   H    sing N N 382 
THR N   H2   sing N N 383 
THR CA  C    sing N N 384 
THR CA  CB   sing N N 385 
THR CA  HA   sing N N 386 
THR C   O    doub N N 387 
THR C   OXT  sing N N 388 
THR CB  OG1  sing N N 389 
THR CB  CG2  sing N N 390 
THR CB  HB   sing N N 391 
THR OG1 HG1  sing N N 392 
THR CG2 HG21 sing N N 393 
THR CG2 HG22 sing N N 394 
THR CG2 HG23 sing N N 395 
THR OXT HXT  sing N N 396 
TRP N   CA   sing N N 397 
TRP N   H    sing N N 398 
TRP N   H2   sing N N 399 
TRP CA  C    sing N N 400 
TRP CA  CB   sing N N 401 
TRP CA  HA   sing N N 402 
TRP C   O    doub N N 403 
TRP C   OXT  sing N N 404 
TRP CB  CG   sing N N 405 
TRP CB  HB2  sing N N 406 
TRP CB  HB3  sing N N 407 
TRP CG  CD1  doub Y N 408 
TRP CG  CD2  sing Y N 409 
TRP CD1 NE1  sing Y N 410 
TRP CD1 HD1  sing N N 411 
TRP CD2 CE2  doub Y N 412 
TRP CD2 CE3  sing Y N 413 
TRP NE1 CE2  sing Y N 414 
TRP NE1 HE1  sing N N 415 
TRP CE2 CZ2  sing Y N 416 
TRP CE3 CZ3  doub Y N 417 
TRP CE3 HE3  sing N N 418 
TRP CZ2 CH2  doub Y N 419 
TRP CZ2 HZ2  sing N N 420 
TRP CZ3 CH2  sing Y N 421 
TRP CZ3 HZ3  sing N N 422 
TRP CH2 HH2  sing N N 423 
TRP OXT HXT  sing N N 424 
TYR N   CA   sing N N 425 
TYR N   H    sing N N 426 
TYR N   H2   sing N N 427 
TYR CA  C    sing N N 428 
TYR CA  CB   sing N N 429 
TYR CA  HA   sing N N 430 
TYR C   O    doub N N 431 
TYR C   OXT  sing N N 432 
TYR CB  CG   sing N N 433 
TYR CB  HB2  sing N N 434 
TYR CB  HB3  sing N N 435 
TYR CG  CD1  doub Y N 436 
TYR CG  CD2  sing Y N 437 
TYR CD1 CE1  sing Y N 438 
TYR CD1 HD1  sing N N 439 
TYR CD2 CE2  doub Y N 440 
TYR CD2 HD2  sing N N 441 
TYR CE1 CZ   doub Y N 442 
TYR CE1 HE1  sing N N 443 
TYR CE2 CZ   sing Y N 444 
TYR CE2 HE2  sing N N 445 
TYR CZ  OH   sing N N 446 
TYR OH  HH   sing N N 447 
TYR OXT HXT  sing N N 448 
VAL N   CA   sing N N 449 
VAL N   H    sing N N 450 
VAL N   H2   sing N N 451 
VAL CA  C    sing N N 452 
VAL CA  CB   sing N N 453 
VAL CA  HA   sing N N 454 
VAL C   O    doub N N 455 
VAL C   OXT  sing N N 456 
VAL CB  CG1  sing N N 457 
VAL CB  CG2  sing N N 458 
VAL CB  HB   sing N N 459 
VAL CG1 HG11 sing N N 460 
VAL CG1 HG12 sing N N 461 
VAL CG1 HG13 sing N N 462 
VAL CG2 HG21 sing N N 463 
VAL CG2 HG22 sing N N 464 
VAL CG2 HG23 sing N N 465 
VAL OXT HXT  sing N N 466 
# 
loop_
_pdbx_entity_nonpoly.entity_id 
_pdbx_entity_nonpoly.name 
_pdbx_entity_nonpoly.comp_id 
2 
'(3R,3AS,6AR)-HEXAHYDROFURO[2,3-B]FURAN-3-YL(1S,2R)-3-[[(4-AMINOPHENYL)SULFONYL](ISOBUTYL)AMINO]-1-BENZYL-2-HYDROXYPROPYLCARBAMATE' 
017 
3 GLYCEROL GOL 
4 water HOH 
# 
_pdbx_initial_refinement_model.id               1 
_pdbx_initial_refinement_model.entity_id_list   ? 
_pdbx_initial_refinement_model.type             'experimental model' 
_pdbx_initial_refinement_model.source_name      PDB 
_pdbx_initial_refinement_model.accession_code   3UF3 
_pdbx_initial_refinement_model.details          'PDB entry 3UF3' 
# 
